data_6UD8
#
_entry.id   6UD8
#
_cell.length_a   1.00
_cell.length_b   1.00
_cell.length_c   1.00
_cell.angle_alpha   90.00
_cell.angle_beta   90.00
_cell.angle_gamma   90.00
#
_symmetry.space_group_name_H-M   'P 1'
#
loop_
_entity.id
_entity.type
_entity.pdbx_description
1 polymer 'Glutamate receptor 2'
2 polymer 'Protein cornichon homolog 3'
3 non-polymer '(2R)-2,3-dihydroxypropyl (9Z)-octadec-9-enoate'
4 non-polymer '{[7-morpholin-4-yl-2,3-dioxo-6-(trifluoromethyl)-3,4-dihydroquinoxalin-1(2H)-yl]methyl}phosphonic acid'
5 non-polymer CHOLESTEROL
#
loop_
_entity_poly.entity_id
_entity_poly.type
_entity_poly.pdbx_seq_one_letter_code
_entity_poly.pdbx_strand_id
1 'polypeptide(L)'
;MQKIMHISVLLSPVLWGLIFGVSSNSIQIGGLFPRGADQEYSAFRVGMVQFSTSEFRLTPHIDNLEVANSFAVTNAFCSQ
FSRGVYAIFGFYDKKSVNTITSFCGTLHVSFITPSFPTDGTHPFVIQMRPDLKGALLSLIEYYQWDKFAYLYDSDRGLST
LQAVLDSAAEKKWQVTAINVGNINNDKKDETYRSLFQDLELKKERRVILDCERDKVNDIVDQVITIGKHVKGYHYIIANL
GFTDGDLLKIQFGGANVSGFQIVDYDDSLVSKFIERWSTLEEKEYPGAHTATIKYTSALTYDAVQVMTEAFRNLRKQRIE
ISRRGNAGDCLANPAVPWGQGVEIERALKQVQVEGLSGNIKFDQNGKRINYTINIMELKTNGPRKIGYWSEVDKMVVTLT
ELPSGNDTSGLENKTVVVTTILESPYVMMKKNHEMLEGNERYEGYCVDLAAEIAKHCGFKYKLTIVGDGKYGARDADTKI
WNGMVGELVYGKADIAIAPLTITLVREEVIDFSKPFMSLGISIMIKKPQKSKPGVFSFLDPLAYEIWMCIVFAYIGVSVV
LFLVSRFSPYEWHTEEFEDGRETQSSESTNEFGIFNSLWFSLGAFMRQGCDISPRSLSGRIVGGVWWFFTLIIISSYTAN
LAAFLTVERMVSPIESAEDLSKQTEIAYGTLDSGSTKEFFRRSKIAVFDKMWTYMRSAEPSVFVRTTAEGVARVRKSKGK
YAYLLESTMNEYIEQRKPCDTMKVGGNLDSKGYGIATPKGSSLGNAVNLAVLKLNEQGLLDKLKNKWWYDKGECGSGGGD
SKEKTSALSLSNVAGVFYILVGGLGLAMLVALIEFCYKSRAEAKRMKVAKNPQNINPSSSQNSQNFATDYKDDDDKEGYN
VYGIESVKI
;
A,B,C,D
2 'polypeptide(L)'
;MAFTFAAFCYMLSLVLCAALIFFAIWHIIAFDELRTDFKSPIDQCNPVHARERLRNIERICFLLRKLVLPEYSIHSLFCI
MFLCAQEWLTLGLNVPLLFYHFWRYFHCPADSSELAYDPPVVMNADTLSYCQKEAWCKLAFYLLSFFYYLYCMIYTLVSS
GGRGGTETSQVAPA
;
E,F,G,H
#
loop_
_chem_comp.id
_chem_comp.type
_chem_comp.name
_chem_comp.formula
CLR non-polymer CHOLESTEROL 'C27 H46 O'
OLC non-polymer '(2R)-2,3-dihydroxypropyl (9Z)-octadec-9-enoate' 'C21 H40 O4'
ZK1 non-polymer '{[7-morpholin-4-yl-2,3-dioxo-6-(trifluoromethyl)-3,4-dihydroquinoxalin-1(2H)-yl]methyl}phosphonic acid' 'C14 H15 F3 N3 O6 P'
#
# COMPACT_ATOMS: atom_id res chain seq x y z
CA THR A 415 -4.16 -27.07 65.03
C THR A 415 -4.07 -27.57 63.59
N VAL A 416 -4.21 -26.66 62.63
CA VAL A 416 -4.23 -26.99 61.22
C VAL A 416 -2.93 -26.49 60.60
N VAL A 417 -2.09 -27.42 60.15
CA VAL A 417 -0.86 -27.05 59.46
C VAL A 417 -1.21 -26.58 58.05
N VAL A 418 -0.47 -25.57 57.57
CA VAL A 418 -0.70 -25.07 56.22
C VAL A 418 0.64 -24.81 55.55
N THR A 419 1.06 -25.73 54.68
CA THR A 419 2.31 -25.58 53.95
C THR A 419 2.07 -24.78 52.68
N THR A 420 3.00 -23.89 52.36
CA THR A 420 2.87 -23.00 51.23
C THR A 420 4.23 -22.86 50.55
N ILE A 421 4.34 -21.87 49.67
CA ILE A 421 5.57 -21.61 48.94
C ILE A 421 5.69 -20.11 48.74
N LEU A 422 6.93 -19.64 48.54
CA LEU A 422 7.21 -18.22 48.39
C LEU A 422 7.22 -17.88 46.91
N GLU A 423 6.07 -17.41 46.41
CA GLU A 423 5.94 -16.96 45.03
C GLU A 423 5.07 -15.71 45.03
N SER A 424 5.59 -14.65 44.48
CA SER A 424 4.85 -13.41 44.54
C SER A 424 3.84 -13.33 43.39
N PRO A 425 2.70 -12.66 43.60
CA PRO A 425 2.28 -12.00 44.83
C PRO A 425 1.46 -12.91 45.75
N TYR A 426 1.36 -14.19 45.39
CA TYR A 426 0.54 -15.11 46.17
C TYR A 426 0.96 -15.13 47.63
N VAL A 427 2.27 -15.24 47.87
CA VAL A 427 2.82 -15.23 49.23
C VAL A 427 4.16 -14.54 49.20
N MET A 428 4.40 -13.70 50.21
CA MET A 428 5.62 -12.92 50.28
C MET A 428 5.94 -12.66 51.74
N MET A 429 7.08 -12.00 51.98
CA MET A 429 7.49 -11.58 53.31
C MET A 429 7.13 -10.12 53.50
N LYS A 430 6.58 -9.80 54.67
CA LYS A 430 6.25 -8.42 54.98
C LYS A 430 7.51 -7.56 54.93
N LYS A 431 7.29 -6.24 54.94
CA LYS A 431 8.41 -5.29 54.90
C LYS A 431 9.47 -5.66 55.93
N ASN A 432 9.04 -5.91 57.18
CA ASN A 432 9.92 -6.33 58.26
C ASN A 432 9.36 -7.64 58.83
N HIS A 433 9.74 -8.76 58.22
CA HIS A 433 9.27 -10.05 58.69
C HIS A 433 10.04 -10.53 59.92
N GLU A 434 11.31 -10.16 60.04
CA GLU A 434 12.08 -10.54 61.21
C GLU A 434 11.54 -9.88 62.48
N MET A 435 10.90 -8.72 62.33
CA MET A 435 10.32 -8.02 63.47
C MET A 435 8.98 -8.61 63.90
N LEU A 436 8.49 -9.63 63.20
CA LEU A 436 7.20 -10.24 63.50
C LEU A 436 7.39 -11.75 63.64
N GLU A 437 6.47 -12.36 64.40
CA GLU A 437 6.51 -13.80 64.65
C GLU A 437 5.09 -14.34 64.61
N GLY A 438 4.75 -15.03 63.53
CA GLY A 438 3.45 -15.62 63.35
C GLY A 438 2.99 -15.44 61.92
N ASN A 439 1.70 -15.75 61.70
CA ASN A 439 1.13 -15.59 60.38
C ASN A 439 1.21 -14.15 59.88
N GLU A 440 1.29 -13.17 60.79
CA GLU A 440 1.45 -11.79 60.39
C GLU A 440 2.73 -11.56 59.61
N ARG A 441 3.68 -12.49 59.67
CA ARG A 441 4.93 -12.34 58.93
C ARG A 441 4.67 -12.20 57.44
N TYR A 442 3.97 -13.16 56.86
CA TYR A 442 3.76 -13.20 55.43
C TYR A 442 2.56 -12.33 55.04
N GLU A 443 2.37 -12.18 53.72
CA GLU A 443 1.25 -11.43 53.18
C GLU A 443 1.12 -11.79 51.70
N GLY A 444 -0.11 -11.85 51.23
CA GLY A 444 -0.34 -12.16 49.83
C GLY A 444 -1.75 -12.66 49.61
N TYR A 445 -2.05 -12.87 48.32
CA TYR A 445 -3.35 -13.42 47.92
C TYR A 445 -3.69 -14.66 48.74
N CYS A 446 -2.80 -15.65 48.74
CA CYS A 446 -3.08 -16.88 49.45
C CYS A 446 -3.28 -16.64 50.94
N VAL A 447 -2.67 -15.59 51.49
CA VAL A 447 -2.81 -15.33 52.91
C VAL A 447 -4.25 -14.92 53.22
N ASP A 448 -4.78 -13.94 52.49
CA ASP A 448 -6.17 -13.56 52.67
C ASP A 448 -7.10 -14.70 52.32
N LEU A 449 -6.70 -15.56 51.38
CA LEU A 449 -7.51 -16.71 51.04
C LEU A 449 -7.64 -17.66 52.22
N ALA A 450 -6.51 -17.97 52.86
CA ALA A 450 -6.54 -18.82 54.05
C ALA A 450 -7.33 -18.15 55.17
N ALA A 451 -7.21 -16.84 55.29
CA ALA A 451 -8.00 -16.11 56.28
C ALA A 451 -9.48 -16.33 56.06
N GLU A 452 -9.92 -16.19 54.80
CA GLU A 452 -11.33 -16.38 54.49
C GLU A 452 -11.76 -17.83 54.73
N ILE A 453 -10.90 -18.77 54.39
CA ILE A 453 -11.23 -20.18 54.60
C ILE A 453 -11.41 -20.46 56.09
N ALA A 454 -10.52 -19.94 56.91
CA ALA A 454 -10.66 -20.10 58.35
C ALA A 454 -11.94 -19.44 58.86
N LYS A 455 -12.21 -18.22 58.40
CA LYS A 455 -13.42 -17.52 58.81
C LYS A 455 -14.67 -18.31 58.43
N HIS A 456 -14.61 -19.06 57.33
CA HIS A 456 -15.76 -19.87 56.91
C HIS A 456 -15.88 -21.12 57.75
N CYS A 457 -14.85 -21.97 57.73
CA CYS A 457 -14.87 -23.22 58.48
C CYS A 457 -14.62 -23.03 59.97
N GLY A 458 -14.14 -21.85 60.38
CA GLY A 458 -13.93 -21.59 61.79
C GLY A 458 -12.86 -22.44 62.41
N PHE A 459 -11.60 -22.24 62.01
CA PHE A 459 -10.49 -22.99 62.57
C PHE A 459 -9.25 -22.12 62.61
N LYS A 460 -8.37 -22.40 63.56
CA LYS A 460 -7.08 -21.74 63.66
C LYS A 460 -6.02 -22.58 62.97
N TYR A 461 -5.05 -21.90 62.35
CA TYR A 461 -4.05 -22.57 61.53
C TYR A 461 -2.67 -21.99 61.81
N LYS A 462 -1.66 -22.71 61.35
CA LYS A 462 -0.26 -22.32 61.48
C LYS A 462 0.41 -22.50 60.13
N LEU A 463 1.05 -21.44 59.64
CA LEU A 463 1.65 -21.43 58.32
C LEU A 463 3.06 -21.99 58.36
N THR A 464 3.47 -22.59 57.25
CA THR A 464 4.80 -23.17 57.10
C THR A 464 5.21 -23.07 55.64
N ILE A 465 6.52 -23.11 55.42
CA ILE A 465 7.08 -23.08 54.07
C ILE A 465 7.69 -24.43 53.77
N VAL A 466 7.73 -24.77 52.48
CA VAL A 466 8.34 -26.01 52.03
C VAL A 466 9.85 -25.80 51.90
N GLY A 467 10.61 -26.79 52.37
CA GLY A 467 12.06 -26.88 52.34
C GLY A 467 12.59 -27.05 50.93
N ASP A 468 12.05 -28.02 50.20
CA ASP A 468 12.50 -28.29 48.84
C ASP A 468 12.22 -27.13 47.88
N GLY A 469 11.41 -26.17 48.29
CA GLY A 469 11.07 -25.06 47.41
C GLY A 469 10.39 -25.48 46.13
N LYS A 470 9.90 -26.72 46.06
CA LYS A 470 9.21 -27.23 44.90
C LYS A 470 7.77 -27.57 45.27
N TYR A 471 6.89 -27.49 44.28
CA TYR A 471 5.48 -27.77 44.52
C TYR A 471 5.26 -29.25 44.81
N GLY A 472 5.72 -30.11 43.89
CA GLY A 472 5.59 -31.54 44.09
C GLY A 472 5.73 -32.32 42.79
N ALA A 473 6.39 -33.47 42.86
CA ALA A 473 6.60 -34.31 41.68
C ALA A 473 7.27 -35.59 42.16
N ARG A 474 7.24 -36.60 41.30
CA ARG A 474 7.83 -37.90 41.58
C ARG A 474 9.15 -38.04 40.85
N ASP A 475 10.09 -38.75 41.48
CA ASP A 475 11.39 -39.03 40.88
C ASP A 475 11.37 -40.44 40.28
N ALA A 476 11.77 -40.55 39.02
CA ALA A 476 11.73 -41.82 38.31
C ALA A 476 12.50 -42.92 39.05
N ASP A 477 13.44 -42.55 39.90
CA ASP A 477 14.25 -43.52 40.63
C ASP A 477 13.73 -43.79 42.05
N THR A 478 13.24 -42.75 42.73
CA THR A 478 12.76 -42.93 44.10
C THR A 478 11.28 -43.30 44.14
N LYS A 479 10.47 -42.79 43.22
CA LYS A 479 9.02 -42.97 43.27
C LYS A 479 8.46 -42.39 44.57
N ILE A 480 8.87 -41.16 44.87
CA ILE A 480 8.55 -40.49 46.12
C ILE A 480 8.21 -39.05 45.80
N TRP A 481 6.97 -38.65 46.03
CA TRP A 481 6.57 -37.27 45.83
C TRP A 481 7.45 -36.34 46.66
N ASN A 482 7.57 -35.10 46.21
CA ASN A 482 8.34 -34.09 46.93
C ASN A 482 7.49 -32.85 47.15
N GLY A 483 8.11 -31.79 47.68
CA GLY A 483 7.38 -30.56 47.86
C GLY A 483 6.19 -30.73 48.80
N MET A 484 5.29 -29.75 48.71
CA MET A 484 4.11 -29.76 49.56
C MET A 484 3.24 -30.97 49.30
N VAL A 485 3.27 -31.50 48.07
CA VAL A 485 2.57 -32.73 47.77
C VAL A 485 3.05 -33.84 48.70
N GLY A 486 4.37 -34.04 48.78
CA GLY A 486 4.90 -35.02 49.70
C GLY A 486 4.63 -34.67 51.15
N GLU A 487 4.67 -33.38 51.48
CA GLU A 487 4.34 -32.96 52.84
C GLU A 487 2.97 -33.44 53.24
N LEU A 488 2.00 -33.36 52.33
CA LEU A 488 0.64 -33.80 52.62
C LEU A 488 0.57 -35.32 52.63
N VAL A 489 1.10 -35.96 51.59
CA VAL A 489 1.02 -37.42 51.50
C VAL A 489 1.71 -38.06 52.69
N TYR A 490 2.81 -37.46 53.13
CA TYR A 490 3.62 -38.02 54.21
C TYR A 490 3.31 -37.39 55.57
N GLY A 491 2.10 -36.85 55.73
CA GLY A 491 1.67 -36.31 57.00
C GLY A 491 2.41 -35.07 57.46
N LYS A 492 3.43 -34.62 56.73
CA LYS A 492 4.17 -33.43 57.12
C LYS A 492 3.35 -32.16 57.03
N ALA A 493 2.13 -32.24 56.48
CA ALA A 493 1.29 -31.06 56.31
C ALA A 493 -0.17 -31.49 56.31
N ASP A 494 -1.03 -30.60 56.80
CA ASP A 494 -2.46 -30.87 56.85
C ASP A 494 -3.21 -30.37 55.62
N ILE A 495 -2.73 -29.30 54.99
CA ILE A 495 -3.39 -28.73 53.82
C ILE A 495 -2.39 -27.84 53.10
N ALA A 496 -2.65 -27.58 51.84
CA ALA A 496 -1.78 -26.74 51.01
C ALA A 496 -2.61 -25.64 50.38
N ILE A 497 -2.12 -24.40 50.50
CA ILE A 497 -2.78 -23.23 49.91
C ILE A 497 -1.70 -22.52 49.09
N ALA A 498 -1.61 -22.86 47.81
CA ALA A 498 -0.59 -22.29 46.94
C ALA A 498 -1.06 -22.44 45.50
N PRO A 499 -0.38 -21.80 44.56
CA PRO A 499 -0.72 -21.99 43.15
C PRO A 499 -0.36 -23.38 42.65
N LEU A 500 -0.91 -24.40 43.29
CA LEU A 500 -0.59 -25.79 42.96
C LEU A 500 -1.41 -26.18 41.75
N THR A 501 -0.77 -26.20 40.58
CA THR A 501 -1.45 -26.57 39.36
C THR A 501 -2.13 -27.92 39.50
N ILE A 502 -3.32 -28.02 38.93
CA ILE A 502 -4.07 -29.28 38.96
C ILE A 502 -3.57 -30.18 37.84
N THR A 503 -3.31 -31.43 38.18
CA THR A 503 -2.84 -32.42 37.22
C THR A 503 -3.48 -33.76 37.53
N LEU A 504 -3.36 -34.68 36.57
CA LEU A 504 -3.92 -36.01 36.77
C LEU A 504 -3.09 -36.82 37.76
N VAL A 505 -1.77 -36.74 37.66
CA VAL A 505 -0.91 -37.48 38.58
C VAL A 505 -1.15 -37.03 40.01
N ARG A 506 -1.33 -35.73 40.22
CA ARG A 506 -1.58 -35.21 41.55
C ARG A 506 -3.00 -35.50 42.03
N GLU A 507 -3.95 -35.59 41.10
CA GLU A 507 -5.31 -35.93 41.49
C GLU A 507 -5.41 -37.35 42.03
N GLU A 508 -4.42 -38.20 41.76
CA GLU A 508 -4.44 -39.59 42.17
C GLU A 508 -3.98 -39.80 43.60
N VAL A 509 -3.59 -38.75 44.31
CA VAL A 509 -2.99 -38.90 45.64
C VAL A 509 -3.63 -37.95 46.65
N ILE A 510 -4.40 -36.97 46.17
CA ILE A 510 -5.03 -35.98 47.02
C ILE A 510 -6.41 -35.65 46.46
N ASP A 511 -7.10 -34.73 47.12
CA ASP A 511 -8.44 -34.27 46.74
C ASP A 511 -8.34 -32.78 46.43
N PHE A 512 -8.03 -32.46 45.18
CA PHE A 512 -7.96 -31.06 44.78
C PHE A 512 -9.33 -30.40 44.90
N SER A 513 -9.35 -29.24 45.53
CA SER A 513 -10.58 -28.46 45.58
C SER A 513 -10.88 -27.90 44.20
N LYS A 514 -11.98 -27.17 44.10
CA LYS A 514 -12.35 -26.58 42.83
C LYS A 514 -11.46 -25.37 42.54
N PRO A 515 -11.33 -25.00 41.27
CA PRO A 515 -10.35 -23.98 40.89
C PRO A 515 -10.75 -22.60 41.44
N PHE A 516 -9.93 -22.08 42.34
CA PHE A 516 -10.11 -20.72 42.82
C PHE A 516 -9.54 -19.69 41.87
N MET A 517 -8.86 -20.12 40.81
CA MET A 517 -8.31 -19.20 39.83
C MET A 517 -8.02 -19.97 38.55
N SER A 518 -8.73 -19.63 37.48
CA SER A 518 -8.47 -20.21 36.17
C SER A 518 -7.40 -19.39 35.47
N LEU A 519 -6.66 -20.04 34.58
CA LEU A 519 -5.51 -19.42 33.94
C LEU A 519 -5.05 -20.29 32.78
N GLY A 520 -3.93 -19.89 32.18
CA GLY A 520 -3.38 -20.64 31.07
C GLY A 520 -2.09 -20.02 30.60
N ILE A 521 -1.54 -20.60 29.54
CA ILE A 521 -0.31 -20.11 28.94
C ILE A 521 -0.61 -18.83 28.16
N SER A 522 0.32 -17.89 28.19
CA SER A 522 0.15 -16.59 27.55
C SER A 522 1.43 -16.21 26.84
N ILE A 523 1.43 -14.99 26.30
CA ILE A 523 2.58 -14.43 25.60
C ILE A 523 2.98 -13.14 26.28
N MET A 524 4.26 -12.79 26.14
CA MET A 524 4.79 -11.53 26.65
C MET A 524 5.69 -10.91 25.61
N ILE A 525 5.59 -9.59 25.46
CA ILE A 525 6.38 -8.84 24.49
C ILE A 525 6.75 -7.49 25.09
N LYS A 526 7.61 -6.77 24.38
CA LYS A 526 8.04 -5.45 24.82
C LYS A 526 6.93 -4.43 24.60
N LYS A 527 6.71 -3.59 25.60
CA LYS A 527 5.73 -2.52 25.47
C LYS A 527 6.21 -1.55 24.39
N PRO A 528 5.50 -1.39 23.28
CA PRO A 528 5.98 -0.52 22.20
C PRO A 528 5.69 0.94 22.50
N GLN A 529 6.75 1.73 22.66
CA GLN A 529 6.63 3.18 22.83
C GLN A 529 7.65 3.92 21.96
N LYS A 530 8.19 3.26 20.94
CA LYS A 530 9.22 3.84 20.09
C LYS A 530 8.57 4.89 19.18
N SER A 531 8.40 6.08 19.73
CA SER A 531 7.78 7.21 19.03
C SER A 531 8.62 8.47 19.21
N LYS A 532 9.93 8.33 19.05
CA LYS A 532 10.85 9.45 19.14
C LYS A 532 11.41 9.74 17.75
N PRO A 533 10.67 10.47 16.91
CA PRO A 533 11.14 10.72 15.53
C PRO A 533 12.20 11.80 15.49
N GLY A 534 13.15 11.62 14.57
CA GLY A 534 14.17 12.62 14.36
C GLY A 534 13.57 13.94 13.90
N VAL A 535 14.40 14.97 13.99
CA VAL A 535 13.95 16.31 13.59
C VAL A 535 13.82 16.39 12.08
N PHE A 536 14.79 15.84 11.36
CA PHE A 536 14.82 15.84 9.89
C PHE A 536 14.44 14.49 9.33
N SER A 537 13.48 13.82 9.97
CA SER A 537 13.03 12.52 9.48
C SER A 537 12.45 12.61 8.08
N PHE A 538 11.87 13.76 7.73
CA PHE A 538 11.25 13.92 6.42
C PHE A 538 12.24 13.84 5.27
N LEU A 539 13.55 13.86 5.56
CA LEU A 539 14.57 13.67 4.55
C LEU A 539 14.95 12.20 4.37
N ASP A 540 14.40 11.31 5.18
CA ASP A 540 14.74 9.90 5.05
C ASP A 540 14.29 9.27 3.74
N PRO A 541 13.19 9.68 3.11
CA PRO A 541 12.77 9.03 1.85
C PRO A 541 13.86 8.98 0.80
N LEU A 542 14.79 9.94 0.80
CA LEU A 542 15.88 9.93 -0.16
C LEU A 542 17.06 10.69 0.42
N ALA A 543 18.25 10.29 0.00
CA ALA A 543 19.48 10.71 0.67
C ALA A 543 19.75 12.20 0.46
N TYR A 544 20.61 12.73 1.34
CA TYR A 544 21.08 14.10 1.17
C TYR A 544 21.74 14.28 -0.19
N GLU A 545 22.32 13.20 -0.73
CA GLU A 545 22.94 13.24 -2.04
C GLU A 545 22.00 13.80 -3.10
N ILE A 546 20.70 13.73 -2.88
CA ILE A 546 19.73 14.22 -3.85
C ILE A 546 19.22 15.58 -3.42
N TRP A 547 19.13 15.80 -2.11
CA TRP A 547 18.66 17.10 -1.63
C TRP A 547 19.63 18.20 -2.03
N MET A 548 20.93 17.95 -1.92
CA MET A 548 21.90 18.96 -2.31
C MET A 548 21.83 19.21 -3.81
N CYS A 549 21.70 18.16 -4.61
CA CYS A 549 21.51 18.34 -6.04
C CYS A 549 20.29 19.21 -6.32
N ILE A 550 19.19 18.97 -5.59
CA ILE A 550 17.97 19.74 -5.82
C ILE A 550 18.20 21.21 -5.52
N VAL A 551 18.83 21.49 -4.37
CA VAL A 551 19.08 22.88 -3.99
C VAL A 551 19.93 23.57 -5.04
N PHE A 552 21.04 22.93 -5.42
CA PHE A 552 21.94 23.57 -6.38
C PHE A 552 21.30 23.69 -7.75
N ALA A 553 20.40 22.77 -8.10
CA ALA A 553 19.66 22.91 -9.34
C ALA A 553 18.74 24.12 -9.30
N TYR A 554 18.05 24.31 -8.18
CA TYR A 554 17.22 25.49 -8.02
C TYR A 554 18.03 26.76 -8.22
N ILE A 555 19.19 26.86 -7.54
CA ILE A 555 19.95 28.09 -7.62
C ILE A 555 20.54 28.26 -9.02
N GLY A 556 20.94 27.17 -9.67
CA GLY A 556 21.46 27.28 -11.01
C GLY A 556 20.42 27.74 -12.01
N VAL A 557 19.21 27.19 -11.90
CA VAL A 557 18.13 27.62 -12.78
C VAL A 557 17.79 29.09 -12.54
N SER A 558 17.80 29.52 -11.28
CA SER A 558 17.58 30.93 -10.99
C SER A 558 18.65 31.78 -11.64
N VAL A 559 19.92 31.37 -11.49
CA VAL A 559 21.02 32.12 -12.09
C VAL A 559 20.86 32.24 -13.58
N VAL A 560 20.46 31.15 -14.23
CA VAL A 560 20.41 31.13 -15.68
C VAL A 560 19.23 31.94 -16.19
N LEU A 561 18.07 31.84 -15.52
CA LEU A 561 16.96 32.72 -15.85
C LEU A 561 17.36 34.19 -15.70
N PHE A 562 18.13 34.49 -14.65
CA PHE A 562 18.61 35.85 -14.44
C PHE A 562 19.49 36.30 -15.59
N LEU A 563 20.49 35.50 -15.94
CA LEU A 563 21.37 35.83 -17.05
C LEU A 563 20.56 36.09 -18.32
N VAL A 564 19.66 35.16 -18.64
CA VAL A 564 18.87 35.28 -19.87
C VAL A 564 18.11 36.59 -19.87
N SER A 565 17.25 36.80 -18.87
CA SER A 565 16.47 38.02 -18.82
C SER A 565 17.32 39.26 -18.64
N ARG A 566 18.61 39.11 -18.35
CA ARG A 566 19.49 40.26 -18.20
C ARG A 566 20.11 40.69 -19.53
N PHE A 567 20.88 39.80 -20.16
CA PHE A 567 21.59 40.17 -21.38
C PHE A 567 20.77 39.93 -22.64
N SER A 568 19.48 39.68 -22.51
CA SER A 568 18.61 39.54 -23.67
C SER A 568 17.19 40.00 -23.32
N PRO A 569 17.00 41.28 -22.97
CA PRO A 569 15.67 41.79 -22.61
C PRO A 569 14.73 41.87 -23.80
N SER A 616 10.86 34.87 -23.54
CA SER A 616 11.58 34.54 -24.76
C SER A 616 11.53 33.05 -25.03
N LEU A 617 12.57 32.52 -25.68
CA LEU A 617 12.65 31.10 -25.98
C LEU A 617 13.41 30.34 -24.90
N SER A 618 14.64 30.78 -24.60
CA SER A 618 15.41 30.15 -23.53
C SER A 618 14.61 30.12 -22.25
N GLY A 619 13.92 31.21 -21.93
CA GLY A 619 13.07 31.22 -20.75
C GLY A 619 11.99 30.15 -20.82
N ARG A 620 11.34 30.03 -21.97
CA ARG A 620 10.28 29.03 -22.11
C ARG A 620 10.81 27.63 -21.89
N ILE A 621 11.97 27.32 -22.46
CA ILE A 621 12.45 25.94 -22.39
C ILE A 621 13.01 25.63 -21.01
N VAL A 622 13.64 26.60 -20.35
CA VAL A 622 14.08 26.36 -18.98
C VAL A 622 12.87 26.20 -18.07
N GLY A 623 11.81 26.97 -18.32
CA GLY A 623 10.59 26.78 -17.56
C GLY A 623 10.02 25.39 -17.75
N GLY A 624 10.01 24.90 -18.99
CA GLY A 624 9.49 23.58 -19.24
C GLY A 624 10.31 22.48 -18.58
N VAL A 625 11.63 22.58 -18.69
CA VAL A 625 12.49 21.55 -18.11
C VAL A 625 12.41 21.59 -16.60
N TRP A 626 12.30 22.78 -16.00
CA TRP A 626 12.15 22.89 -14.57
C TRP A 626 10.80 22.34 -14.12
N TRP A 627 9.76 22.58 -14.91
CA TRP A 627 8.46 21.98 -14.68
C TRP A 627 8.58 20.46 -14.60
N PHE A 628 9.19 19.86 -15.62
CA PHE A 628 9.40 18.41 -15.64
C PHE A 628 10.18 17.96 -14.41
N PHE A 629 11.27 18.66 -14.11
CA PHE A 629 12.14 18.25 -13.01
C PHE A 629 11.41 18.27 -11.69
N THR A 630 10.79 19.41 -11.35
CA THR A 630 10.08 19.51 -10.08
C THR A 630 8.93 18.53 -10.02
N LEU A 631 8.23 18.32 -11.13
CA LEU A 631 7.20 17.30 -11.20
C LEU A 631 7.74 15.97 -10.70
N ILE A 632 8.78 15.48 -11.37
CA ILE A 632 9.32 14.17 -11.04
C ILE A 632 9.81 14.14 -9.60
N ILE A 633 10.41 15.24 -9.14
CA ILE A 633 11.01 15.25 -7.81
C ILE A 633 9.93 15.13 -6.73
N ILE A 634 8.93 16.01 -6.80
CA ILE A 634 7.88 15.96 -5.78
C ILE A 634 7.15 14.63 -5.85
N SER A 635 6.93 14.12 -7.06
CA SER A 635 6.24 12.84 -7.18
C SER A 635 7.04 11.72 -6.53
N SER A 636 8.35 11.71 -6.76
CA SER A 636 9.19 10.67 -6.18
C SER A 636 9.21 10.75 -4.67
N TYR A 637 9.39 11.96 -4.13
CA TYR A 637 9.40 12.11 -2.68
C TYR A 637 8.08 11.66 -2.09
N THR A 638 6.97 12.11 -2.67
CA THR A 638 5.66 11.73 -2.18
C THR A 638 5.47 10.21 -2.22
N ALA A 639 5.91 9.58 -3.31
CA ALA A 639 5.70 8.14 -3.46
C ALA A 639 6.50 7.35 -2.44
N ASN A 640 7.78 7.70 -2.26
CA ASN A 640 8.58 6.97 -1.28
C ASN A 640 8.06 7.21 0.13
N LEU A 641 7.60 8.42 0.43
CA LEU A 641 7.03 8.68 1.74
C LEU A 641 5.77 7.87 1.96
N ALA A 642 4.93 7.76 0.91
CA ALA A 642 3.72 6.97 1.02
C ALA A 642 4.05 5.50 1.22
N ALA A 643 5.09 5.01 0.55
CA ALA A 643 5.53 3.64 0.77
C ALA A 643 5.92 3.44 2.23
N PHE A 644 6.76 4.33 2.76
CA PHE A 644 7.16 4.22 4.16
C PHE A 644 5.94 4.18 5.07
N LEU A 645 5.05 5.16 4.91
CA LEU A 645 3.88 5.27 5.78
C LEU A 645 3.03 4.01 5.70
N THR A 646 2.65 3.61 4.49
CA THR A 646 1.80 2.43 4.33
C THR A 646 2.43 1.20 4.95
N VAL A 647 3.68 0.92 4.59
CA VAL A 647 4.36 -0.26 5.13
C VAL A 647 4.34 -0.23 6.65
N GLU A 648 4.66 0.94 7.23
CA GLU A 648 4.61 1.05 8.68
C GLU A 648 3.20 0.93 9.23
N ARG A 649 2.19 1.06 8.38
CA ARG A 649 0.80 1.03 8.82
C ARG A 649 0.26 -0.39 8.88
N MET A 650 0.49 -1.19 7.84
CA MET A 650 -0.05 -2.54 7.77
C MET A 650 0.92 -3.55 8.37
N VAL A 651 1.16 -3.40 9.66
CA VAL A 651 1.98 -4.33 10.43
C VAL A 651 1.20 -4.63 11.71
N SER A 652 0.44 -5.72 11.69
CA SER A 652 -0.26 -6.15 12.89
C SER A 652 0.76 -6.81 13.81
N PRO A 653 1.07 -6.22 14.97
CA PRO A 653 2.15 -6.77 15.79
C PRO A 653 1.91 -8.23 16.16
N ILE A 654 0.81 -8.49 16.87
CA ILE A 654 0.43 -9.84 17.26
C ILE A 654 -1.04 -9.81 17.66
N GLU A 655 -1.71 -10.93 17.47
CA GLU A 655 -3.06 -11.11 17.98
C GLU A 655 -3.28 -12.48 18.61
N SER A 656 -2.37 -13.42 18.41
CA SER A 656 -2.49 -14.78 18.95
C SER A 656 -1.17 -15.48 18.70
N ALA A 657 -1.13 -16.76 19.05
CA ALA A 657 0.10 -17.54 18.83
C ALA A 657 0.34 -17.79 17.35
N GLU A 658 -0.73 -18.02 16.59
CA GLU A 658 -0.58 -18.27 15.15
C GLU A 658 0.18 -17.13 14.48
N ASP A 659 0.03 -15.91 14.98
CA ASP A 659 0.80 -14.79 14.44
C ASP A 659 2.29 -15.08 14.49
N LEU A 660 2.73 -15.89 15.44
CA LEU A 660 4.13 -16.29 15.54
C LEU A 660 4.43 -17.52 14.70
N SER A 661 3.49 -18.47 14.62
CA SER A 661 3.73 -19.68 13.84
C SER A 661 3.96 -19.36 12.37
N LYS A 662 3.25 -18.36 11.84
CA LYS A 662 3.35 -17.98 10.44
C LYS A 662 4.43 -16.94 10.19
N GLN A 663 5.37 -16.79 11.11
CA GLN A 663 6.45 -15.83 10.94
C GLN A 663 7.68 -16.33 11.70
N THR A 664 8.83 -15.74 11.39
CA THR A 664 10.07 -16.08 12.06
C THR A 664 10.93 -14.89 12.42
N GLU A 665 10.51 -13.66 12.07
CA GLU A 665 11.29 -12.49 12.44
C GLU A 665 11.39 -12.35 13.95
N ILE A 666 10.28 -12.52 14.65
CA ILE A 666 10.25 -12.46 16.11
C ILE A 666 10.38 -13.88 16.64
N ALA A 667 11.49 -14.16 17.30
CA ALA A 667 11.65 -15.46 17.95
C ALA A 667 10.76 -15.55 19.19
N TYR A 668 10.43 -16.77 19.57
CA TYR A 668 9.66 -17.01 20.78
C TYR A 668 10.25 -18.19 21.52
N GLY A 669 10.35 -18.07 22.84
CA GLY A 669 10.95 -19.10 23.65
C GLY A 669 10.19 -19.31 24.95
N THR A 670 10.55 -20.40 25.63
CA THR A 670 9.93 -20.74 26.90
C THR A 670 11.00 -21.01 27.95
N LEU A 671 10.59 -21.49 29.11
CA LEU A 671 11.54 -21.85 30.15
C LEU A 671 12.31 -23.10 29.74
N ASP A 672 13.44 -23.32 30.42
CA ASP A 672 14.28 -24.47 30.11
C ASP A 672 13.47 -25.76 30.14
N SER A 673 12.66 -25.94 31.18
CA SER A 673 11.86 -27.14 31.32
C SER A 673 10.68 -26.85 32.23
N GLY A 674 9.50 -27.32 31.83
CA GLY A 674 8.31 -27.11 32.62
C GLY A 674 7.10 -27.62 31.89
N SER A 675 5.96 -27.53 32.58
CA SER A 675 4.69 -27.97 32.00
C SER A 675 4.39 -27.23 30.71
N THR A 676 4.91 -26.01 30.55
CA THR A 676 4.73 -25.27 29.32
C THR A 676 5.29 -26.04 28.14
N LYS A 677 6.60 -26.33 28.19
CA LYS A 677 7.24 -27.09 27.11
C LYS A 677 6.55 -28.42 26.89
N GLU A 678 6.22 -29.13 27.98
CA GLU A 678 5.57 -30.42 27.85
C GLU A 678 4.25 -30.29 27.10
N PHE A 679 3.50 -29.23 27.37
CA PHE A 679 2.26 -28.99 26.62
C PHE A 679 2.57 -28.72 25.16
N PHE A 680 3.61 -27.92 24.89
CA PHE A 680 4.02 -27.70 23.51
C PHE A 680 4.39 -29.01 22.84
N ARG A 681 4.92 -29.96 23.59
CA ARG A 681 5.12 -31.31 23.10
C ARG A 681 3.84 -32.11 23.29
N ARG A 682 3.85 -33.35 22.79
CA ARG A 682 2.72 -34.25 22.91
C ARG A 682 1.41 -33.54 22.62
N SER A 683 1.44 -32.56 21.70
CA SER A 683 0.28 -31.76 21.36
C SER A 683 -0.13 -32.07 19.93
N LYS A 684 -1.36 -32.57 19.77
CA LYS A 684 -1.88 -32.83 18.43
C LYS A 684 -1.90 -31.56 17.59
N ILE A 685 -2.08 -30.41 18.23
CA ILE A 685 -2.34 -29.18 17.49
C ILE A 685 -1.23 -28.94 16.47
N ALA A 686 -1.64 -28.68 15.23
CA ALA A 686 -0.66 -28.40 14.18
C ALA A 686 0.08 -27.10 14.46
N VAL A 687 -0.62 -26.11 15.01
CA VAL A 687 0.01 -24.83 15.32
C VAL A 687 1.12 -25.02 16.35
N PHE A 688 0.76 -25.61 17.49
CA PHE A 688 1.76 -25.88 18.52
C PHE A 688 2.80 -26.87 18.05
N ASP A 689 2.42 -27.79 17.17
CA ASP A 689 3.40 -28.71 16.61
C ASP A 689 4.47 -27.95 15.82
N LYS A 690 4.04 -27.02 14.98
CA LYS A 690 4.98 -26.21 14.21
C LYS A 690 5.81 -25.33 15.12
N MET A 691 5.20 -24.78 16.17
CA MET A 691 5.93 -23.93 17.09
C MET A 691 7.01 -24.73 17.83
N TRP A 692 6.69 -25.96 18.22
CA TRP A 692 7.68 -26.81 18.86
C TRP A 692 8.77 -27.21 17.87
N THR A 693 8.40 -27.48 16.63
CA THR A 693 9.39 -27.74 15.59
C THR A 693 10.37 -26.57 15.50
N TYR A 694 9.85 -25.34 15.47
CA TYR A 694 10.70 -24.17 15.39
C TYR A 694 11.61 -24.07 16.61
N MET A 695 11.02 -24.06 17.80
CA MET A 695 11.80 -23.87 19.02
C MET A 695 12.85 -24.96 19.19
N ARG A 696 12.57 -26.17 18.71
CA ARG A 696 13.53 -27.26 18.82
C ARG A 696 14.74 -27.02 17.92
N SER A 697 14.53 -26.34 16.79
CA SER A 697 15.61 -25.96 15.88
C SER A 697 16.13 -24.55 16.15
N ALA A 698 16.04 -24.10 17.40
CA ALA A 698 16.43 -22.74 17.72
C ALA A 698 17.95 -22.59 17.69
N GLU A 699 18.40 -21.51 17.07
CA GLU A 699 19.83 -21.20 16.99
C GLU A 699 19.97 -19.69 16.85
N PRO A 700 20.30 -18.97 17.93
CA PRO A 700 20.57 -19.48 19.29
C PRO A 700 19.36 -20.13 19.94
N SER A 701 19.55 -20.65 21.15
CA SER A 701 18.50 -21.38 21.83
C SER A 701 17.45 -20.41 22.37
N VAL A 702 16.19 -20.63 21.95
CA VAL A 702 15.10 -19.81 22.48
C VAL A 702 14.83 -20.16 23.93
N PHE A 703 14.98 -21.42 24.31
CA PHE A 703 14.83 -21.82 25.70
C PHE A 703 15.89 -21.13 26.55
N VAL A 704 15.53 -20.80 27.78
CA VAL A 704 16.37 -19.99 28.65
C VAL A 704 16.32 -20.56 30.07
N ARG A 705 17.14 -19.97 30.94
CA ARG A 705 17.20 -20.31 32.35
C ARG A 705 16.07 -19.62 33.09
N THR A 706 16.19 -19.52 34.42
CA THR A 706 15.15 -18.94 35.26
C THR A 706 14.45 -17.78 34.58
N THR A 707 13.13 -17.73 34.74
CA THR A 707 12.25 -16.81 34.05
C THR A 707 12.83 -15.40 33.96
N ALA A 708 13.56 -14.96 34.97
CA ALA A 708 14.12 -13.62 34.95
C ALA A 708 14.93 -13.38 33.69
N GLU A 709 15.65 -14.41 33.22
CA GLU A 709 16.48 -14.25 32.03
C GLU A 709 15.62 -14.07 30.78
N GLY A 710 14.62 -14.94 30.60
CA GLY A 710 13.73 -14.79 29.48
C GLY A 710 12.98 -13.47 29.51
N VAL A 711 12.78 -12.91 30.70
CA VAL A 711 12.11 -11.62 30.81
C VAL A 711 13.05 -10.50 30.41
N ALA A 712 14.28 -10.53 30.92
CA ALA A 712 15.23 -9.46 30.63
C ALA A 712 15.62 -9.44 29.16
N ARG A 713 15.77 -10.61 28.55
CA ARG A 713 16.21 -10.65 27.16
C ARG A 713 15.17 -10.07 26.21
N VAL A 714 13.90 -10.05 26.60
CA VAL A 714 12.90 -9.33 25.82
C VAL A 714 12.77 -7.89 26.30
N ARG A 715 13.06 -7.63 27.56
CA ARG A 715 13.11 -6.25 28.05
C ARG A 715 14.14 -5.44 27.29
N LYS A 716 15.22 -6.09 26.84
CA LYS A 716 16.26 -5.41 26.08
C LYS A 716 15.93 -5.38 24.58
N SER A 717 15.54 -6.52 24.03
CA SER A 717 15.21 -6.58 22.61
C SER A 717 13.94 -5.77 22.33
N LYS A 718 13.98 -5.00 21.25
CA LYS A 718 12.86 -4.14 20.90
C LYS A 718 11.60 -4.97 20.65
N GLY A 719 11.65 -5.83 19.64
CA GLY A 719 10.52 -6.70 19.33
C GLY A 719 10.98 -8.02 18.76
N LYS A 720 12.23 -8.38 19.01
CA LYS A 720 12.82 -9.55 18.37
C LYS A 720 12.46 -10.84 19.09
N TYR A 721 12.20 -10.79 20.39
CA TYR A 721 11.97 -11.99 21.18
C TYR A 721 10.67 -11.88 21.96
N ALA A 722 10.06 -13.04 22.20
CA ALA A 722 8.87 -13.17 23.02
C ALA A 722 9.04 -14.35 23.96
N TYR A 723 8.42 -14.24 25.13
CA TYR A 723 8.51 -15.27 26.17
C TYR A 723 7.12 -15.76 26.52
N LEU A 724 6.95 -17.08 26.55
CA LEU A 724 5.68 -17.71 26.89
C LEU A 724 5.74 -18.22 28.31
N LEU A 725 4.76 -17.85 29.11
CA LEU A 725 4.77 -18.16 30.53
C LEU A 725 3.32 -18.28 31.00
N GLU A 726 3.13 -18.25 32.32
CA GLU A 726 1.80 -18.31 32.90
C GLU A 726 1.10 -16.97 32.77
N SER A 727 -0.17 -17.01 32.36
CA SER A 727 -0.92 -15.78 32.18
C SER A 727 -0.91 -14.92 33.44
N THR A 728 -1.05 -15.55 34.60
CA THR A 728 -1.06 -14.81 35.86
C THR A 728 0.26 -14.08 36.07
N MET A 729 1.37 -14.77 35.84
CA MET A 729 2.67 -14.13 36.01
C MET A 729 2.87 -13.01 35.01
N ASN A 730 2.39 -13.20 33.78
CA ASN A 730 2.51 -12.14 32.78
C ASN A 730 1.73 -10.91 33.21
N GLU A 731 0.50 -11.10 33.70
CA GLU A 731 -0.27 -9.96 34.19
C GLU A 731 0.42 -9.29 35.35
N TYR A 732 0.98 -10.09 36.27
CA TYR A 732 1.69 -9.52 37.41
C TYR A 732 2.86 -8.67 36.95
N ILE A 733 3.62 -9.15 35.96
CA ILE A 733 4.77 -8.40 35.47
C ILE A 733 4.31 -7.13 34.77
N GLU A 734 3.26 -7.21 33.96
CA GLU A 734 2.79 -6.05 33.21
C GLU A 734 2.47 -4.88 34.13
N GLN A 735 2.13 -5.17 35.39
CA GLN A 735 1.85 -4.13 36.38
C GLN A 735 3.07 -3.79 37.22
N ARG A 736 4.24 -4.33 36.86
CA ARG A 736 5.48 -4.05 37.57
C ARG A 736 6.41 -3.24 36.69
N LYS A 737 7.33 -2.51 37.33
CA LYS A 737 8.25 -1.66 36.60
C LYS A 737 9.16 -2.51 35.72
N PRO A 738 9.71 -1.92 34.65
CA PRO A 738 9.48 -0.53 34.21
C PRO A 738 8.27 -0.38 33.31
N CYS A 739 7.26 -1.22 33.52
CA CYS A 739 6.00 -1.14 32.76
C CYS A 739 6.26 -1.16 31.26
N ASP A 740 7.26 -1.95 30.86
CA ASP A 740 7.65 -2.07 29.45
C ASP A 740 7.28 -3.45 28.89
N THR A 741 6.13 -3.97 29.30
CA THR A 741 5.65 -5.26 28.81
C THR A 741 4.14 -5.18 28.64
N MET A 742 3.58 -6.24 28.06
CA MET A 742 2.15 -6.30 27.84
C MET A 742 1.77 -7.74 27.52
N LYS A 743 0.47 -8.02 27.63
CA LYS A 743 -0.09 -9.33 27.33
C LYS A 743 -1.34 -9.11 26.50
N VAL A 744 -1.36 -9.68 25.29
CA VAL A 744 -2.46 -9.51 24.35
C VAL A 744 -3.07 -10.84 23.95
N GLY A 745 -2.23 -11.82 23.62
CA GLY A 745 -2.71 -13.11 23.19
C GLY A 745 -3.50 -13.82 24.25
N GLY A 746 -4.75 -14.16 23.95
CA GLY A 746 -5.59 -14.89 24.88
C GLY A 746 -4.92 -16.16 25.37
N ASN A 747 -5.32 -16.64 26.54
CA ASN A 747 -4.70 -17.83 27.11
C ASN A 747 -4.82 -19.01 26.16
N LEU A 748 -3.71 -19.68 25.90
CA LEU A 748 -3.70 -20.79 24.97
C LEU A 748 -4.36 -22.03 25.57
N ASP A 749 -3.83 -22.53 26.68
CA ASP A 749 -4.40 -23.67 27.38
C ASP A 749 -5.31 -23.19 28.50
N SER A 750 -6.09 -24.11 29.04
CA SER A 750 -7.06 -23.81 30.08
C SER A 750 -6.80 -24.72 31.28
N LYS A 751 -6.27 -24.15 32.35
CA LYS A 751 -6.04 -24.88 33.58
C LYS A 751 -6.49 -24.02 34.75
N GLY A 752 -6.29 -24.54 35.96
CA GLY A 752 -6.73 -23.84 37.15
C GLY A 752 -5.94 -24.25 38.37
N TYR A 753 -5.79 -23.32 39.30
CA TYR A 753 -5.14 -23.59 40.58
C TYR A 753 -6.19 -23.91 41.63
N GLY A 754 -5.86 -24.84 42.52
CA GLY A 754 -6.80 -25.29 43.52
C GLY A 754 -6.12 -25.55 44.85
N ILE A 755 -6.94 -25.66 45.88
CA ILE A 755 -6.48 -25.96 47.23
C ILE A 755 -6.46 -27.46 47.41
N ALA A 756 -5.33 -27.99 47.88
CA ALA A 756 -5.15 -29.41 48.04
C ALA A 756 -5.48 -29.83 49.48
N THR A 757 -5.41 -31.13 49.72
CA THR A 757 -5.67 -31.70 51.03
C THR A 757 -5.37 -33.19 50.99
N PRO A 758 -5.00 -33.81 52.11
CA PRO A 758 -4.83 -35.26 52.12
C PRO A 758 -6.14 -35.94 51.72
N LYS A 759 -6.02 -36.99 50.90
CA LYS A 759 -7.18 -37.66 50.36
C LYS A 759 -8.17 -38.02 51.48
N GLY A 760 -7.73 -38.85 52.42
CA GLY A 760 -8.58 -39.23 53.53
C GLY A 760 -8.69 -38.13 54.56
N SER A 761 -9.31 -37.03 54.20
CA SER A 761 -9.46 -35.87 55.07
C SER A 761 -10.95 -35.60 55.32
N SER A 762 -11.22 -34.48 55.99
CA SER A 762 -12.59 -34.09 56.32
C SER A 762 -12.88 -32.65 55.92
N LEU A 763 -11.96 -31.99 55.21
CA LEU A 763 -12.12 -30.58 54.85
C LEU A 763 -12.49 -30.38 53.39
N GLY A 764 -12.07 -31.28 52.49
CA GLY A 764 -12.37 -31.10 51.08
C GLY A 764 -13.83 -30.76 50.84
N ASN A 765 -14.73 -31.53 51.45
CA ASN A 765 -16.16 -31.24 51.34
C ASN A 765 -16.54 -29.97 52.10
N ALA A 766 -15.68 -29.48 52.98
CA ALA A 766 -15.87 -28.21 53.65
C ALA A 766 -15.02 -27.10 53.04
N VAL A 767 -14.18 -27.42 52.06
CA VAL A 767 -13.31 -26.45 51.42
C VAL A 767 -13.82 -26.06 50.04
N ASN A 768 -14.26 -27.04 49.26
CA ASN A 768 -14.84 -26.74 47.96
C ASN A 768 -16.01 -25.77 48.09
N LEU A 769 -16.80 -25.94 49.16
CA LEU A 769 -17.94 -25.06 49.37
C LEU A 769 -17.50 -23.62 49.58
N ALA A 770 -16.47 -23.42 50.41
CA ALA A 770 -15.98 -22.08 50.65
C ALA A 770 -15.39 -21.49 49.38
N VAL A 771 -14.65 -22.29 48.62
CA VAL A 771 -14.07 -21.79 47.37
C VAL A 771 -15.16 -21.33 46.42
N LEU A 772 -16.20 -22.14 46.26
CA LEU A 772 -17.29 -21.76 45.37
C LEU A 772 -18.03 -20.54 45.88
N LYS A 773 -18.27 -20.48 47.19
CA LYS A 773 -18.95 -19.33 47.77
C LYS A 773 -18.18 -18.05 47.49
N LEU A 774 -16.86 -18.09 47.64
CA LEU A 774 -16.06 -16.90 47.39
C LEU A 774 -16.03 -16.55 45.91
N ASN A 775 -15.91 -17.57 45.04
CA ASN A 775 -15.93 -17.30 43.61
C ASN A 775 -17.27 -16.71 43.19
N GLU A 776 -18.35 -17.03 43.90
CA GLU A 776 -19.66 -16.48 43.58
C GLU A 776 -19.83 -15.07 44.13
N GLN A 777 -19.29 -14.80 45.31
CA GLN A 777 -19.36 -13.47 45.90
C GLN A 777 -18.33 -12.51 45.32
N GLY A 778 -17.52 -12.96 44.36
CA GLY A 778 -16.53 -12.09 43.76
C GLY A 778 -15.36 -11.75 44.66
N LEU A 779 -15.29 -12.33 45.85
CA LEU A 779 -14.19 -12.02 46.76
C LEU A 779 -12.84 -12.35 46.13
N LEU A 780 -12.77 -13.47 45.39
CA LEU A 780 -11.51 -13.84 44.75
C LEU A 780 -11.11 -12.81 43.70
N ASP A 781 -12.09 -12.34 42.92
CA ASP A 781 -11.80 -11.28 41.95
C ASP A 781 -11.32 -10.02 42.66
N LYS A 782 -11.92 -9.71 43.81
CA LYS A 782 -11.48 -8.56 44.59
C LYS A 782 -10.03 -8.71 45.02
N LEU A 783 -9.67 -9.90 45.52
CA LEU A 783 -8.29 -10.12 45.96
C LEU A 783 -7.32 -10.02 44.80
N LYS A 784 -7.71 -10.58 43.64
CA LYS A 784 -6.85 -10.49 42.47
C LYS A 784 -6.65 -9.03 42.06
N ASN A 785 -7.73 -8.26 42.00
CA ASN A 785 -7.60 -6.83 41.72
C ASN A 785 -6.65 -6.17 42.71
N LYS A 786 -6.84 -6.43 43.99
CA LYS A 786 -6.00 -5.83 45.02
C LYS A 786 -4.53 -6.12 44.77
N TRP A 787 -4.19 -7.39 44.57
CA TRP A 787 -2.80 -7.82 44.52
C TRP A 787 -2.16 -7.69 43.14
N TRP A 788 -2.93 -7.30 42.12
CA TRP A 788 -2.35 -7.09 40.79
C TRP A 788 -2.40 -5.64 40.35
N TYR A 789 -3.55 -4.97 40.48
CA TYR A 789 -3.73 -3.61 39.98
C TYR A 789 -3.61 -2.57 41.08
N ASP A 790 -4.38 -2.71 42.17
CA ASP A 790 -4.27 -1.76 43.27
C ASP A 790 -2.83 -1.69 43.77
N LYS A 791 -2.17 -2.83 43.89
CA LYS A 791 -0.77 -2.89 44.26
C LYS A 791 0.16 -2.73 43.07
N GLY A 792 -0.38 -2.43 41.89
CA GLY A 792 0.42 -2.36 40.68
C GLY A 792 1.26 -1.10 40.62
N GLU A 793 2.53 -1.25 40.26
CA GLU A 793 3.41 -0.11 40.07
C GLU A 793 3.10 0.65 38.79
N CYS A 794 2.25 0.10 37.92
CA CYS A 794 1.87 0.74 36.67
C CYS A 794 0.36 0.98 36.71
N GLY A 795 -0.04 2.24 36.61
CA GLY A 795 -1.44 2.60 36.73
C GLY A 795 -2.36 1.79 35.84
N SER A 796 -2.32 2.04 34.54
CA SER A 796 -3.16 1.30 33.60
C SER A 796 -2.42 0.80 32.37
N GLY A 797 -1.27 1.36 32.00
CA GLY A 797 -0.55 0.94 30.82
C GLY A 797 0.10 -0.42 30.96
N THR A 805 -0.75 8.01 17.38
CA THR A 805 -1.90 7.48 16.67
C THR A 805 -1.60 7.35 15.18
N SER A 806 -2.64 7.43 14.35
CA SER A 806 -2.46 7.27 12.92
C SER A 806 -1.96 8.55 12.26
N ALA A 807 -2.51 9.69 12.66
CA ALA A 807 -2.17 10.96 12.02
C ALA A 807 -0.70 11.30 12.23
N LEU A 808 -0.24 12.39 11.62
CA LEU A 808 1.15 12.80 11.68
C LEU A 808 1.31 13.90 12.72
N SER A 809 2.31 13.74 13.58
CA SER A 809 2.61 14.73 14.60
C SER A 809 3.63 15.73 14.07
N LEU A 810 3.61 16.93 14.65
CA LEU A 810 4.57 17.95 14.23
C LEU A 810 6.00 17.47 14.36
N SER A 811 6.26 16.55 15.30
CA SER A 811 7.61 16.05 15.50
C SER A 811 8.23 15.53 14.21
N ASN A 812 7.42 15.12 13.25
CA ASN A 812 7.94 14.60 11.99
C ASN A 812 8.26 15.69 10.97
N VAL A 813 7.86 16.94 11.24
CA VAL A 813 7.94 18.00 10.24
C VAL A 813 8.58 19.24 10.84
N ALA A 814 9.27 19.10 11.96
CA ALA A 814 9.82 20.26 12.65
C ALA A 814 10.88 20.95 11.79
N GLY A 815 11.82 20.18 11.25
CA GLY A 815 12.89 20.77 10.47
C GLY A 815 12.39 21.66 9.35
N VAL A 816 11.24 21.33 8.79
CA VAL A 816 10.67 22.14 7.72
C VAL A 816 10.45 23.57 8.22
N PHE A 817 9.73 23.71 9.32
CA PHE A 817 9.45 25.04 9.84
C PHE A 817 10.71 25.70 10.38
N TYR A 818 11.64 24.92 10.92
CA TYR A 818 12.92 25.46 11.34
C TYR A 818 13.60 26.18 10.19
N ILE A 819 13.82 25.46 9.08
CA ILE A 819 14.50 26.06 7.94
C ILE A 819 13.66 27.17 7.34
N LEU A 820 12.34 27.05 7.39
CA LEU A 820 11.46 28.12 6.92
C LEU A 820 11.78 29.41 7.64
N VAL A 821 11.66 29.40 8.97
CA VAL A 821 11.90 30.61 9.75
C VAL A 821 13.33 31.09 9.58
N GLY A 822 14.28 30.16 9.46
CA GLY A 822 15.66 30.58 9.19
C GLY A 822 15.77 31.39 7.92
N GLY A 823 15.14 30.90 6.85
CA GLY A 823 15.16 31.63 5.60
C GLY A 823 14.43 32.95 5.69
N LEU A 824 13.33 32.98 6.44
CA LEU A 824 12.60 34.23 6.61
C LEU A 824 13.48 35.29 7.29
N GLY A 825 14.15 34.89 8.38
CA GLY A 825 15.03 35.82 9.06
C GLY A 825 16.20 36.25 8.22
N LEU A 826 16.80 35.31 7.48
CA LEU A 826 17.88 35.66 6.58
C LEU A 826 17.42 36.66 5.53
N ALA A 827 16.22 36.46 4.99
CA ALA A 827 15.70 37.37 3.99
C ALA A 827 15.46 38.76 4.57
N MET A 828 14.91 38.81 5.79
CA MET A 828 14.69 40.11 6.42
C MET A 828 16.01 40.82 6.66
N LEU A 829 17.04 40.08 7.11
CA LEU A 829 18.35 40.67 7.32
C LEU A 829 18.92 41.23 6.02
N VAL A 830 18.85 40.42 4.95
CA VAL A 830 19.38 40.87 3.67
C VAL A 830 18.63 42.10 3.19
N ALA A 831 17.30 42.10 3.34
CA ALA A 831 16.52 43.25 2.91
C ALA A 831 16.90 44.49 3.70
N LEU A 832 17.13 44.34 5.01
CA LEU A 832 17.50 45.49 5.83
C LEU A 832 18.86 46.05 5.40
N ILE A 833 19.85 45.17 5.23
CA ILE A 833 21.17 45.66 4.86
C ILE A 833 21.16 46.27 3.47
N GLU A 834 20.32 45.73 2.57
CA GLU A 834 20.20 46.32 1.25
C GLU A 834 19.55 47.69 1.32
N PHE A 835 18.47 47.80 2.09
CA PHE A 835 17.83 49.09 2.33
C PHE A 835 18.83 50.11 2.82
N CYS A 836 19.66 49.72 3.78
CA CYS A 836 20.70 50.63 4.28
C CYS A 836 21.67 51.01 3.17
N TYR A 837 22.41 50.03 2.65
CA TYR A 837 23.43 50.31 1.64
C TYR A 837 22.86 51.09 0.47
N LYS A 838 21.56 51.03 0.23
CA LYS A 838 20.94 51.80 -0.84
C LYS A 838 20.65 53.24 -0.39
N SER A 839 19.81 53.38 0.63
CA SER A 839 19.36 54.71 1.05
C SER A 839 20.54 55.57 1.51
N ARG A 840 21.36 55.03 2.42
CA ARG A 840 22.54 55.76 2.86
C ARG A 840 23.35 56.25 1.67
N ALA A 841 23.84 55.31 0.86
CA ALA A 841 24.77 55.65 -0.21
C ALA A 841 24.14 56.55 -1.27
N GLU A 842 22.82 56.55 -1.40
CA GLU A 842 22.18 57.37 -2.43
C GLU A 842 21.82 58.76 -1.91
N ALA A 843 21.00 58.83 -0.87
CA ALA A 843 20.57 60.12 -0.35
C ALA A 843 21.72 60.89 0.29
N LYS A 844 22.55 60.19 1.08
CA LYS A 844 23.66 60.86 1.76
C LYS A 844 24.87 60.97 0.84
N ARG A 845 25.35 59.84 0.34
CA ARG A 845 26.52 59.81 -0.53
C ARG A 845 26.11 59.94 -2.00
N THR B 415 16.48 -61.78 8.33
CA THR B 415 16.41 -60.36 7.98
C THR B 415 16.59 -60.17 6.49
N VAL B 416 16.88 -58.93 6.07
CA VAL B 416 17.05 -58.59 4.67
C VAL B 416 18.25 -57.67 4.53
N VAL B 417 18.89 -57.75 3.36
CA VAL B 417 20.05 -56.92 3.04
C VAL B 417 19.54 -55.69 2.28
N VAL B 418 19.41 -54.57 2.99
CA VAL B 418 18.95 -53.32 2.41
C VAL B 418 20.18 -52.49 2.08
N THR B 419 20.45 -52.32 0.78
CA THR B 419 21.58 -51.54 0.31
C THR B 419 21.08 -50.22 -0.26
N THR B 420 21.72 -49.13 0.13
CA THR B 420 21.37 -47.80 -0.35
C THR B 420 22.63 -46.95 -0.34
N ILE B 421 22.46 -45.63 -0.44
CA ILE B 421 23.58 -44.70 -0.50
C ILE B 421 23.22 -43.44 0.25
N LEU B 422 24.25 -42.70 0.66
CA LEU B 422 24.09 -41.51 1.49
C LEU B 422 23.80 -40.32 0.57
N GLU B 423 22.52 -39.95 0.48
CA GLU B 423 22.12 -38.76 -0.26
C GLU B 423 20.85 -38.20 0.37
N SER B 424 20.90 -36.93 0.74
CA SER B 424 19.80 -36.31 1.45
C SER B 424 18.74 -35.81 0.48
N PRO B 425 17.49 -35.69 0.95
CA PRO B 425 17.01 -36.08 2.28
C PRO B 425 16.53 -37.53 2.36
N TYR B 426 17.19 -38.41 1.61
CA TYR B 426 16.81 -39.83 1.60
C TYR B 426 17.53 -40.59 2.71
N VAL B 427 18.87 -40.53 2.70
CA VAL B 427 19.70 -41.25 3.65
C VAL B 427 20.56 -40.22 4.36
N MET B 428 20.28 -39.99 5.64
CA MET B 428 21.00 -39.02 6.44
C MET B 428 21.41 -39.64 7.76
N MET B 429 22.63 -39.35 8.20
CA MET B 429 23.12 -39.85 9.48
C MET B 429 22.59 -38.99 10.62
N LYS B 430 22.04 -39.63 11.64
CA LYS B 430 21.58 -38.91 12.81
C LYS B 430 22.75 -38.13 13.41
N LYS B 431 22.40 -37.06 14.14
CA LYS B 431 23.42 -36.21 14.75
C LYS B 431 24.40 -37.04 15.57
N ASN B 432 23.89 -37.92 16.42
CA ASN B 432 24.72 -38.77 17.26
C ASN B 432 24.91 -40.14 16.61
N HIS B 433 25.44 -40.13 15.38
CA HIS B 433 25.65 -41.37 14.67
C HIS B 433 26.83 -42.15 15.26
N GLU B 434 27.91 -41.45 15.62
CA GLU B 434 29.03 -42.11 16.26
C GLU B 434 28.63 -42.66 17.63
N MET B 435 27.71 -41.99 18.32
CA MET B 435 27.21 -42.44 19.61
C MET B 435 26.10 -43.46 19.47
N LEU B 436 25.87 -43.99 18.27
CA LEU B 436 24.83 -44.99 18.04
C LEU B 436 25.37 -46.06 17.10
N GLU B 437 24.78 -47.25 17.20
CA GLU B 437 25.19 -48.40 16.38
C GLU B 437 23.92 -49.18 16.02
N GLY B 438 23.35 -48.88 14.87
CA GLY B 438 22.18 -49.58 14.41
C GLY B 438 21.45 -48.77 13.35
N ASN B 439 20.25 -49.25 13.02
CA ASN B 439 19.42 -48.57 12.03
C ASN B 439 19.03 -47.17 12.49
N GLU B 440 19.03 -46.92 13.80
CA GLU B 440 18.71 -45.59 14.30
C GLU B 440 19.70 -44.54 13.80
N ARG B 441 20.88 -44.96 13.34
CA ARG B 441 21.84 -44.02 12.79
C ARG B 441 21.23 -43.24 11.63
N TYR B 442 20.65 -43.95 10.67
CA TYR B 442 20.18 -43.34 9.44
C TYR B 442 18.82 -42.69 9.63
N GLU B 443 18.43 -41.90 8.64
CA GLU B 443 17.14 -41.21 8.63
C GLU B 443 16.94 -40.62 7.24
N GLY B 444 15.73 -40.12 7.00
CA GLY B 444 15.39 -39.47 5.77
C GLY B 444 14.13 -40.05 5.17
N TYR B 445 14.01 -39.89 3.85
CA TYR B 445 12.81 -40.34 3.13
C TYR B 445 12.81 -41.86 2.95
N CYS B 446 13.81 -42.38 2.25
CA CYS B 446 13.84 -43.80 1.94
C CYS B 446 13.89 -44.66 3.21
N VAL B 447 14.36 -44.09 4.32
CA VAL B 447 14.40 -44.86 5.57
C VAL B 447 12.98 -45.18 6.03
N ASP B 448 12.16 -44.14 6.23
CA ASP B 448 10.77 -44.36 6.57
C ASP B 448 10.05 -45.15 5.49
N LEU B 449 10.47 -44.99 4.24
CA LEU B 449 9.87 -45.77 3.17
C LEU B 449 10.08 -47.26 3.41
N ALA B 450 11.33 -47.67 3.59
CA ALA B 450 11.63 -49.07 3.89
C ALA B 450 10.93 -49.53 5.16
N ALA B 451 10.81 -48.64 6.15
CA ALA B 451 10.09 -49.00 7.36
C ALA B 451 8.65 -49.40 7.05
N GLU B 452 7.94 -48.52 6.33
CA GLU B 452 6.56 -48.83 5.97
C GLU B 452 6.47 -50.04 5.05
N ILE B 453 7.49 -50.25 4.22
CA ILE B 453 7.50 -51.41 3.33
C ILE B 453 7.56 -52.70 4.14
N ALA B 454 8.48 -52.75 5.11
CA ALA B 454 8.56 -53.91 5.98
C ALA B 454 7.29 -54.09 6.79
N LYS B 455 6.70 -52.97 7.24
CA LYS B 455 5.40 -53.06 7.92
C LYS B 455 4.38 -53.77 7.04
N HIS B 456 4.25 -53.33 5.80
CA HIS B 456 3.32 -53.96 4.86
C HIS B 456 3.63 -55.45 4.72
N CYS B 457 4.86 -55.77 4.34
CA CYS B 457 5.24 -57.17 4.15
C CYS B 457 5.47 -57.87 5.48
N GLY B 458 6.41 -57.37 6.28
CA GLY B 458 6.72 -57.96 7.56
C GLY B 458 8.00 -58.76 7.54
N PHE B 459 9.10 -58.15 8.01
CA PHE B 459 10.38 -58.83 8.06
C PHE B 459 11.42 -57.95 8.73
N LYS B 460 12.64 -58.47 8.89
CA LYS B 460 13.76 -57.72 9.43
C LYS B 460 14.67 -57.27 8.29
N TYR B 461 15.33 -56.13 8.50
CA TYR B 461 16.19 -55.57 7.48
C TYR B 461 17.36 -54.85 8.13
N LYS B 462 18.53 -54.98 7.53
CA LYS B 462 19.74 -54.29 7.96
C LYS B 462 20.00 -53.16 6.98
N LEU B 463 19.87 -51.93 7.46
CA LEU B 463 20.02 -50.74 6.61
C LEU B 463 21.50 -50.51 6.35
N THR B 464 22.04 -51.33 5.45
CA THR B 464 23.46 -51.25 5.09
C THR B 464 23.66 -50.13 4.08
N ILE B 465 24.85 -50.08 3.47
CA ILE B 465 25.22 -49.05 2.51
C ILE B 465 26.01 -49.69 1.38
N VAL B 466 26.05 -49.00 0.25
CA VAL B 466 26.81 -49.48 -0.90
C VAL B 466 28.29 -49.23 -0.68
N GLY B 467 29.12 -50.01 -1.37
CA GLY B 467 30.55 -49.92 -1.21
C GLY B 467 31.19 -48.77 -1.97
N ASP B 468 31.08 -48.81 -3.30
CA ASP B 468 31.72 -47.80 -4.14
C ASP B 468 31.01 -46.45 -4.10
N GLY B 469 29.96 -46.32 -3.30
CA GLY B 469 29.20 -45.07 -3.30
C GLY B 469 28.63 -44.70 -4.65
N LYS B 470 28.11 -45.69 -5.38
CA LYS B 470 27.54 -45.48 -6.70
C LYS B 470 26.18 -46.15 -6.78
N TYR B 471 25.27 -45.52 -7.55
CA TYR B 471 23.94 -46.08 -7.70
C TYR B 471 23.97 -47.37 -8.49
N GLY B 472 24.44 -47.32 -9.73
CA GLY B 472 24.52 -48.50 -10.56
C GLY B 472 24.91 -48.19 -12.00
N ALA B 473 25.81 -49.00 -12.53
CA ALA B 473 26.24 -48.88 -13.92
C ALA B 473 27.03 -50.14 -14.25
N ARG B 474 27.51 -50.21 -15.49
CA ARG B 474 28.29 -51.35 -15.95
C ARG B 474 29.58 -50.86 -16.59
N ASP B 475 30.41 -51.82 -16.99
CA ASP B 475 31.69 -51.55 -17.65
C ASP B 475 31.59 -51.94 -19.11
N ALA B 476 32.02 -51.03 -20.00
CA ALA B 476 31.87 -51.27 -21.43
C ALA B 476 32.61 -52.53 -21.88
N ASP B 477 33.66 -52.92 -21.16
CA ASP B 477 34.47 -54.07 -21.54
C ASP B 477 34.14 -55.31 -20.72
N THR B 478 34.02 -55.17 -19.40
CA THR B 478 33.75 -56.29 -18.51
C THR B 478 32.29 -56.36 -18.07
N LYS B 479 31.46 -55.41 -18.49
CA LYS B 479 30.03 -55.37 -18.16
C LYS B 479 29.77 -55.69 -16.70
N ILE B 480 30.73 -55.39 -15.83
CA ILE B 480 30.57 -55.66 -14.41
C ILE B 480 29.71 -54.56 -13.81
N TRP B 481 28.66 -54.95 -13.10
CA TRP B 481 27.74 -54.00 -12.49
C TRP B 481 28.37 -53.44 -11.22
N ASN B 482 28.70 -52.15 -11.26
CA ASN B 482 29.20 -51.44 -10.09
C ASN B 482 28.09 -50.60 -9.50
N GLY B 483 27.87 -50.73 -8.19
CA GLY B 483 26.82 -50.05 -7.48
C GLY B 483 25.82 -51.04 -6.90
N MET B 484 24.69 -50.50 -6.46
CA MET B 484 23.62 -51.35 -5.94
C MET B 484 23.21 -52.41 -6.96
N VAL B 485 23.33 -52.09 -8.24
CA VAL B 485 23.02 -53.07 -9.28
C VAL B 485 23.94 -54.29 -9.15
N GLY B 486 25.24 -54.04 -8.97
CA GLY B 486 26.16 -55.14 -8.76
C GLY B 486 25.78 -56.00 -7.58
N GLU B 487 25.23 -55.39 -6.53
CA GLU B 487 24.83 -56.14 -5.35
C GLU B 487 23.61 -57.00 -5.64
N LEU B 488 22.52 -56.36 -6.08
CA LEU B 488 21.29 -57.11 -6.33
C LEU B 488 21.45 -58.11 -7.46
N VAL B 489 22.49 -57.98 -8.28
CA VAL B 489 22.75 -58.94 -9.34
C VAL B 489 23.69 -60.04 -8.88
N TYR B 490 24.71 -59.68 -8.09
CA TYR B 490 25.69 -60.64 -7.61
C TYR B 490 25.36 -61.15 -6.21
N GLY B 491 24.10 -61.04 -5.80
CA GLY B 491 23.66 -61.58 -4.53
C GLY B 491 24.16 -60.85 -3.30
N LYS B 492 25.03 -59.85 -3.46
CA LYS B 492 25.55 -59.12 -2.30
C LYS B 492 24.44 -58.43 -1.53
N ALA B 493 23.26 -58.26 -2.12
CA ALA B 493 22.15 -57.61 -1.45
C ALA B 493 20.86 -58.25 -1.90
N ASP B 494 19.79 -57.98 -1.16
CA ASP B 494 18.47 -58.52 -1.45
C ASP B 494 17.46 -57.47 -1.88
N ILE B 495 17.73 -56.19 -1.62
CA ILE B 495 16.79 -55.12 -1.95
C ILE B 495 17.56 -53.81 -1.91
N ALA B 496 17.12 -52.86 -2.75
CA ALA B 496 17.78 -51.56 -2.87
C ALA B 496 16.71 -50.48 -2.84
N ILE B 497 16.47 -49.93 -1.65
CA ILE B 497 15.51 -48.85 -1.45
C ILE B 497 16.34 -47.56 -1.47
N ALA B 498 16.49 -46.99 -2.66
CA ALA B 498 17.27 -45.78 -2.84
C ALA B 498 16.70 -45.01 -4.02
N PRO B 499 17.12 -43.76 -4.22
CA PRO B 499 16.66 -43.01 -5.39
C PRO B 499 17.27 -43.54 -6.69
N LEU B 500 17.07 -44.82 -6.94
CA LEU B 500 17.66 -45.47 -8.11
C LEU B 500 16.83 -45.14 -9.34
N THR B 501 17.45 -44.44 -10.28
CA THR B 501 16.78 -44.12 -11.53
C THR B 501 16.45 -45.40 -12.28
N ILE B 502 15.30 -45.41 -12.95
CA ILE B 502 14.85 -46.55 -13.73
C ILE B 502 15.30 -46.36 -15.16
N THR B 503 15.95 -47.38 -15.72
CA THR B 503 16.49 -47.32 -17.07
C THR B 503 16.15 -48.61 -17.80
N LEU B 504 16.30 -48.56 -19.12
CA LEU B 504 16.08 -49.76 -19.93
C LEU B 504 17.07 -50.86 -19.54
N VAL B 505 18.35 -50.52 -19.47
CA VAL B 505 19.37 -51.54 -19.20
C VAL B 505 19.21 -52.11 -17.81
N ARG B 506 18.99 -51.25 -16.81
CA ARG B 506 18.91 -51.73 -15.43
C ARG B 506 17.71 -52.64 -15.23
N GLU B 507 16.64 -52.45 -16.01
CA GLU B 507 15.46 -53.31 -15.88
C GLU B 507 15.62 -54.61 -16.65
N GLU B 508 16.44 -54.61 -17.71
CA GLU B 508 16.69 -55.84 -18.46
C GLU B 508 17.35 -56.91 -17.62
N VAL B 509 17.89 -56.56 -16.45
CA VAL B 509 18.59 -57.50 -15.60
C VAL B 509 17.86 -57.78 -14.30
N ILE B 510 17.16 -56.80 -13.74
CA ILE B 510 16.48 -56.94 -12.46
C ILE B 510 15.05 -56.41 -12.60
N ASP B 511 14.34 -56.40 -11.48
CA ASP B 511 12.95 -55.98 -11.43
C ASP B 511 12.85 -54.62 -10.75
N PHE B 512 12.29 -53.65 -11.47
CA PHE B 512 12.00 -52.34 -10.91
C PHE B 512 10.53 -52.25 -10.54
N SER B 513 10.26 -51.81 -9.32
CA SER B 513 8.89 -51.57 -8.92
C SER B 513 8.36 -50.29 -9.57
N LYS B 514 7.06 -50.08 -9.46
CA LYS B 514 6.47 -48.88 -10.01
C LYS B 514 7.09 -47.65 -9.34
N PRO B 515 7.29 -46.56 -10.07
CA PRO B 515 7.97 -45.40 -9.48
C PRO B 515 7.26 -44.91 -8.23
N PHE B 516 8.04 -44.76 -7.15
CA PHE B 516 7.54 -44.12 -5.95
C PHE B 516 7.79 -42.62 -5.95
N MET B 517 8.66 -42.13 -6.82
CA MET B 517 8.95 -40.69 -6.90
C MET B 517 9.11 -40.30 -8.36
N SER B 518 8.08 -39.67 -8.93
CA SER B 518 8.19 -39.15 -10.28
C SER B 518 8.87 -37.79 -10.27
N LEU B 519 9.74 -37.56 -11.25
CA LEU B 519 10.52 -36.33 -11.29
C LEU B 519 10.93 -36.05 -12.72
N GLY B 520 11.83 -35.10 -12.88
CA GLY B 520 12.35 -34.75 -14.18
C GLY B 520 13.35 -33.64 -14.05
N ILE B 521 14.14 -33.47 -15.11
CA ILE B 521 15.15 -32.42 -15.11
C ILE B 521 14.47 -31.06 -14.96
N SER B 522 15.13 -30.16 -14.25
CA SER B 522 14.57 -28.86 -13.94
C SER B 522 15.68 -27.81 -14.06
N ILE B 523 15.39 -26.62 -13.55
CA ILE B 523 16.32 -25.50 -13.61
C ILE B 523 16.47 -24.91 -12.22
N MET B 524 17.66 -24.41 -11.92
CA MET B 524 17.96 -23.77 -10.66
C MET B 524 18.69 -22.47 -10.94
N ILE B 525 18.21 -21.38 -10.38
CA ILE B 525 18.80 -20.06 -10.55
C ILE B 525 18.78 -19.35 -9.20
N LYS B 526 19.35 -18.15 -9.18
CA LYS B 526 19.25 -17.28 -8.01
C LYS B 526 18.00 -16.44 -8.12
N LYS B 527 17.19 -16.44 -7.07
CA LYS B 527 15.93 -15.71 -7.10
C LYS B 527 16.19 -14.26 -7.48
N PRO B 528 15.22 -13.58 -8.08
CA PRO B 528 15.48 -12.23 -8.59
C PRO B 528 15.90 -11.28 -7.47
N GLN B 529 17.00 -10.59 -7.69
CA GLN B 529 17.46 -9.53 -6.80
C GLN B 529 17.11 -8.18 -7.40
N LYS B 530 17.10 -7.16 -6.55
CA LYS B 530 16.77 -5.81 -7.01
C LYS B 530 17.65 -5.42 -8.18
N SER B 531 17.02 -5.22 -9.34
CA SER B 531 17.76 -4.95 -10.56
C SER B 531 18.53 -3.64 -10.42
N LYS B 532 19.37 -3.37 -11.42
CA LYS B 532 20.11 -2.13 -11.47
C LYS B 532 19.15 -0.97 -11.32
N PRO B 533 19.58 0.17 -10.79
CA PRO B 533 18.66 1.28 -10.54
C PRO B 533 17.88 1.72 -11.77
N GLY B 534 18.34 1.36 -12.96
CA GLY B 534 17.61 1.73 -14.16
C GLY B 534 17.68 3.21 -14.44
N VAL B 535 18.85 3.69 -14.87
CA VAL B 535 19.17 5.11 -14.96
C VAL B 535 17.94 5.90 -15.39
N PHE B 536 17.31 5.50 -16.48
CA PHE B 536 16.04 6.07 -16.91
C PHE B 536 14.86 5.24 -16.43
N SER B 537 14.79 4.97 -15.13
CA SER B 537 13.71 4.17 -14.57
C SER B 537 12.51 5.01 -14.17
N PHE B 538 12.72 6.27 -13.81
CA PHE B 538 11.62 7.13 -13.41
C PHE B 538 10.56 7.25 -14.49
N LEU B 539 10.86 6.82 -15.71
CA LEU B 539 9.87 6.75 -16.78
C LEU B 539 9.14 5.42 -16.82
N ASP B 540 9.65 4.40 -16.13
CA ASP B 540 9.01 3.09 -16.15
C ASP B 540 7.54 3.12 -15.75
N PRO B 541 7.11 3.92 -14.77
CA PRO B 541 5.68 3.93 -14.42
C PRO B 541 4.77 4.21 -15.59
N LEU B 542 5.26 4.90 -16.61
CA LEU B 542 4.45 5.28 -17.77
C LEU B 542 5.11 4.79 -19.04
N ALA B 543 4.32 4.79 -20.12
CA ALA B 543 4.80 4.39 -21.43
C ALA B 543 5.43 5.57 -22.14
N TYR B 544 6.51 5.29 -22.89
CA TYR B 544 7.21 6.35 -23.60
C TYR B 544 6.25 7.19 -24.43
N GLU B 545 5.21 6.56 -24.97
CA GLU B 545 4.23 7.30 -25.76
C GLU B 545 3.58 8.39 -24.92
N ILE B 546 3.24 8.09 -23.66
CA ILE B 546 2.63 9.09 -22.81
C ILE B 546 3.59 10.22 -22.51
N TRP B 547 4.88 9.91 -22.36
CA TRP B 547 5.87 10.95 -22.14
C TRP B 547 5.96 11.89 -23.34
N MET B 548 6.06 11.31 -24.54
CA MET B 548 6.11 12.14 -25.74
C MET B 548 4.85 12.97 -25.88
N CYS B 549 3.70 12.40 -25.48
CA CYS B 549 2.45 13.13 -25.59
C CYS B 549 2.43 14.31 -24.62
N ILE B 550 2.91 14.08 -23.40
CA ILE B 550 3.05 15.18 -22.43
C ILE B 550 3.90 16.29 -23.03
N VAL B 551 5.05 15.92 -23.58
CA VAL B 551 5.98 16.91 -24.12
C VAL B 551 5.31 17.72 -25.22
N PHE B 552 4.72 17.02 -26.20
CA PHE B 552 4.13 17.72 -27.34
C PHE B 552 2.92 18.54 -26.92
N ALA B 553 2.17 18.08 -25.92
CA ALA B 553 1.06 18.88 -25.42
C ALA B 553 1.55 20.15 -24.76
N TYR B 554 2.63 20.05 -23.98
CA TYR B 554 3.20 21.24 -23.35
C TYR B 554 3.60 22.26 -24.41
N ILE B 555 4.33 21.81 -25.43
CA ILE B 555 4.82 22.76 -26.43
C ILE B 555 3.66 23.31 -27.25
N GLY B 556 2.66 22.48 -27.55
CA GLY B 556 1.51 22.97 -28.29
C GLY B 556 0.71 24.00 -27.51
N VAL B 557 0.57 23.78 -26.20
CA VAL B 557 -0.11 24.75 -25.36
C VAL B 557 0.68 26.05 -25.31
N SER B 558 1.99 25.95 -25.16
CA SER B 558 2.82 27.16 -25.18
C SER B 558 2.65 27.92 -26.50
N VAL B 559 2.59 27.18 -27.61
CA VAL B 559 2.40 27.82 -28.91
C VAL B 559 1.05 28.52 -28.96
N VAL B 560 0.00 27.85 -28.51
CA VAL B 560 -1.33 28.44 -28.53
C VAL B 560 -1.34 29.73 -27.69
N LEU B 561 -0.70 29.69 -26.51
CA LEU B 561 -0.57 30.90 -25.72
C LEU B 561 0.14 31.99 -26.51
N PHE B 562 1.19 31.61 -27.25
CA PHE B 562 1.86 32.56 -28.11
C PHE B 562 0.93 33.12 -29.17
N LEU B 563 -0.09 32.37 -29.56
CA LEU B 563 -1.01 32.77 -30.61
C LEU B 563 -2.29 33.41 -30.07
N VAL B 564 -2.25 33.95 -28.85
CA VAL B 564 -3.37 34.70 -28.31
C VAL B 564 -2.84 36.02 -27.77
N SER B 565 -1.60 36.35 -28.12
CA SER B 565 -0.97 37.60 -27.74
C SER B 565 -0.57 38.43 -28.95
N ARG B 566 -0.02 37.81 -29.99
CA ARG B 566 0.27 38.49 -31.24
C ARG B 566 -0.87 38.36 -32.24
N PHE B 567 -1.46 37.17 -32.33
CA PHE B 567 -2.65 36.96 -33.14
C PHE B 567 -3.90 37.57 -32.52
N SER B 568 -3.77 38.15 -31.33
CA SER B 568 -4.88 38.81 -30.66
C SER B 568 -4.37 39.53 -29.41
N PRO B 569 -4.99 40.64 -29.00
CA PRO B 569 -4.51 41.36 -27.82
C PRO B 569 -4.62 40.55 -26.53
N SER B 616 -9.03 37.94 -20.94
CA SER B 616 -8.86 37.58 -22.35
C SER B 616 -9.90 36.55 -22.79
N LEU B 617 -10.33 35.72 -21.83
CA LEU B 617 -11.35 34.70 -22.05
C LEU B 617 -10.82 33.52 -22.87
N SER B 618 -9.57 33.62 -23.34
CA SER B 618 -8.89 32.51 -23.98
C SER B 618 -7.82 31.91 -23.07
N GLY B 619 -6.91 32.75 -22.57
CA GLY B 619 -5.95 32.29 -21.59
C GLY B 619 -6.59 31.74 -20.34
N ARG B 620 -7.83 32.14 -20.05
CA ARG B 620 -8.53 31.63 -18.87
C ARG B 620 -8.85 30.15 -19.03
N ILE B 621 -9.60 29.81 -20.08
CA ILE B 621 -9.99 28.41 -20.27
C ILE B 621 -8.77 27.56 -20.57
N VAL B 622 -7.81 28.10 -21.32
CA VAL B 622 -6.60 27.36 -21.63
C VAL B 622 -5.83 27.08 -20.35
N GLY B 623 -5.64 28.09 -19.52
CA GLY B 623 -4.96 27.88 -18.26
C GLY B 623 -5.68 26.88 -17.39
N GLY B 624 -7.01 26.94 -17.36
CA GLY B 624 -7.76 26.01 -16.52
C GLY B 624 -7.65 24.57 -16.99
N VAL B 625 -7.78 24.35 -18.30
CA VAL B 625 -7.69 23.00 -18.82
C VAL B 625 -6.27 22.46 -18.67
N TRP B 626 -5.27 23.32 -18.85
CA TRP B 626 -3.89 22.89 -18.63
C TRP B 626 -3.65 22.55 -17.17
N TRP B 627 -4.28 23.29 -16.26
CA TRP B 627 -4.19 23.00 -14.84
C TRP B 627 -4.79 21.63 -14.55
N PHE B 628 -5.99 21.37 -15.06
CA PHE B 628 -6.61 20.06 -14.94
C PHE B 628 -5.70 18.96 -15.45
N PHE B 629 -5.11 19.18 -16.64
CA PHE B 629 -4.27 18.17 -17.28
C PHE B 629 -3.06 17.86 -16.43
N THR B 630 -2.27 18.87 -16.09
CA THR B 630 -1.09 18.65 -15.28
C THR B 630 -1.44 18.07 -13.92
N LEU B 631 -2.57 18.46 -13.36
CA LEU B 631 -3.05 17.87 -12.11
C LEU B 631 -3.16 16.36 -12.24
N ILE B 632 -3.94 15.91 -13.23
CA ILE B 632 -4.16 14.49 -13.39
C ILE B 632 -2.84 13.77 -13.70
N ILE B 633 -1.95 14.42 -14.44
CA ILE B 633 -0.69 13.77 -14.78
C ILE B 633 0.16 13.56 -13.53
N ILE B 634 0.34 14.63 -12.74
CA ILE B 634 1.06 14.51 -11.48
C ILE B 634 0.47 13.37 -10.66
N SER B 635 -0.85 13.36 -10.53
CA SER B 635 -1.49 12.37 -9.67
C SER B 635 -1.23 10.96 -10.17
N SER B 636 -1.38 10.74 -11.47
CA SER B 636 -1.18 9.41 -12.03
C SER B 636 0.25 8.94 -11.82
N TYR B 637 1.22 9.81 -12.11
CA TYR B 637 2.61 9.43 -11.93
C TYR B 637 2.90 9.08 -10.47
N THR B 638 2.45 9.93 -9.55
CA THR B 638 2.69 9.67 -8.13
C THR B 638 2.07 8.35 -7.71
N ALA B 639 0.82 8.10 -8.10
CA ALA B 639 0.14 6.89 -7.68
C ALA B 639 0.85 5.66 -8.22
N ASN B 640 1.19 5.66 -9.51
CA ASN B 640 1.84 4.49 -10.09
C ASN B 640 3.20 4.25 -9.46
N LEU B 641 3.96 5.32 -9.21
CA LEU B 641 5.27 5.15 -8.60
C LEU B 641 5.16 4.63 -7.17
N ALA B 642 4.14 5.10 -6.44
CA ALA B 642 3.94 4.60 -5.08
C ALA B 642 3.58 3.13 -5.10
N ALA B 643 2.72 2.72 -6.04
CA ALA B 643 2.40 1.31 -6.17
C ALA B 643 3.64 0.50 -6.50
N PHE B 644 4.51 1.03 -7.37
CA PHE B 644 5.73 0.33 -7.72
C PHE B 644 6.63 0.16 -6.51
N LEU B 645 6.78 1.21 -5.71
CA LEU B 645 7.73 1.21 -4.61
C LEU B 645 7.21 0.51 -3.37
N THR B 646 5.89 0.33 -3.25
CA THR B 646 5.33 -0.27 -2.05
C THR B 646 5.48 -1.80 -2.06
N VAL B 647 4.89 -2.46 -3.05
CA VAL B 647 4.83 -3.91 -3.04
C VAL B 647 6.14 -4.52 -3.49
N GLU B 648 6.79 -3.94 -4.51
CA GLU B 648 8.06 -4.42 -5.02
C GLU B 648 7.94 -5.86 -5.51
N ARG B 649 7.12 -6.05 -6.53
CA ARG B 649 7.01 -7.36 -7.17
C ARG B 649 8.26 -7.65 -7.99
N MET B 650 8.74 -8.90 -7.91
CA MET B 650 9.94 -9.33 -8.60
C MET B 650 9.60 -10.45 -9.56
N VAL B 651 10.24 -10.42 -10.73
CA VAL B 651 10.03 -11.44 -11.75
C VAL B 651 11.30 -11.56 -12.58
N SER B 652 11.59 -12.78 -13.01
CA SER B 652 12.68 -13.02 -13.94
C SER B 652 12.12 -13.40 -15.31
N PRO B 653 12.83 -13.11 -16.39
CA PRO B 653 12.32 -13.41 -17.73
C PRO B 653 12.39 -14.89 -18.09
N ILE B 654 12.77 -15.75 -17.16
CA ILE B 654 12.97 -17.17 -17.42
C ILE B 654 11.85 -17.92 -16.72
N GLU B 655 10.80 -18.24 -17.46
CA GLU B 655 9.70 -19.06 -16.98
C GLU B 655 9.69 -20.44 -17.60
N SER B 656 10.74 -20.79 -18.33
CA SER B 656 10.83 -22.09 -19.01
C SER B 656 12.22 -22.19 -19.62
N ALA B 657 12.49 -23.34 -20.23
CA ALA B 657 13.76 -23.53 -20.93
C ALA B 657 13.75 -22.94 -22.33
N GLU B 658 12.56 -22.78 -22.92
CA GLU B 658 12.48 -22.11 -24.22
C GLU B 658 13.12 -20.73 -24.16
N ASP B 659 12.90 -20.00 -23.07
CA ASP B 659 13.50 -18.68 -22.93
C ASP B 659 15.01 -18.76 -22.94
N LEU B 660 15.57 -19.70 -22.17
CA LEU B 660 17.02 -19.88 -22.17
C LEU B 660 17.52 -20.22 -23.57
N SER B 661 16.72 -20.98 -24.33
CA SER B 661 17.11 -21.30 -25.70
C SER B 661 17.15 -20.04 -26.56
N LYS B 662 16.17 -19.15 -26.38
CA LYS B 662 16.11 -17.94 -27.18
C LYS B 662 17.29 -17.03 -26.88
N GLN B 663 17.40 -16.56 -25.64
CA GLN B 663 18.43 -15.62 -25.26
C GLN B 663 19.76 -16.34 -25.05
N THR B 664 20.82 -15.54 -24.88
CA THR B 664 22.14 -16.06 -24.57
C THR B 664 22.88 -15.23 -23.53
N GLU B 665 22.26 -14.19 -22.97
CA GLU B 665 22.93 -13.36 -21.98
C GLU B 665 23.35 -14.18 -20.78
N ILE B 666 22.39 -14.77 -20.08
CA ILE B 666 22.69 -15.65 -18.96
C ILE B 666 23.04 -17.02 -19.50
N ALA B 667 24.05 -17.64 -18.89
CA ALA B 667 24.54 -18.92 -19.36
C ALA B 667 23.85 -20.05 -18.60
N TYR B 668 24.26 -21.29 -18.89
CA TYR B 668 23.73 -22.46 -18.23
C TYR B 668 24.62 -23.64 -18.54
N GLY B 669 24.82 -24.51 -17.55
CA GLY B 669 25.68 -25.66 -17.69
C GLY B 669 25.14 -26.87 -16.97
N THR B 670 25.86 -27.98 -17.12
CA THR B 670 25.45 -29.24 -16.53
C THR B 670 26.68 -29.97 -16.02
N LEU B 671 26.45 -30.96 -15.16
CA LEU B 671 27.53 -31.80 -14.69
C LEU B 671 28.25 -32.45 -15.88
N ASP B 672 29.58 -32.31 -15.91
CA ASP B 672 30.37 -32.76 -17.04
C ASP B 672 30.22 -34.25 -17.32
N SER B 673 29.64 -35.03 -16.39
CA SER B 673 29.44 -36.45 -16.60
C SER B 673 28.24 -36.89 -15.80
N GLY B 674 27.18 -37.28 -16.50
CA GLY B 674 25.96 -37.72 -15.83
C GLY B 674 24.87 -37.97 -16.83
N SER B 675 23.78 -38.56 -16.32
CA SER B 675 22.63 -38.88 -17.17
C SER B 675 22.11 -37.63 -17.85
N THR B 676 22.14 -36.49 -17.16
CA THR B 676 21.63 -35.24 -17.72
C THR B 676 22.43 -34.83 -18.94
N LYS B 677 23.76 -34.91 -18.85
CA LYS B 677 24.61 -34.50 -19.96
C LYS B 677 24.34 -35.35 -21.19
N GLU B 678 24.28 -36.67 -21.02
CA GLU B 678 24.00 -37.54 -22.16
C GLU B 678 22.62 -37.27 -22.72
N PHE B 679 21.63 -37.12 -21.86
CA PHE B 679 20.28 -36.81 -22.32
C PHE B 679 20.28 -35.56 -23.19
N PHE B 680 21.02 -34.53 -22.78
CA PHE B 680 21.06 -33.30 -23.56
C PHE B 680 21.79 -33.52 -24.88
N ARG B 681 22.94 -34.20 -24.84
CA ARG B 681 23.60 -34.60 -26.07
C ARG B 681 22.62 -35.34 -26.97
N ARG B 682 21.87 -36.28 -26.40
CA ARG B 682 20.80 -36.97 -27.09
C ARG B 682 19.55 -36.09 -27.08
N SER B 683 18.39 -36.68 -27.38
CA SER B 683 17.12 -35.94 -27.36
C SER B 683 17.12 -34.85 -28.43
N LYS B 684 17.19 -35.29 -29.68
CA LYS B 684 17.30 -34.41 -30.83
C LYS B 684 15.97 -33.68 -31.02
N ILE B 685 15.80 -32.60 -30.26
CA ILE B 685 14.65 -31.72 -30.37
C ILE B 685 15.16 -30.31 -30.65
N ALA B 686 14.31 -29.52 -31.31
CA ALA B 686 14.71 -28.18 -31.73
C ALA B 686 15.29 -27.38 -30.57
N VAL B 687 14.87 -27.67 -29.35
CA VAL B 687 15.29 -26.88 -28.19
C VAL B 687 16.52 -27.52 -27.56
N PHE B 688 16.37 -28.77 -27.09
CA PHE B 688 17.47 -29.42 -26.39
C PHE B 688 18.68 -29.60 -27.31
N ASP B 689 18.44 -29.85 -28.59
CA ASP B 689 19.56 -29.90 -29.54
C ASP B 689 20.26 -28.56 -29.62
N LYS B 690 19.48 -27.47 -29.62
CA LYS B 690 20.07 -26.13 -29.66
C LYS B 690 20.87 -25.85 -28.39
N MET B 691 20.34 -26.28 -27.24
CA MET B 691 21.04 -26.04 -25.98
C MET B 691 22.32 -26.86 -25.92
N TRP B 692 22.31 -28.08 -26.46
CA TRP B 692 23.53 -28.87 -26.53
C TRP B 692 24.53 -28.22 -27.47
N THR B 693 24.06 -27.70 -28.60
CA THR B 693 24.93 -26.96 -29.51
C THR B 693 25.60 -25.80 -28.76
N TYR B 694 24.81 -25.03 -28.03
CA TYR B 694 25.35 -23.91 -27.25
C TYR B 694 26.41 -24.40 -26.27
N MET B 695 26.02 -25.27 -25.35
CA MET B 695 26.94 -25.70 -24.30
C MET B 695 28.16 -26.41 -24.87
N ARG B 696 28.07 -26.95 -26.08
CA ARG B 696 29.24 -27.54 -26.72
C ARG B 696 30.11 -26.48 -27.39
N SER B 697 29.47 -25.49 -28.01
CA SER B 697 30.17 -24.36 -28.63
C SER B 697 29.90 -23.14 -27.75
N ALA B 698 30.71 -22.98 -26.71
CA ALA B 698 30.57 -21.87 -25.78
C ALA B 698 31.76 -21.89 -24.83
N GLU B 699 32.26 -20.70 -24.50
CA GLU B 699 33.41 -20.56 -23.63
C GLU B 699 33.13 -19.46 -22.61
N PRO B 700 33.59 -19.63 -21.35
CA PRO B 700 34.37 -20.77 -20.85
C PRO B 700 33.51 -22.01 -20.64
N SER B 701 34.08 -23.06 -20.06
CA SER B 701 33.34 -24.30 -19.85
C SER B 701 32.15 -24.07 -18.93
N VAL B 702 30.95 -24.13 -19.50
CA VAL B 702 29.74 -24.01 -18.69
C VAL B 702 29.54 -25.22 -17.80
N PHE B 703 30.10 -26.36 -18.18
CA PHE B 703 29.93 -27.57 -17.41
C PHE B 703 30.65 -27.45 -16.07
N VAL B 704 30.42 -28.44 -15.20
CA VAL B 704 31.04 -28.50 -13.89
C VAL B 704 31.41 -29.95 -13.61
N ARG B 705 32.00 -30.18 -12.43
CA ARG B 705 32.41 -31.51 -12.01
C ARG B 705 31.53 -32.11 -10.92
N THR B 706 30.82 -31.28 -10.18
CA THR B 706 29.95 -31.75 -9.09
C THR B 706 28.70 -30.89 -9.07
N THR B 707 27.87 -31.09 -8.05
CA THR B 707 26.62 -30.35 -7.90
C THR B 707 26.86 -29.04 -7.14
N ALA B 708 27.37 -29.15 -5.91
CA ALA B 708 27.64 -27.95 -5.12
C ALA B 708 28.50 -26.96 -5.89
N GLU B 709 29.36 -27.45 -6.78
CA GLU B 709 30.13 -26.55 -7.62
C GLU B 709 29.21 -25.67 -8.45
N GLY B 710 28.26 -26.29 -9.16
CA GLY B 710 27.32 -25.50 -9.94
C GLY B 710 26.45 -24.61 -9.09
N VAL B 711 26.08 -25.07 -7.90
CA VAL B 711 25.26 -24.25 -7.01
C VAL B 711 26.01 -22.98 -6.63
N ALA B 712 27.26 -23.13 -6.16
CA ALA B 712 28.05 -21.98 -5.78
C ALA B 712 28.35 -21.09 -6.99
N ARG B 713 28.48 -21.69 -8.17
CA ARG B 713 28.66 -20.90 -9.38
C ARG B 713 27.46 -20.00 -9.61
N VAL B 714 26.26 -20.59 -9.59
CA VAL B 714 25.05 -19.80 -9.75
C VAL B 714 24.98 -18.71 -8.69
N ARG B 715 25.37 -19.03 -7.46
CA ARG B 715 25.33 -18.06 -6.38
C ARG B 715 26.25 -16.88 -6.67
N LYS B 716 27.49 -17.17 -7.08
CA LYS B 716 28.43 -16.12 -7.45
C LYS B 716 28.21 -15.61 -8.87
N SER B 717 27.41 -16.31 -9.66
CA SER B 717 27.03 -15.89 -11.01
C SER B 717 25.60 -15.35 -11.01
N LYS B 718 25.28 -14.57 -9.98
CA LYS B 718 23.91 -14.28 -9.59
C LYS B 718 22.94 -14.18 -10.77
N GLY B 719 23.29 -13.41 -11.79
CA GLY B 719 22.34 -13.11 -12.84
C GLY B 719 22.74 -13.57 -14.22
N LYS B 720 23.66 -14.51 -14.32
CA LYS B 720 24.08 -14.99 -15.64
C LYS B 720 24.34 -16.49 -15.69
N TYR B 721 23.76 -17.28 -14.79
CA TYR B 721 23.96 -18.72 -14.83
C TYR B 721 22.73 -19.44 -14.32
N ALA B 722 22.64 -20.72 -14.66
CA ALA B 722 21.52 -21.56 -14.28
C ALA B 722 21.95 -23.01 -14.40
N TYR B 723 21.65 -23.81 -13.39
CA TYR B 723 22.10 -25.21 -13.35
C TYR B 723 20.92 -26.14 -13.51
N LEU B 724 21.08 -27.15 -14.36
CA LEU B 724 20.04 -28.14 -14.61
C LEU B 724 20.35 -29.42 -13.83
N LEU B 725 19.34 -29.97 -13.19
CA LEU B 725 19.53 -31.12 -12.32
C LEU B 725 18.18 -31.75 -12.03
N GLU B 726 18.21 -32.84 -11.27
CA GLU B 726 16.97 -33.49 -10.85
C GLU B 726 16.11 -32.51 -10.06
N SER B 727 14.82 -32.47 -10.41
CA SER B 727 13.91 -31.53 -9.74
C SER B 727 13.88 -31.75 -8.24
N THR B 728 14.10 -32.98 -7.79
CA THR B 728 14.06 -33.26 -6.36
C THR B 728 15.18 -32.52 -5.63
N MET B 729 16.41 -32.66 -6.09
CA MET B 729 17.52 -31.95 -5.47
C MET B 729 17.30 -30.44 -5.52
N ASN B 730 16.67 -29.96 -6.59
CA ASN B 730 16.43 -28.53 -6.70
C ASN B 730 15.43 -28.06 -5.64
N GLU B 731 14.28 -28.74 -5.55
CA GLU B 731 13.31 -28.40 -4.52
C GLU B 731 13.93 -28.52 -3.13
N TYR B 732 14.89 -29.43 -2.96
CA TYR B 732 15.54 -29.59 -1.66
C TYR B 732 16.43 -28.40 -1.35
N ILE B 733 17.30 -28.04 -2.29
CA ILE B 733 18.19 -26.90 -2.09
C ILE B 733 17.39 -25.63 -1.83
N GLU B 734 16.34 -25.40 -2.63
CA GLU B 734 15.56 -24.19 -2.50
C GLU B 734 15.01 -24.00 -1.09
N GLN B 735 14.86 -25.07 -0.33
CA GLN B 735 14.41 -24.98 1.05
C GLN B 735 15.55 -24.94 2.05
N ARG B 736 16.77 -25.25 1.62
CA ARG B 736 17.93 -25.16 2.49
C ARG B 736 18.51 -23.75 2.43
N LYS B 737 19.62 -23.55 3.12
CA LYS B 737 20.29 -22.26 3.13
C LYS B 737 21.10 -22.09 1.85
N PRO B 738 21.45 -20.83 1.51
CA PRO B 738 21.06 -19.59 2.19
C PRO B 738 19.72 -19.04 1.72
N CYS B 739 18.84 -19.92 1.23
CA CYS B 739 17.53 -19.50 0.72
C CYS B 739 17.69 -18.48 -0.40
N ASP B 740 18.71 -18.66 -1.24
CA ASP B 740 19.02 -17.74 -2.32
C ASP B 740 19.01 -18.43 -3.67
N THR B 741 18.09 -19.39 -3.85
CA THR B 741 17.92 -20.08 -5.12
C THR B 741 16.43 -20.28 -5.38
N MET B 742 16.13 -20.82 -6.55
CA MET B 742 14.75 -21.08 -6.93
C MET B 742 14.72 -21.95 -8.17
N LYS B 743 13.64 -22.72 -8.29
CA LYS B 743 13.36 -23.55 -9.46
C LYS B 743 12.23 -22.92 -10.26
N VAL B 744 12.36 -22.96 -11.57
CA VAL B 744 11.39 -22.34 -12.47
C VAL B 744 10.97 -23.36 -13.52
N GLY B 745 9.93 -23.00 -14.27
CA GLY B 745 9.46 -23.85 -15.33
C GLY B 745 8.94 -25.18 -14.79
N GLY B 746 8.95 -26.17 -15.67
CA GLY B 746 8.50 -27.50 -15.33
C GLY B 746 9.53 -28.54 -15.75
N ASN B 747 9.24 -29.78 -15.35
CA ASN B 747 10.14 -30.87 -15.67
C ASN B 747 10.25 -31.04 -17.18
N LEU B 748 11.48 -30.91 -17.70
CA LEU B 748 11.72 -31.10 -19.12
C LEU B 748 11.38 -32.52 -19.53
N ASP B 749 12.07 -33.49 -18.94
CA ASP B 749 11.80 -34.89 -19.16
C ASP B 749 10.93 -35.43 -18.02
N SER B 750 10.72 -36.74 -18.01
CA SER B 750 9.91 -37.38 -16.97
C SER B 750 10.52 -38.73 -16.67
N LYS B 751 11.01 -38.90 -15.45
CA LYS B 751 11.60 -40.15 -14.99
C LYS B 751 10.96 -40.52 -13.65
N GLY B 752 11.33 -41.69 -13.15
CA GLY B 752 10.77 -42.16 -11.91
C GLY B 752 11.71 -43.02 -11.10
N TYR B 753 11.88 -42.68 -9.82
CA TYR B 753 12.59 -43.52 -8.88
C TYR B 753 11.62 -44.56 -8.32
N GLY B 754 11.95 -45.83 -8.54
CA GLY B 754 11.17 -46.93 -8.01
C GLY B 754 12.06 -47.95 -7.35
N ILE B 755 11.43 -48.83 -6.58
CA ILE B 755 12.19 -49.86 -5.88
C ILE B 755 12.84 -50.80 -6.89
N ALA B 756 13.86 -51.52 -6.42
CA ALA B 756 14.55 -52.50 -7.23
C ALA B 756 14.57 -53.83 -6.48
N THR B 757 14.80 -54.90 -7.22
CA THR B 757 14.82 -56.24 -6.66
C THR B 757 15.38 -57.20 -7.70
N PRO B 758 16.16 -58.22 -7.31
CA PRO B 758 16.74 -59.13 -8.31
C PRO B 758 15.69 -59.70 -9.26
N LYS B 759 16.13 -60.22 -10.41
CA LYS B 759 15.21 -60.69 -11.42
C LYS B 759 14.19 -61.67 -10.83
N GLY B 760 14.69 -62.77 -10.25
CA GLY B 760 13.81 -63.74 -9.62
C GLY B 760 13.80 -63.59 -8.11
N SER B 761 12.70 -63.08 -7.56
CA SER B 761 12.59 -62.85 -6.13
C SER B 761 11.16 -63.18 -5.71
N SER B 762 10.82 -62.79 -4.48
CA SER B 762 9.50 -63.03 -3.92
C SER B 762 8.83 -61.76 -3.43
N LEU B 763 9.57 -60.66 -3.27
CA LEU B 763 8.99 -59.40 -2.82
C LEU B 763 8.54 -58.51 -3.96
N GLY B 764 8.90 -58.84 -5.20
CA GLY B 764 8.54 -58.04 -6.34
C GLY B 764 7.09 -57.60 -6.33
N ASN B 765 6.17 -58.58 -6.29
CA ASN B 765 4.76 -58.25 -6.32
C ASN B 765 4.32 -57.56 -5.03
N ALA B 766 4.78 -58.06 -3.88
CA ALA B 766 4.41 -57.43 -2.61
C ALA B 766 4.84 -55.97 -2.57
N VAL B 767 6.07 -55.69 -3.01
CA VAL B 767 6.57 -54.32 -2.99
C VAL B 767 5.86 -53.47 -4.02
N ASN B 768 5.65 -54.01 -5.22
CA ASN B 768 4.90 -53.28 -6.24
C ASN B 768 3.51 -52.90 -5.74
N LEU B 769 2.89 -53.75 -4.92
CA LEU B 769 1.57 -53.48 -4.40
C LEU B 769 1.62 -52.47 -3.25
N ALA B 770 2.61 -52.61 -2.37
CA ALA B 770 2.75 -51.67 -1.26
C ALA B 770 3.03 -50.26 -1.78
N VAL B 771 3.75 -50.15 -2.89
CA VAL B 771 4.05 -48.82 -3.44
C VAL B 771 2.75 -48.12 -3.81
N LEU B 772 1.87 -48.81 -4.54
CA LEU B 772 0.59 -48.21 -4.89
C LEU B 772 -0.27 -47.96 -3.65
N LYS B 773 -0.21 -48.87 -2.69
CA LYS B 773 -0.95 -48.67 -1.45
C LYS B 773 -0.55 -47.36 -0.79
N LEU B 774 0.75 -47.08 -0.74
CA LEU B 774 1.21 -45.84 -0.12
C LEU B 774 0.86 -44.64 -0.99
N ASN B 775 1.08 -44.74 -2.31
CA ASN B 775 0.76 -43.63 -3.20
C ASN B 775 -0.71 -43.24 -3.09
N GLU B 776 -1.58 -44.21 -2.84
CA GLU B 776 -3.00 -43.93 -2.67
C GLU B 776 -3.35 -43.53 -1.25
N GLN B 777 -2.56 -43.93 -0.26
CA GLN B 777 -2.82 -43.60 1.13
C GLN B 777 -2.38 -42.20 1.51
N GLY B 778 -1.89 -41.42 0.56
CA GLY B 778 -1.41 -40.08 0.88
C GLY B 778 -0.25 -40.09 1.84
N LEU B 779 0.67 -41.04 1.67
CA LEU B 779 1.81 -41.21 2.56
C LEU B 779 3.12 -40.76 1.94
N LEU B 780 3.35 -41.06 0.67
CA LEU B 780 4.57 -40.60 0.02
C LEU B 780 4.63 -39.07 0.01
N ASP B 781 3.51 -38.42 -0.29
CA ASP B 781 3.46 -36.97 -0.23
C ASP B 781 3.70 -36.48 1.19
N LYS B 782 3.21 -37.21 2.19
CA LYS B 782 3.46 -36.83 3.57
C LYS B 782 4.95 -36.84 3.87
N LEU B 783 5.63 -37.95 3.57
CA LEU B 783 7.05 -38.04 3.83
C LEU B 783 7.82 -36.98 3.05
N LYS B 784 7.38 -36.69 1.82
CA LYS B 784 8.06 -35.66 1.03
C LYS B 784 7.92 -34.30 1.68
N ASN B 785 6.69 -33.90 2.01
CA ASN B 785 6.49 -32.64 2.70
C ASN B 785 7.32 -32.56 3.97
N LYS B 786 7.46 -33.69 4.66
CA LYS B 786 8.25 -33.72 5.88
C LYS B 786 9.71 -33.41 5.58
N TRP B 787 10.32 -34.17 4.68
CA TRP B 787 11.76 -34.12 4.46
C TRP B 787 12.19 -33.03 3.48
N TRP B 788 11.25 -32.29 2.90
CA TRP B 788 11.57 -31.24 1.95
C TRP B 788 11.08 -29.86 2.39
N TYR B 789 9.85 -29.78 2.90
CA TYR B 789 9.20 -28.50 3.18
C TYR B 789 9.02 -28.24 4.67
N ASP B 790 8.45 -29.19 5.40
CA ASP B 790 8.38 -29.03 6.86
C ASP B 790 9.77 -28.87 7.45
N LYS B 791 10.68 -29.78 7.10
CA LYS B 791 12.08 -29.63 7.49
C LYS B 791 12.72 -28.41 6.85
N GLY B 792 12.16 -27.92 5.75
CA GLY B 792 12.73 -26.79 5.03
C GLY B 792 12.98 -25.59 5.92
N GLU B 793 14.10 -24.92 5.68
CA GLU B 793 14.44 -23.71 6.40
C GLU B 793 13.80 -22.46 5.80
N CYS B 794 13.51 -22.48 4.50
CA CYS B 794 13.04 -21.29 3.79
C CYS B 794 11.52 -21.15 3.93
N GLY B 795 11.02 -21.23 5.16
CA GLY B 795 9.59 -21.16 5.38
C GLY B 795 9.01 -19.77 5.24
N SER B 796 9.86 -18.74 5.24
CA SER B 796 9.38 -17.37 5.12
C SER B 796 9.08 -17.02 3.67
N GLY B 797 10.08 -17.13 2.79
CA GLY B 797 9.90 -16.83 1.39
C GLY B 797 10.66 -17.79 0.49
N THR B 805 9.67 0.93 1.74
CA THR B 805 10.43 0.33 2.83
C THR B 805 11.83 0.91 2.88
N SER B 806 12.59 0.72 1.81
CA SER B 806 13.95 1.24 1.71
C SER B 806 13.93 2.66 1.15
N ALA B 807 15.05 3.35 1.33
CA ALA B 807 15.17 4.72 0.84
C ALA B 807 15.30 4.72 -0.67
N LEU B 808 15.52 5.91 -1.23
CA LEU B 808 15.59 6.10 -2.67
C LEU B 808 16.93 6.73 -3.02
N SER B 809 17.76 5.97 -3.73
CA SER B 809 19.09 6.42 -4.09
C SER B 809 19.03 7.36 -5.30
N LEU B 810 20.14 8.04 -5.54
CA LEU B 810 20.21 8.98 -6.66
C LEU B 810 20.15 8.27 -8.00
N SER B 811 20.75 7.07 -8.08
CA SER B 811 20.78 6.35 -9.35
C SER B 811 19.40 6.18 -9.96
N ASN B 812 18.35 6.25 -9.15
CA ASN B 812 16.99 6.11 -9.67
C ASN B 812 16.52 7.34 -10.42
N VAL B 813 17.17 8.49 -10.23
CA VAL B 813 16.67 9.75 -10.77
C VAL B 813 17.77 10.53 -11.49
N ALA B 814 18.90 9.88 -11.74
CA ALA B 814 20.01 10.59 -12.38
C ALA B 814 19.61 11.14 -13.74
N GLY B 815 18.77 10.40 -14.47
CA GLY B 815 18.34 10.87 -15.77
C GLY B 815 17.64 12.22 -15.69
N VAL B 816 16.96 12.49 -14.58
CA VAL B 816 16.29 13.78 -14.43
C VAL B 816 17.30 14.91 -14.43
N PHE B 817 18.37 14.76 -13.66
CA PHE B 817 19.39 15.80 -13.61
C PHE B 817 20.14 15.89 -14.92
N TYR B 818 20.35 14.77 -15.60
CA TYR B 818 20.95 14.81 -16.93
C TYR B 818 20.10 15.65 -17.88
N ILE B 819 18.80 15.37 -17.90
CA ILE B 819 17.88 16.15 -18.74
C ILE B 819 17.91 17.62 -18.36
N LEU B 820 17.96 17.90 -17.06
CA LEU B 820 17.99 19.28 -16.62
C LEU B 820 19.21 20.00 -17.16
N VAL B 821 20.39 19.40 -16.97
CA VAL B 821 21.62 20.03 -17.44
C VAL B 821 21.60 20.18 -18.95
N GLY B 822 21.03 19.20 -19.65
CA GLY B 822 20.93 19.28 -21.09
C GLY B 822 20.13 20.48 -21.53
N GLY B 823 18.88 20.54 -21.08
CA GLY B 823 18.04 21.69 -21.39
C GLY B 823 18.67 23.00 -20.96
N LEU B 824 19.44 22.97 -19.87
CA LEU B 824 20.03 24.19 -19.36
C LEU B 824 21.11 24.70 -20.31
N GLY B 825 22.07 23.85 -20.65
CA GLY B 825 23.08 24.24 -21.62
C GLY B 825 22.48 24.63 -22.96
N LEU B 826 21.37 23.98 -23.33
CA LEU B 826 20.72 24.32 -24.59
C LEU B 826 20.16 25.74 -24.55
N ALA B 827 19.38 26.05 -23.51
CA ALA B 827 18.87 27.40 -23.37
C ALA B 827 19.99 28.41 -23.30
N MET B 828 21.10 28.02 -22.67
CA MET B 828 22.22 28.93 -22.53
C MET B 828 22.85 29.26 -23.88
N LEU B 829 23.09 28.23 -24.70
CA LEU B 829 23.61 28.46 -26.04
C LEU B 829 22.65 29.29 -26.87
N VAL B 830 21.35 29.00 -26.74
CA VAL B 830 20.35 29.78 -27.47
C VAL B 830 20.46 31.25 -27.09
N ALA B 831 20.55 31.53 -25.79
CA ALA B 831 20.66 32.91 -25.34
C ALA B 831 21.94 33.57 -25.86
N LEU B 832 23.04 32.81 -25.87
CA LEU B 832 24.31 33.37 -26.34
C LEU B 832 24.21 33.79 -27.80
N ILE B 833 23.64 32.91 -28.64
CA ILE B 833 23.57 33.24 -30.06
C ILE B 833 22.56 34.37 -30.28
N GLU B 834 21.44 34.35 -29.56
CA GLU B 834 20.48 35.43 -29.67
C GLU B 834 21.11 36.76 -29.30
N PHE B 835 21.99 36.76 -28.29
CA PHE B 835 22.67 37.99 -27.89
C PHE B 835 23.65 38.44 -28.97
N CYS B 836 24.48 37.51 -29.44
CA CYS B 836 25.46 37.88 -30.48
C CYS B 836 24.79 38.33 -31.75
N TYR B 837 23.53 37.97 -31.97
CA TYR B 837 22.80 38.47 -33.14
C TYR B 837 22.16 39.82 -32.84
N LYS B 838 21.46 39.94 -31.71
CA LYS B 838 20.74 41.16 -31.39
C LYS B 838 21.70 42.33 -31.22
N SER B 839 22.71 42.17 -30.37
CA SER B 839 23.67 43.26 -30.16
C SER B 839 24.41 43.58 -31.45
N ARG B 840 24.77 42.55 -32.23
CA ARG B 840 25.47 42.78 -33.47
C ARG B 840 24.63 43.64 -34.42
N ALA B 841 23.36 43.29 -34.58
CA ALA B 841 22.49 44.05 -35.47
C ALA B 841 22.27 45.47 -34.94
N GLU B 842 22.06 45.61 -33.63
CA GLU B 842 21.77 46.93 -33.07
C GLU B 842 22.99 47.85 -33.17
N ALA B 843 24.19 47.31 -33.03
CA ALA B 843 25.40 48.12 -33.13
C ALA B 843 25.74 48.42 -34.59
N LYS B 844 25.94 47.37 -35.38
CA LYS B 844 26.22 47.56 -36.79
C LYS B 844 25.09 48.28 -37.52
N ARG B 845 23.87 48.21 -36.99
CA ARG B 845 22.73 48.86 -37.61
C ARG B 845 21.76 49.39 -36.56
N ALA C 2 7.82 19.62 22.82
CA ALA C 2 9.10 20.17 22.42
C ALA C 2 8.89 21.33 21.43
N PHE C 3 7.81 21.24 20.66
CA PHE C 3 7.42 22.31 19.75
C PHE C 3 6.11 22.96 20.17
N THR C 4 5.05 22.16 20.30
CA THR C 4 3.80 22.62 20.91
C THR C 4 3.14 23.76 20.15
N PHE C 5 3.66 24.10 18.98
CA PHE C 5 3.03 25.03 18.06
C PHE C 5 3.10 26.48 18.54
N ALA C 6 3.55 26.71 19.76
CA ALA C 6 3.71 28.07 20.25
C ALA C 6 5.12 28.60 20.01
N ALA C 7 6.10 27.70 20.02
CA ALA C 7 7.45 28.09 19.64
C ALA C 7 7.46 28.67 18.23
N PHE C 8 6.58 28.20 17.35
CA PHE C 8 6.52 28.74 16.00
C PHE C 8 6.07 30.20 16.02
N CYS C 9 4.97 30.48 16.73
CA CYS C 9 4.50 31.86 16.83
C CYS C 9 5.56 32.74 17.48
N TYR C 10 6.29 32.20 18.46
CA TYR C 10 7.33 33.00 19.10
C TYR C 10 8.47 33.29 18.13
N MET C 11 8.90 32.29 17.35
CA MET C 11 9.93 32.53 16.36
C MET C 11 9.49 33.57 15.34
N LEU C 12 8.23 33.50 14.92
CA LEU C 12 7.72 34.44 13.93
C LEU C 12 7.71 35.86 14.49
N SER C 13 7.15 36.02 15.69
CA SER C 13 7.16 37.33 16.32
C SER C 13 8.58 37.82 16.55
N LEU C 14 9.52 36.89 16.78
CA LEU C 14 10.91 37.28 16.97
C LEU C 14 11.49 37.85 15.69
N VAL C 15 11.31 37.15 14.57
CA VAL C 15 11.86 37.64 13.31
C VAL C 15 11.19 38.93 12.89
N LEU C 16 9.93 39.14 13.29
CA LEU C 16 9.25 40.38 12.93
C LEU C 16 9.70 41.54 13.80
N CYS C 17 9.85 41.32 15.11
CA CYS C 17 10.35 42.37 15.97
C CYS C 17 11.80 42.71 15.65
N ALA C 18 12.55 41.75 15.11
CA ALA C 18 13.91 42.04 14.68
C ALA C 18 13.93 43.12 13.60
N ALA C 19 12.90 43.16 12.77
CA ALA C 19 12.78 44.23 11.78
C ALA C 19 12.16 45.48 12.40
N LEU C 20 11.24 45.30 13.34
CA LEU C 20 10.62 46.44 13.99
C LEU C 20 11.65 47.31 14.71
N ILE C 21 12.64 46.67 15.34
CA ILE C 21 13.62 47.46 16.09
C ILE C 21 14.43 48.33 15.14
N PHE C 22 14.83 47.79 14.00
CA PHE C 22 15.55 48.61 13.02
C PHE C 22 14.65 49.67 12.43
N PHE C 23 13.37 49.35 12.24
CA PHE C 23 12.39 50.33 11.81
C PHE C 23 12.37 51.53 12.74
N ALA C 24 12.27 51.26 14.05
CA ALA C 24 12.20 52.35 15.03
C ALA C 24 13.53 53.09 15.15
N ILE C 25 14.65 52.38 15.01
CA ILE C 25 15.94 53.05 15.03
C ILE C 25 16.06 54.01 13.86
N TRP C 26 15.60 53.59 12.68
CA TRP C 26 15.60 54.47 11.53
C TRP C 26 14.67 55.66 11.75
N HIS C 27 13.52 55.42 12.38
CA HIS C 27 12.64 56.52 12.76
C HIS C 27 13.39 57.54 13.61
N ILE C 28 14.06 57.07 14.66
CA ILE C 28 14.74 57.96 15.59
C ILE C 28 15.83 58.74 14.87
N ILE C 29 16.61 58.07 14.02
CA ILE C 29 17.70 58.75 13.34
C ILE C 29 17.16 59.75 12.33
N ALA C 30 16.05 59.42 11.67
CA ALA C 30 15.42 60.37 10.76
C ALA C 30 14.95 61.61 11.51
N PHE C 31 14.38 61.42 12.70
CA PHE C 31 13.97 62.57 13.50
C PHE C 31 15.19 63.41 13.91
N ASP C 32 16.27 62.75 14.29
CA ASP C 32 17.49 63.46 14.64
C ASP C 32 17.99 64.30 13.47
N GLU C 33 17.97 63.73 12.27
CA GLU C 33 18.44 64.46 11.09
C GLU C 33 17.49 65.59 10.74
N LEU C 34 16.18 65.39 10.92
CA LEU C 34 15.20 66.41 10.62
C LEU C 34 15.22 67.54 11.65
N ARG C 35 15.79 67.29 12.84
CA ARG C 35 15.87 68.30 13.88
C ARG C 35 16.57 69.57 13.40
N THR C 36 17.23 69.49 12.25
CA THR C 36 17.92 70.66 11.69
C THR C 36 17.03 71.90 11.67
N ASP C 37 15.72 71.71 11.59
CA ASP C 37 14.79 72.84 11.57
C ASP C 37 15.06 73.82 12.69
N ALA C 50 17.77 75.89 0.37
CA ALA C 50 16.31 75.91 0.43
C ALA C 50 15.74 74.61 -0.15
N ARG C 51 15.90 74.44 -1.46
CA ARG C 51 15.39 73.23 -2.10
C ARG C 51 16.04 71.98 -1.53
N GLU C 52 17.31 72.08 -1.14
CA GLU C 52 18.00 70.92 -0.57
C GLU C 52 17.30 70.45 0.71
N ARG C 53 17.01 71.38 1.63
CA ARG C 53 16.33 71.02 2.85
C ARG C 53 14.89 70.58 2.58
N LEU C 54 14.21 71.28 1.67
CA LEU C 54 12.86 70.87 1.30
C LEU C 54 12.81 69.42 0.85
N ARG C 55 13.77 69.02 0.00
CA ARG C 55 13.81 67.64 -0.47
C ARG C 55 14.19 66.69 0.66
N ASN C 56 15.26 67.01 1.40
CA ASN C 56 15.67 66.16 2.51
C ASN C 56 14.55 65.95 3.52
N ILE C 57 13.57 66.85 3.56
CA ILE C 57 12.43 66.70 4.47
C ILE C 57 11.29 65.92 3.81
N GLU C 58 10.96 66.27 2.56
CA GLU C 58 9.80 65.66 1.93
C GLU C 58 10.05 64.21 1.55
N ARG C 59 11.24 63.90 1.02
CA ARG C 59 11.54 62.54 0.63
C ARG C 59 11.53 61.59 1.82
N ILE C 60 11.77 62.12 3.02
CA ILE C 60 11.76 61.30 4.23
C ILE C 60 10.36 61.24 4.83
N CYS C 61 9.63 62.35 4.81
CA CYS C 61 8.22 62.30 5.22
C CYS C 61 7.45 61.33 4.35
N PHE C 62 7.88 61.15 3.11
CA PHE C 62 7.28 60.12 2.24
C PHE C 62 7.36 58.75 2.90
N LEU C 63 8.59 58.31 3.22
CA LEU C 63 8.76 57.02 3.87
C LEU C 63 8.02 56.95 5.19
N LEU C 64 8.03 58.05 5.95
CA LEU C 64 7.34 58.07 7.24
C LEU C 64 5.85 57.79 7.06
N ARG C 65 5.17 58.66 6.32
CA ARG C 65 3.75 58.47 6.06
C ARG C 65 3.46 57.13 5.41
N LYS C 66 4.44 56.55 4.71
CA LYS C 66 4.22 55.26 4.06
C LYS C 66 4.20 54.13 5.07
N LEU C 67 5.31 53.95 5.80
CA LEU C 67 5.49 52.80 6.69
C LEU C 67 4.67 53.00 7.96
N VAL C 68 3.35 52.89 7.80
CA VAL C 68 2.39 52.98 8.89
C VAL C 68 1.54 51.73 9.00
N LEU C 69 1.01 51.26 7.87
CA LEU C 69 0.23 50.03 7.87
C LEU C 69 1.00 48.82 8.36
N PRO C 70 2.31 48.69 8.10
CA PRO C 70 3.02 47.48 8.56
C PRO C 70 2.91 47.26 10.06
N GLU C 71 3.04 48.31 10.87
CA GLU C 71 2.93 48.17 12.30
C GLU C 71 1.58 47.59 12.69
N TYR C 72 0.50 48.22 12.21
CA TYR C 72 -0.84 47.72 12.50
C TYR C 72 -0.97 46.26 12.10
N SER C 73 -0.53 45.92 10.89
CA SER C 73 -0.69 44.57 10.39
C SER C 73 0.03 43.56 11.28
N ILE C 74 1.32 43.80 11.54
CA ILE C 74 2.10 42.82 12.29
C ILE C 74 1.61 42.73 13.73
N HIS C 75 1.13 43.84 14.29
CA HIS C 75 0.65 43.79 15.67
C HIS C 75 -0.65 43.01 15.77
N SER C 76 -1.58 43.26 14.85
CA SER C 76 -2.79 42.46 14.81
C SER C 76 -2.46 41.00 14.56
N LEU C 77 -1.41 40.73 13.80
CA LEU C 77 -0.98 39.36 13.56
C LEU C 77 -0.49 38.71 14.85
N PHE C 78 0.36 39.41 15.60
CA PHE C 78 0.79 38.92 16.90
C PHE C 78 -0.41 38.60 17.77
N CYS C 79 -1.37 39.53 17.83
CA CYS C 79 -2.55 39.33 18.67
C CYS C 79 -3.30 38.08 18.24
N ILE C 80 -3.60 37.95 16.95
CA ILE C 80 -4.36 36.82 16.46
C ILE C 80 -3.65 35.51 16.77
N MET C 81 -2.33 35.48 16.54
CA MET C 81 -1.57 34.26 16.76
C MET C 81 -1.60 33.87 18.22
N PHE C 82 -1.17 34.77 19.10
CA PHE C 82 -1.15 34.46 20.52
C PHE C 82 -2.54 34.21 21.08
N LEU C 83 -3.59 34.63 20.36
CA LEU C 83 -4.94 34.27 20.76
C LEU C 83 -5.28 32.84 20.34
N CYS C 84 -4.88 32.45 19.13
CA CYS C 84 -5.18 31.11 18.64
C CYS C 84 -4.26 30.06 19.25
N ALA C 85 -3.12 30.45 19.81
CA ALA C 85 -2.20 29.53 20.45
C ALA C 85 -2.50 29.36 21.93
N GLN C 86 -3.62 29.90 22.42
CA GLN C 86 -3.99 29.82 23.83
C GLN C 86 -2.94 30.47 24.72
N GLU C 87 -2.10 31.33 24.17
CA GLU C 87 -1.08 32.04 24.94
C GLU C 87 -1.66 33.38 25.38
N TRP C 88 -2.30 33.38 26.55
CA TRP C 88 -2.96 34.58 27.04
C TRP C 88 -2.00 35.49 27.81
N LEU C 89 -1.06 34.91 28.54
CA LEU C 89 -0.16 35.71 29.38
C LEU C 89 0.59 36.75 28.56
N THR C 90 0.76 36.50 27.26
CA THR C 90 1.50 37.41 26.40
C THR C 90 0.61 38.31 25.55
N LEU C 91 -0.67 37.97 25.43
CA LEU C 91 -1.58 38.81 24.64
C LEU C 91 -1.87 40.12 25.36
N GLY C 92 -2.03 40.07 26.68
CA GLY C 92 -2.24 41.28 27.45
C GLY C 92 -1.09 42.26 27.36
N LEU C 93 0.10 41.76 27.03
CA LEU C 93 1.25 42.63 26.78
C LEU C 93 1.19 43.28 25.42
N ASN C 94 0.13 43.05 24.65
CA ASN C 94 0.04 43.56 23.28
C ASN C 94 -1.25 44.35 23.08
N VAL C 95 -2.32 43.97 23.74
CA VAL C 95 -3.60 44.65 23.55
C VAL C 95 -3.50 46.14 23.86
N PRO C 96 -2.68 46.58 24.83
CA PRO C 96 -2.58 48.03 25.04
C PRO C 96 -2.01 48.75 23.83
N LEU C 97 -1.07 48.14 23.12
CA LEU C 97 -0.58 48.72 21.89
C LEU C 97 -1.66 48.75 20.83
N LEU C 98 -2.56 47.76 20.83
CA LEU C 98 -3.68 47.80 19.90
C LEU C 98 -4.58 49.00 20.20
N PHE C 99 -4.85 49.24 21.48
CA PHE C 99 -5.65 50.42 21.84
C PHE C 99 -4.92 51.70 21.44
N TYR C 100 -3.61 51.75 21.65
CA TYR C 100 -2.83 52.91 21.25
C TYR C 100 -2.94 53.15 19.74
N HIS C 101 -2.88 52.08 18.95
CA HIS C 101 -2.92 52.22 17.51
C HIS C 101 -4.32 52.62 17.05
N PHE C 102 -5.35 52.13 17.72
CA PHE C 102 -6.71 52.59 17.43
C PHE C 102 -6.84 54.08 17.71
N TRP C 103 -6.31 54.53 18.85
CA TRP C 103 -6.37 55.95 19.17
C TRP C 103 -5.58 56.78 18.16
N ARG C 104 -4.46 56.23 17.68
CA ARG C 104 -3.68 56.93 16.66
C ARG C 104 -4.46 57.06 15.37
N TYR C 105 -5.07 55.96 14.92
CA TYR C 105 -5.91 56.02 13.73
C TYR C 105 -7.03 57.04 13.90
N PHE C 106 -7.61 57.11 15.10
CA PHE C 106 -8.63 58.12 15.38
C PHE C 106 -8.06 59.51 15.20
N HIS C 107 -7.05 59.85 15.98
CA HIS C 107 -6.42 61.17 15.94
C HIS C 107 -4.92 61.00 16.16
N CYS C 108 -4.13 61.41 15.17
CA CYS C 108 -2.68 61.33 15.25
C CYS C 108 -2.08 62.65 14.77
N PRO C 109 -1.16 63.26 15.53
CA PRO C 109 -0.55 64.53 15.08
C PRO C 109 0.56 64.27 14.07
N ALA C 110 0.29 64.62 12.81
CA ALA C 110 1.28 64.46 11.75
C ALA C 110 0.78 65.10 10.46
N ASP C 126 6.44 71.03 18.96
CA ASP C 126 5.10 70.87 18.41
C ASP C 126 4.79 69.41 18.16
N THR C 127 5.39 68.85 17.11
CA THR C 127 5.20 67.45 16.74
C THR C 127 6.44 66.60 16.88
N LEU C 128 7.63 67.20 16.89
CA LEU C 128 8.85 66.40 17.01
C LEU C 128 8.96 65.77 18.39
N SER C 129 8.57 66.50 19.44
CA SER C 129 8.66 65.96 20.79
C SER C 129 7.76 64.75 20.95
N TYR C 130 6.48 64.89 20.61
CA TYR C 130 5.54 63.77 20.72
C TYR C 130 5.99 62.59 19.87
N CYS C 131 6.45 62.87 18.65
CA CYS C 131 6.84 61.79 17.74
C CYS C 131 8.04 61.04 18.28
N GLN C 132 9.08 61.76 18.74
CA GLN C 132 10.25 61.10 19.27
C GLN C 132 9.91 60.34 20.56
N LYS C 133 9.01 60.90 21.37
CA LYS C 133 8.61 60.21 22.60
C LYS C 133 7.94 58.88 22.27
N GLU C 134 6.95 58.89 21.38
CA GLU C 134 6.27 57.65 21.04
C GLU C 134 7.23 56.68 20.35
N ALA C 135 8.14 57.20 19.53
CA ALA C 135 9.11 56.33 18.87
C ALA C 135 9.99 55.63 19.89
N TRP C 136 10.53 56.38 20.85
CA TRP C 136 11.38 55.78 21.87
C TRP C 136 10.62 54.77 22.71
N CYS C 137 9.40 55.11 23.11
CA CYS C 137 8.62 54.20 23.95
C CYS C 137 8.32 52.91 23.19
N LYS C 138 7.91 53.02 21.92
CA LYS C 138 7.61 51.83 21.14
C LYS C 138 8.87 51.01 20.88
N LEU C 139 10.01 51.68 20.68
CA LEU C 139 11.26 50.95 20.47
C LEU C 139 11.61 50.14 21.71
N ALA C 140 11.50 50.75 22.89
CA ALA C 140 11.77 50.02 24.12
C ALA C 140 10.79 48.87 24.29
N PHE C 141 9.52 49.11 23.99
CA PHE C 141 8.51 48.06 24.11
C PHE C 141 8.86 46.88 23.20
N TYR C 142 9.25 47.16 21.96
CA TYR C 142 9.57 46.08 21.03
C TYR C 142 10.85 45.36 21.45
N LEU C 143 11.86 46.10 21.92
CA LEU C 143 13.09 45.46 22.37
C LEU C 143 12.82 44.56 23.56
N LEU C 144 11.88 44.93 24.43
CA LEU C 144 11.55 44.09 25.58
C LEU C 144 10.73 42.88 25.15
N SER C 145 9.77 43.09 24.26
CA SER C 145 9.00 41.97 23.74
C SER C 145 9.89 40.97 23.02
N PHE C 146 11.00 41.44 22.44
CA PHE C 146 11.99 40.55 21.86
C PHE C 146 12.46 39.53 22.88
N PHE C 147 13.02 40.01 24.00
CA PHE C 147 13.51 39.11 25.03
C PHE C 147 12.38 38.27 25.62
N TYR C 148 11.19 38.85 25.73
CA TYR C 148 10.06 38.11 26.28
C TYR C 148 9.74 36.89 25.41
N TYR C 149 9.56 37.13 24.10
CA TYR C 149 9.29 36.04 23.18
C TYR C 149 10.43 35.03 23.17
N LEU C 150 11.67 35.51 23.25
CA LEU C 150 12.82 34.62 23.22
C LEU C 150 12.79 33.68 24.42
N TYR C 151 12.61 34.24 25.62
CA TYR C 151 12.57 33.41 26.81
C TYR C 151 11.37 32.47 26.78
N CYS C 152 10.24 32.93 26.26
CA CYS C 152 9.07 32.06 26.20
C CYS C 152 9.32 30.88 25.28
N MET C 153 9.92 31.12 24.12
CA MET C 153 10.27 30.02 23.22
C MET C 153 11.24 29.08 23.89
N ILE C 154 12.26 29.62 24.55
CA ILE C 154 13.25 28.77 25.20
C ILE C 154 12.60 27.89 26.26
N TYR C 155 11.65 28.46 27.01
CA TYR C 155 10.98 27.70 28.05
C TYR C 155 10.05 26.65 27.47
N THR C 156 9.41 26.96 26.34
CA THR C 156 8.47 26.03 25.73
C THR C 156 9.18 24.90 25.00
N LEU C 157 10.39 25.14 24.51
CA LEU C 157 11.08 24.12 23.72
C LEU C 157 11.53 22.96 24.58
N VAL C 158 11.97 23.25 25.81
CA VAL C 158 12.51 22.24 26.70
C VAL C 158 11.55 21.93 27.85
N SER C 159 10.26 22.16 27.65
CA SER C 159 9.25 21.86 28.66
C SER C 159 8.88 20.38 28.71
N SER C 160 9.61 19.53 27.99
CA SER C 160 9.34 18.09 28.01
C SER C 160 9.61 17.51 29.39
N ALA D 2 27.77 5.86 -10.03
CA ALA D 2 28.96 6.68 -10.24
C ALA D 2 28.57 8.13 -10.45
N PHE D 3 27.96 8.73 -9.43
CA PHE D 3 27.50 10.11 -9.50
C PHE D 3 28.27 11.02 -8.55
N THR D 4 28.28 10.71 -7.25
CA THR D 4 29.14 11.33 -6.24
C THR D 4 28.71 12.76 -5.89
N PHE D 5 27.72 13.33 -6.58
CA PHE D 5 27.25 14.69 -6.34
C PHE D 5 28.27 15.72 -6.84
N ALA D 6 29.46 15.27 -7.23
CA ALA D 6 30.45 16.15 -7.80
C ALA D 6 30.35 16.24 -9.31
N ALA D 7 29.78 15.21 -9.94
CA ALA D 7 29.58 15.26 -11.38
C ALA D 7 28.56 16.32 -11.75
N PHE D 8 27.47 16.40 -11.00
CA PHE D 8 26.47 17.45 -11.23
C PHE D 8 27.11 18.83 -11.10
N CYS D 9 27.86 19.03 -10.02
CA CYS D 9 28.52 20.32 -9.80
C CYS D 9 29.48 20.63 -10.93
N TYR D 10 30.26 19.65 -11.38
CA TYR D 10 31.24 19.91 -12.43
C TYR D 10 30.57 20.23 -13.75
N MET D 11 29.51 19.51 -14.10
CA MET D 11 28.84 19.78 -15.37
C MET D 11 28.16 21.14 -15.34
N LEU D 12 27.52 21.48 -14.23
CA LEU D 12 26.97 22.83 -14.07
C LEU D 12 28.06 23.88 -14.20
N SER D 13 29.22 23.60 -13.61
CA SER D 13 30.33 24.56 -13.63
C SER D 13 30.80 24.81 -15.05
N LEU D 14 30.98 23.74 -15.84
CA LEU D 14 31.43 23.95 -17.22
C LEU D 14 30.34 24.60 -18.05
N VAL D 15 29.07 24.27 -17.79
CA VAL D 15 27.97 24.97 -18.44
C VAL D 15 28.15 26.48 -18.27
N LEU D 16 28.28 26.91 -17.01
CA LEU D 16 28.43 28.35 -16.76
C LEU D 16 29.72 28.89 -17.35
N CYS D 17 30.80 28.12 -17.30
CA CYS D 17 32.06 28.54 -17.89
C CYS D 17 31.91 28.80 -19.38
N ALA D 18 30.95 28.16 -20.03
CA ALA D 18 30.68 28.45 -21.43
C ALA D 18 30.45 29.94 -21.64
N ALA D 19 29.42 30.50 -20.99
CA ALA D 19 29.15 31.91 -21.13
C ALA D 19 30.21 32.76 -20.48
N LEU D 20 30.95 32.22 -19.51
CA LEU D 20 32.08 32.96 -18.97
C LEU D 20 33.11 33.23 -20.07
N ILE D 21 33.48 32.18 -20.81
CA ILE D 21 34.37 32.34 -21.95
C ILE D 21 33.77 33.31 -22.97
N PHE D 22 32.47 33.16 -23.23
CA PHE D 22 31.79 34.01 -24.20
C PHE D 22 31.93 35.49 -23.81
N PHE D 23 31.62 35.80 -22.56
CA PHE D 23 31.69 37.18 -22.10
C PHE D 23 33.12 37.69 -22.06
N ALA D 24 34.08 36.82 -21.76
CA ALA D 24 35.48 37.23 -21.81
C ALA D 24 35.87 37.64 -23.21
N ILE D 25 35.50 36.82 -24.20
CA ILE D 25 35.83 37.15 -25.59
C ILE D 25 35.10 38.43 -26.00
N TRP D 26 33.87 38.60 -25.55
CA TRP D 26 33.12 39.81 -25.90
C TRP D 26 33.76 41.05 -25.30
N HIS D 27 34.24 40.95 -24.06
CA HIS D 27 34.95 42.08 -23.46
C HIS D 27 36.25 42.36 -24.19
N ILE D 28 36.94 41.31 -24.64
CA ILE D 28 38.16 41.50 -25.43
C ILE D 28 37.84 42.28 -26.70
N ILE D 29 36.76 41.89 -27.38
CA ILE D 29 36.37 42.56 -28.62
C ILE D 29 35.99 44.00 -28.33
N ALA D 30 35.30 44.24 -27.21
CA ALA D 30 34.91 45.60 -26.84
C ALA D 30 36.14 46.46 -26.61
N PHE D 31 37.12 45.92 -25.88
CA PHE D 31 38.34 46.68 -25.64
C PHE D 31 39.09 46.92 -26.94
N ASP D 32 39.07 45.96 -27.87
CA ASP D 32 39.74 46.15 -29.14
C ASP D 32 39.09 47.27 -29.94
N GLU D 33 37.76 47.29 -30.00
CA GLU D 33 37.09 48.35 -30.75
C GLU D 33 37.26 49.70 -30.06
N LEU D 34 37.32 49.71 -28.73
CA LEU D 34 37.60 50.96 -28.03
C LEU D 34 39.01 51.46 -28.34
N ARG D 35 39.98 50.54 -28.41
CA ARG D 35 41.32 50.91 -28.80
C ARG D 35 41.34 51.49 -30.21
N THR D 36 40.61 50.86 -31.13
CA THR D 36 40.51 51.41 -32.48
C THR D 36 39.94 52.82 -32.46
N ASP D 37 38.85 53.02 -31.71
CA ASP D 37 38.26 54.36 -31.60
C ASP D 37 39.27 55.35 -31.05
N PHE D 38 40.09 54.92 -30.10
CA PHE D 38 41.10 55.80 -29.50
C PHE D 38 42.34 55.87 -30.38
N VAL D 48 26.98 63.74 -36.64
CA VAL D 48 28.10 64.00 -35.76
C VAL D 48 28.84 62.70 -35.44
N HIS D 49 30.02 62.53 -36.04
CA HIS D 49 30.81 61.34 -35.77
C HIS D 49 31.20 61.26 -34.31
N ALA D 50 31.50 62.41 -33.70
CA ALA D 50 31.84 62.42 -32.28
C ALA D 50 30.65 61.99 -31.43
N ARG D 51 29.46 62.49 -31.74
CA ARG D 51 28.27 62.07 -31.01
C ARG D 51 28.00 60.58 -31.21
N GLU D 52 28.23 60.06 -32.41
CA GLU D 52 28.01 58.65 -32.66
C GLU D 52 28.99 57.80 -31.85
N ARG D 53 30.27 58.19 -31.83
CA ARG D 53 31.24 57.46 -31.03
C ARG D 53 30.91 57.53 -29.55
N LEU D 54 30.43 58.69 -29.09
CA LEU D 54 30.04 58.82 -27.70
C LEU D 54 28.88 57.89 -27.37
N ARG D 55 27.87 57.83 -28.24
CA ARG D 55 26.74 56.94 -28.00
C ARG D 55 27.19 55.49 -28.00
N ASN D 56 28.08 55.12 -28.92
CA ASN D 56 28.55 53.74 -28.98
C ASN D 56 29.31 53.35 -27.72
N ILE D 57 30.21 54.23 -27.26
CA ILE D 57 30.98 53.91 -26.07
C ILE D 57 30.09 53.92 -24.84
N GLU D 58 29.07 54.78 -24.80
CA GLU D 58 28.12 54.74 -23.69
C GLU D 58 27.38 53.40 -23.67
N ARG D 59 26.93 52.95 -24.84
CA ARG D 59 26.24 51.66 -24.92
C ARG D 59 27.15 50.53 -24.43
N ILE D 60 28.39 50.51 -24.93
CA ILE D 60 29.29 49.41 -24.57
C ILE D 60 29.61 49.43 -23.07
N CYS D 61 29.83 50.63 -22.51
CA CYS D 61 30.12 50.71 -21.09
C CYS D 61 28.92 50.31 -20.26
N PHE D 62 27.71 50.64 -20.73
CA PHE D 62 26.50 50.19 -20.04
C PHE D 62 26.43 48.67 -20.02
N LEU D 63 26.68 48.05 -21.18
CA LEU D 63 26.69 46.58 -21.22
C LEU D 63 27.74 46.01 -20.27
N LEU D 64 28.95 46.56 -20.30
CA LEU D 64 30.00 46.12 -19.38
C LEU D 64 29.52 46.17 -17.94
N ARG D 65 29.10 47.36 -17.49
CA ARG D 65 28.66 47.51 -16.11
C ARG D 65 27.50 46.56 -15.78
N LYS D 66 26.72 46.19 -16.79
CA LYS D 66 25.67 45.20 -16.58
C LYS D 66 26.22 43.78 -16.49
N LEU D 67 27.41 43.55 -17.02
CA LEU D 67 28.02 42.22 -17.05
C LEU D 67 29.11 42.07 -15.99
N VAL D 68 28.92 42.66 -14.82
CA VAL D 68 29.88 42.58 -13.73
C VAL D 68 29.40 41.63 -12.64
N LEU D 69 28.19 41.85 -12.14
CA LEU D 69 27.67 41.00 -11.07
C LEU D 69 27.65 39.52 -11.44
N PRO D 70 27.29 39.12 -12.67
CA PRO D 70 27.23 37.69 -12.97
C PRO D 70 28.54 36.96 -12.75
N GLU D 71 29.67 37.58 -13.09
CA GLU D 71 30.96 36.95 -12.84
C GLU D 71 31.11 36.59 -11.37
N TYR D 72 30.98 37.60 -10.50
CA TYR D 72 31.03 37.37 -9.06
C TYR D 72 30.08 36.26 -8.66
N SER D 73 28.83 36.35 -9.10
CA SER D 73 27.81 35.41 -8.68
C SER D 73 28.20 33.98 -9.01
N ILE D 74 28.51 33.72 -10.29
CA ILE D 74 28.73 32.34 -10.70
C ILE D 74 30.06 31.82 -10.18
N HIS D 75 31.06 32.67 -10.01
CA HIS D 75 32.31 32.17 -9.45
C HIS D 75 32.15 31.84 -7.97
N SER D 76 31.44 32.68 -7.22
CA SER D 76 31.14 32.35 -5.84
C SER D 76 30.33 31.06 -5.75
N LEU D 77 29.43 30.85 -6.71
CA LEU D 77 28.68 29.60 -6.77
C LEU D 77 29.60 28.42 -7.00
N PHE D 78 30.54 28.56 -7.94
CA PHE D 78 31.55 27.53 -8.14
C PHE D 78 32.22 27.18 -6.83
N CYS D 79 32.73 28.19 -6.14
CA CYS D 79 33.48 27.95 -4.91
C CYS D 79 32.61 27.27 -3.86
N ILE D 80 31.39 27.76 -3.67
CA ILE D 80 30.54 27.25 -2.61
C ILE D 80 30.10 25.82 -2.91
N MET D 81 29.86 25.50 -4.18
CA MET D 81 29.45 24.15 -4.53
C MET D 81 30.63 23.19 -4.43
N PHE D 82 31.82 23.64 -4.82
CA PHE D 82 33.01 22.81 -4.61
C PHE D 82 33.20 22.53 -3.13
N LEU D 83 32.95 23.52 -2.28
CA LEU D 83 33.05 23.29 -0.84
C LEU D 83 32.01 22.27 -0.38
N CYS D 84 30.74 22.50 -0.72
CA CYS D 84 29.66 21.64 -0.26
C CYS D 84 29.75 20.22 -0.80
N ALA D 85 30.67 19.94 -1.74
CA ALA D 85 30.85 18.62 -2.28
C ALA D 85 32.07 17.91 -1.72
N GLN D 86 32.65 18.43 -0.64
CA GLN D 86 33.82 17.85 0.00
C GLN D 86 34.99 17.69 -0.98
N GLU D 87 34.99 18.50 -2.04
CA GLU D 87 36.12 18.56 -2.95
C GLU D 87 37.10 19.61 -2.47
N TRP D 88 38.40 19.30 -2.51
CA TRP D 88 39.40 20.18 -1.94
C TRP D 88 40.65 20.30 -2.80
N LEU D 89 40.56 20.01 -4.09
CA LEU D 89 41.66 20.22 -5.01
C LEU D 89 41.38 21.27 -6.07
N THR D 90 40.12 21.46 -6.46
CA THR D 90 39.73 22.49 -7.41
C THR D 90 39.40 23.80 -6.72
N LEU D 91 38.66 23.73 -5.61
CA LEU D 91 38.34 24.92 -4.84
C LEU D 91 39.55 25.80 -4.63
N GLY D 92 40.62 25.23 -4.07
CA GLY D 92 41.84 25.99 -3.84
C GLY D 92 42.37 26.69 -5.07
N LEU D 93 41.94 26.28 -6.25
CA LEU D 93 42.34 26.93 -7.48
C LEU D 93 41.41 28.08 -7.87
N ASN D 94 40.14 27.99 -7.49
CA ASN D 94 39.21 29.09 -7.72
C ASN D 94 39.32 30.17 -6.65
N VAL D 95 39.90 29.87 -5.50
CA VAL D 95 39.97 30.85 -4.42
C VAL D 95 40.75 32.09 -4.84
N PRO D 96 41.96 31.99 -5.39
CA PRO D 96 42.70 33.21 -5.77
C PRO D 96 41.89 34.17 -6.62
N LEU D 97 41.03 33.65 -7.50
CA LEU D 97 40.19 34.53 -8.29
C LEU D 97 39.20 35.29 -7.41
N LEU D 98 38.69 34.63 -6.37
CA LEU D 98 37.81 35.32 -5.42
C LEU D 98 38.58 36.39 -4.66
N PHE D 99 39.82 36.08 -4.28
CA PHE D 99 40.67 37.09 -3.65
C PHE D 99 40.81 38.30 -4.55
N TYR D 100 41.13 38.08 -5.82
CA TYR D 100 41.27 39.18 -6.76
C TYR D 100 39.96 39.96 -6.91
N HIS D 101 38.84 39.24 -6.92
CA HIS D 101 37.54 39.90 -7.03
C HIS D 101 37.31 40.85 -5.86
N PHE D 102 37.44 40.34 -4.64
CA PHE D 102 37.26 41.20 -3.47
C PHE D 102 38.33 42.29 -3.39
N TRP D 103 39.47 42.08 -4.02
CA TRP D 103 40.49 43.12 -4.10
C TRP D 103 40.08 44.24 -5.06
N ARG D 104 39.32 43.88 -6.09
CA ARG D 104 38.96 44.84 -7.13
C ARG D 104 38.17 46.01 -6.56
N TYR D 105 37.36 45.79 -5.52
CA TYR D 105 36.53 46.87 -4.97
C TYR D 105 37.39 48.06 -4.57
N PHE D 106 38.27 47.87 -3.58
CA PHE D 106 39.15 48.95 -3.13
C PHE D 106 40.47 48.97 -3.89
N HIS D 107 40.52 48.35 -5.07
CA HIS D 107 41.61 48.57 -6.01
C HIS D 107 41.22 49.40 -7.21
N CYS D 108 40.07 49.11 -7.82
CA CYS D 108 39.57 49.90 -8.95
C CYS D 108 38.12 50.31 -8.70
N ASN D 124 37.73 56.16 -21.45
CA ASN D 124 39.02 56.02 -20.79
C ASN D 124 40.16 56.04 -21.81
N ALA D 125 41.38 56.29 -21.33
CA ALA D 125 42.54 56.38 -22.20
C ALA D 125 43.76 55.62 -21.70
N ASP D 126 43.83 55.26 -20.42
CA ASP D 126 45.02 54.62 -19.87
C ASP D 126 44.68 53.33 -19.15
N THR D 127 43.46 53.22 -18.62
CA THR D 127 43.08 52.05 -17.84
C THR D 127 42.98 50.81 -18.73
N LEU D 128 42.64 50.99 -20.01
CA LEU D 128 42.49 49.83 -20.89
C LEU D 128 43.80 49.08 -21.04
N SER D 129 44.93 49.76 -20.92
CA SER D 129 46.23 49.11 -21.08
C SER D 129 46.35 47.90 -20.16
N TYR D 130 45.78 47.97 -18.97
CA TYR D 130 45.83 46.86 -18.02
C TYR D 130 44.61 45.95 -18.15
N CYS D 131 43.44 46.55 -18.39
CA CYS D 131 42.23 45.74 -18.55
C CYS D 131 42.37 44.72 -19.67
N GLN D 132 43.13 45.07 -20.72
CA GLN D 132 43.35 44.13 -21.82
C GLN D 132 43.99 42.84 -21.32
N LYS D 133 45.19 42.96 -20.75
CA LYS D 133 45.87 41.77 -20.24
C LYS D 133 45.05 41.09 -19.15
N GLU D 134 44.31 41.87 -18.35
CA GLU D 134 43.47 41.28 -17.32
C GLU D 134 42.46 40.34 -17.94
N ALA D 135 41.70 40.82 -18.93
CA ALA D 135 40.70 39.99 -19.56
C ALA D 135 41.34 38.80 -20.27
N TRP D 136 42.52 39.01 -20.87
CA TRP D 136 43.18 37.91 -21.57
C TRP D 136 43.55 36.80 -20.59
N CYS D 137 44.24 37.14 -19.50
CA CYS D 137 44.63 36.14 -18.52
C CYS D 137 43.41 35.49 -17.89
N LYS D 138 42.34 36.26 -17.68
CA LYS D 138 41.14 35.69 -17.08
C LYS D 138 40.47 34.70 -18.02
N LEU D 139 40.45 35.01 -19.32
CA LEU D 139 39.91 34.07 -20.29
C LEU D 139 40.75 32.80 -20.32
N ALA D 140 42.07 32.94 -20.29
CA ALA D 140 42.92 31.75 -20.25
C ALA D 140 42.62 30.91 -19.02
N PHE D 141 42.48 31.56 -17.86
CA PHE D 141 42.17 30.85 -16.63
C PHE D 141 40.83 30.11 -16.75
N TYR D 142 39.82 30.78 -17.31
CA TYR D 142 38.51 30.16 -17.40
C TYR D 142 38.52 28.99 -18.37
N LEU D 143 39.27 29.09 -19.46
CA LEU D 143 39.38 27.99 -20.41
C LEU D 143 40.08 26.79 -19.78
N LEU D 144 41.21 27.05 -19.12
CA LEU D 144 41.92 26.00 -18.41
C LEU D 144 41.01 25.35 -17.37
N SER D 145 40.21 26.16 -16.67
CA SER D 145 39.31 25.62 -15.66
C SER D 145 38.22 24.78 -16.30
N PHE D 146 37.72 25.19 -17.47
CA PHE D 146 36.74 24.39 -18.17
C PHE D 146 37.30 23.02 -18.51
N PHE D 147 38.50 22.99 -19.09
CA PHE D 147 39.12 21.71 -19.42
C PHE D 147 39.32 20.87 -18.17
N TYR D 148 39.80 21.47 -17.08
CA TYR D 148 40.07 20.71 -15.86
C TYR D 148 38.77 20.18 -15.26
N TYR D 149 37.70 20.97 -15.32
CA TYR D 149 36.42 20.52 -14.78
C TYR D 149 35.87 19.37 -15.59
N LEU D 150 35.98 19.43 -16.92
CA LEU D 150 35.54 18.32 -17.75
C LEU D 150 36.34 17.07 -17.45
N TYR D 151 37.65 17.21 -17.29
CA TYR D 151 38.49 16.05 -16.97
C TYR D 151 38.11 15.45 -15.62
N CYS D 152 37.86 16.31 -14.62
CA CYS D 152 37.44 15.84 -13.31
C CYS D 152 36.13 15.08 -13.41
N MET D 153 35.13 15.67 -14.07
CA MET D 153 33.85 14.99 -14.23
C MET D 153 34.03 13.65 -14.94
N ILE D 154 34.93 13.61 -15.92
CA ILE D 154 35.15 12.37 -16.66
C ILE D 154 35.71 11.29 -15.75
N TYR D 155 36.90 11.53 -15.19
CA TYR D 155 37.54 10.50 -14.39
C TYR D 155 36.94 10.39 -12.99
N THR D 156 35.83 11.09 -12.72
CA THR D 156 35.07 10.87 -11.50
C THR D 156 33.71 10.22 -11.76
N LEU D 157 33.20 10.29 -12.98
CA LEU D 157 31.90 9.72 -13.30
C LEU D 157 31.96 8.22 -13.58
N VAL D 158 33.15 7.63 -13.59
CA VAL D 158 33.35 6.21 -13.84
C VAL D 158 34.34 5.70 -12.80
N SER D 159 33.84 4.95 -11.82
CA SER D 159 34.69 4.44 -10.75
C SER D 159 33.96 3.39 -9.93
CA THR E 415 -3.50 -61.74 -34.08
C THR E 415 -3.61 -61.22 -32.65
N VAL E 416 -3.27 -59.94 -32.45
CA VAL E 416 -3.23 -59.33 -31.13
C VAL E 416 -4.41 -58.36 -31.03
N VAL E 417 -5.36 -58.67 -30.15
CA VAL E 417 -6.47 -57.76 -29.91
C VAL E 417 -5.99 -56.59 -29.07
N VAL E 418 -6.52 -55.40 -29.36
CA VAL E 418 -6.16 -54.21 -28.60
C VAL E 418 -7.40 -53.40 -28.30
N THR E 419 -7.92 -53.50 -27.08
CA THR E 419 -9.09 -52.74 -26.68
C THR E 419 -8.67 -51.37 -26.16
N THR E 420 -9.43 -50.35 -26.52
CA THR E 420 -9.10 -48.98 -26.17
C THR E 420 -10.38 -48.25 -25.80
N ILE E 421 -10.30 -46.92 -25.73
CA ILE E 421 -11.43 -46.08 -25.39
C ILE E 421 -11.31 -44.78 -26.17
N LEU E 422 -12.44 -44.11 -26.37
CA LEU E 422 -12.48 -42.87 -27.15
C LEU E 422 -12.37 -41.70 -26.19
N GLU E 423 -11.14 -41.20 -26.03
CA GLU E 423 -10.87 -40.03 -25.22
C GLU E 423 -9.82 -39.19 -25.93
N SER E 424 -10.14 -37.97 -26.19
CA SER E 424 -9.22 -37.14 -26.96
C SER E 424 -8.15 -36.54 -26.05
N PRO E 425 -6.94 -36.32 -26.56
CA PRO E 425 -6.47 -36.64 -27.91
C PRO E 425 -5.85 -38.03 -28.02
N TYR E 426 -5.94 -38.82 -26.95
CA TYR E 426 -5.32 -40.13 -26.94
C TYR E 426 -5.81 -40.98 -28.09
N VAL E 427 -7.12 -41.01 -28.29
CA VAL E 427 -7.73 -41.77 -29.40
C VAL E 427 -8.95 -41.01 -29.88
N MET E 428 -9.10 -40.95 -31.20
CA MET E 428 -10.19 -40.20 -31.82
C MET E 428 -10.55 -40.86 -33.14
N MET E 429 -11.58 -40.33 -33.79
CA MET E 429 -11.98 -40.75 -35.12
C MET E 429 -11.41 -39.80 -36.16
N LYS E 430 -10.87 -40.36 -37.24
CA LYS E 430 -10.35 -39.55 -38.31
C LYS E 430 -11.45 -38.65 -38.88
N LYS E 431 -11.03 -37.67 -39.69
CA LYS E 431 -11.99 -36.75 -40.30
C LYS E 431 -13.14 -37.52 -40.95
N ASN E 432 -12.82 -38.54 -41.74
CA ASN E 432 -13.81 -39.39 -42.38
C ASN E 432 -13.48 -40.84 -41.99
N HIS E 433 -14.01 -41.28 -40.84
CA HIS E 433 -13.77 -42.63 -40.38
C HIS E 433 -14.67 -43.64 -41.09
N GLU E 434 -15.87 -43.23 -41.49
CA GLU E 434 -16.75 -44.14 -42.23
C GLU E 434 -16.18 -44.48 -43.59
N MET E 435 -15.36 -43.60 -44.17
CA MET E 435 -14.72 -43.85 -45.45
C MET E 435 -13.52 -44.78 -45.34
N LEU E 436 -13.16 -45.21 -44.14
CA LEU E 436 -12.01 -46.07 -43.92
C LEU E 436 -12.43 -47.29 -43.12
N GLU E 437 -11.66 -48.36 -43.27
CA GLU E 437 -11.94 -49.63 -42.59
C GLU E 437 -10.62 -50.23 -42.15
N GLY E 438 -10.34 -50.15 -40.84
CA GLY E 438 -9.15 -50.70 -40.27
C GLY E 438 -8.58 -49.75 -39.23
N ASN E 439 -7.36 -50.04 -38.80
CA ASN E 439 -6.69 -49.20 -37.82
C ASN E 439 -6.52 -47.76 -38.33
N GLU E 440 -6.50 -47.57 -39.65
CA GLU E 440 -6.41 -46.22 -40.19
C GLU E 440 -7.60 -45.37 -39.80
N ARG E 441 -8.69 -45.98 -39.33
CA ARG E 441 -9.86 -45.21 -38.91
C ARG E 441 -9.51 -44.22 -37.82
N TYR E 442 -8.94 -44.72 -36.72
CA TYR E 442 -8.66 -43.88 -35.57
C TYR E 442 -7.32 -43.16 -35.73
N GLU E 443 -7.05 -42.26 -34.79
CA GLU E 443 -5.80 -41.53 -34.75
C GLU E 443 -5.65 -40.91 -33.37
N GLY E 444 -4.42 -40.83 -32.89
CA GLY E 444 -4.17 -40.26 -31.58
C GLY E 444 -2.85 -40.72 -31.02
N TYR E 445 -2.52 -40.14 -29.86
CA TYR E 445 -1.31 -40.50 -29.13
C TYR E 445 -1.19 -42.02 -29.00
N CYS E 446 -2.23 -42.65 -28.44
CA CYS E 446 -2.19 -44.09 -28.22
C CYS E 446 -2.03 -44.86 -29.52
N VAL E 447 -2.50 -44.29 -30.63
CA VAL E 447 -2.38 -44.98 -31.91
C VAL E 447 -0.92 -45.09 -32.32
N ASP E 448 -0.21 -43.96 -32.32
CA ASP E 448 1.22 -43.99 -32.61
C ASP E 448 1.98 -44.81 -31.57
N LEU E 449 1.49 -44.81 -30.34
CA LEU E 449 2.13 -45.62 -29.30
C LEU E 449 2.05 -47.10 -29.64
N ALA E 450 0.86 -47.56 -30.02
CA ALA E 450 0.70 -48.95 -30.43
C ALA E 450 1.51 -49.25 -31.66
N ALA E 451 1.60 -48.30 -32.58
CA ALA E 451 2.44 -48.47 -33.76
C ALA E 451 3.88 -48.73 -33.37
N GLU E 452 4.40 -47.92 -32.45
CA GLU E 452 5.79 -48.09 -32.00
C GLU E 452 5.96 -49.42 -31.27
N ILE E 453 4.98 -49.81 -30.47
CA ILE E 453 5.08 -51.07 -29.75
C ILE E 453 5.14 -52.24 -30.72
N ALA E 454 4.30 -52.20 -31.76
CA ALA E 454 4.34 -53.24 -32.77
C ALA E 454 5.67 -53.23 -33.51
N LYS E 455 6.16 -52.06 -33.88
CA LYS E 455 7.44 -51.96 -34.56
C LYS E 455 8.57 -52.52 -33.71
N HIS E 456 8.44 -52.41 -32.38
CA HIS E 456 9.47 -52.95 -31.49
C HIS E 456 9.35 -54.46 -31.37
N CYS E 457 8.20 -54.94 -30.89
CA CYS E 457 8.00 -56.37 -30.70
C CYS E 457 7.69 -57.10 -32.00
N GLY E 458 7.39 -56.38 -33.08
CA GLY E 458 7.15 -57.01 -34.36
C GLY E 458 5.92 -57.90 -34.38
N PHE E 459 4.74 -57.29 -34.27
CA PHE E 459 3.50 -58.04 -34.30
C PHE E 459 2.41 -57.21 -34.94
N LYS E 460 1.45 -57.88 -35.57
CA LYS E 460 0.28 -57.23 -36.13
C LYS E 460 -0.87 -57.28 -35.12
N TYR E 461 -1.68 -56.23 -35.12
CA TYR E 461 -2.73 -56.08 -34.13
C TYR E 461 -4.01 -55.60 -34.78
N LYS E 462 -5.10 -55.72 -34.02
CA LYS E 462 -6.42 -55.28 -34.44
C LYS E 462 -7.06 -54.48 -33.32
N LEU E 463 -7.48 -53.26 -33.63
CA LEU E 463 -8.01 -52.35 -32.63
C LEU E 463 -9.50 -52.58 -32.40
N THR E 464 -9.93 -52.30 -31.17
CA THR E 464 -11.33 -52.46 -30.78
C THR E 464 -11.65 -51.41 -29.73
N ILE E 465 -12.94 -51.10 -29.59
CA ILE E 465 -13.41 -50.16 -28.59
C ILE E 465 -14.21 -50.92 -27.55
N VAL E 466 -14.24 -50.36 -26.34
CA VAL E 466 -15.01 -50.95 -25.25
C VAL E 466 -16.46 -50.49 -25.35
N GLY E 467 -17.38 -51.42 -25.17
CA GLY E 467 -18.83 -51.24 -25.18
C GLY E 467 -19.31 -50.42 -23.99
N ASP E 468 -18.89 -50.80 -22.79
CA ASP E 468 -19.31 -50.10 -21.58
C ASP E 468 -18.80 -48.66 -21.53
N GLY E 469 -17.87 -48.29 -22.41
CA GLY E 469 -17.33 -46.95 -22.37
C GLY E 469 -16.65 -46.58 -21.07
N LYS E 470 -16.35 -47.57 -20.23
CA LYS E 470 -15.69 -47.35 -18.95
C LYS E 470 -14.35 -48.06 -18.96
N TYR E 471 -13.41 -47.52 -18.17
CA TYR E 471 -12.08 -48.11 -18.11
C TYR E 471 -12.12 -49.46 -17.41
N GLY E 472 -12.66 -49.49 -16.19
CA GLY E 472 -12.76 -50.72 -15.44
C GLY E 472 -12.95 -50.51 -13.96
N ALA E 473 -13.78 -51.33 -13.35
CA ALA E 473 -14.07 -51.23 -11.92
C ALA E 473 -14.95 -52.41 -11.52
N ARG E 474 -15.04 -52.66 -10.23
CA ARG E 474 -15.83 -53.75 -9.68
C ARG E 474 -17.13 -53.19 -9.11
N ASP E 475 -18.19 -53.98 -9.20
CA ASP E 475 -19.49 -53.63 -8.64
C ASP E 475 -19.66 -54.35 -7.31
N ALA E 476 -20.01 -53.58 -6.27
CA ALA E 476 -20.13 -54.15 -4.92
C ALA E 476 -21.09 -55.32 -4.87
N ASP E 477 -22.01 -55.42 -5.82
CA ASP E 477 -22.99 -56.49 -5.84
C ASP E 477 -22.59 -57.65 -6.74
N THR E 478 -21.99 -57.36 -7.90
CA THR E 478 -21.61 -58.40 -8.83
C THR E 478 -20.22 -58.96 -8.56
N LYS E 479 -19.29 -58.11 -8.10
CA LYS E 479 -17.89 -58.50 -7.95
C LYS E 479 -17.32 -58.96 -9.29
N ILE E 480 -17.55 -58.12 -10.31
CA ILE E 480 -17.17 -58.43 -11.69
C ILE E 480 -16.61 -57.17 -12.31
N TRP E 481 -15.32 -57.20 -12.65
CA TRP E 481 -14.71 -56.07 -13.34
C TRP E 481 -15.48 -55.73 -14.61
N ASN E 482 -15.38 -54.48 -15.03
CA ASN E 482 -16.02 -54.03 -16.25
C ASN E 482 -15.00 -53.34 -17.16
N GLY E 483 -15.47 -52.76 -18.25
CA GLY E 483 -14.56 -52.03 -19.11
C GLY E 483 -13.47 -52.92 -19.69
N MET E 484 -12.42 -52.26 -20.17
CA MET E 484 -11.30 -52.97 -20.76
C MET E 484 -10.61 -53.88 -19.75
N VAL E 485 -10.68 -53.52 -18.46
CA VAL E 485 -10.15 -54.39 -17.42
C VAL E 485 -10.85 -55.75 -17.49
N GLY E 486 -12.18 -55.74 -17.52
CA GLY E 486 -12.91 -56.99 -17.66
C GLY E 486 -12.65 -57.65 -19.00
N GLU E 487 -12.51 -56.86 -20.07
CA GLU E 487 -12.20 -57.42 -21.36
C GLU E 487 -10.92 -58.26 -21.31
N LEU E 488 -9.92 -57.77 -20.58
CA LEU E 488 -8.67 -58.51 -20.46
C LEU E 488 -8.82 -59.70 -19.53
N VAL E 489 -9.39 -59.47 -18.34
CA VAL E 489 -9.54 -60.55 -17.37
C VAL E 489 -10.39 -61.66 -17.94
N TYR E 490 -11.41 -61.32 -18.73
CA TYR E 490 -12.35 -62.29 -19.28
C TYR E 490 -12.00 -62.68 -20.70
N GLY E 491 -10.74 -62.56 -21.10
CA GLY E 491 -10.30 -62.99 -22.41
C GLY E 491 -10.85 -62.20 -23.58
N LYS E 492 -11.75 -61.25 -23.33
CA LYS E 492 -12.32 -60.47 -24.42
C LYS E 492 -11.30 -59.55 -25.08
N ALA E 493 -10.08 -59.46 -24.54
CA ALA E 493 -9.06 -58.58 -25.09
C ALA E 493 -7.69 -59.13 -24.74
N ASP E 494 -6.73 -58.87 -25.61
CA ASP E 494 -5.36 -59.34 -25.41
C ASP E 494 -4.48 -58.31 -24.71
N ILE E 495 -4.76 -57.02 -24.91
CA ILE E 495 -3.96 -55.97 -24.30
C ILE E 495 -4.78 -54.69 -24.35
N ALA E 496 -4.41 -53.73 -23.49
CA ALA E 496 -5.09 -52.44 -23.42
C ALA E 496 -4.07 -51.34 -23.56
N ILE E 497 -4.35 -50.38 -24.44
CA ILE E 497 -3.50 -49.22 -24.66
C ILE E 497 -4.41 -48.00 -24.52
N ALA E 498 -4.48 -47.44 -23.32
CA ALA E 498 -5.36 -46.33 -23.04
C ALA E 498 -4.85 -45.61 -21.79
N PRO E 499 -5.38 -44.43 -21.49
CA PRO E 499 -4.99 -43.76 -20.24
C PRO E 499 -5.54 -44.47 -19.02
N LEU E 500 -5.19 -45.74 -18.86
CA LEU E 500 -5.70 -46.56 -17.77
C LEU E 500 -4.89 -46.23 -16.52
N THR E 501 -5.47 -45.43 -15.64
CA THR E 501 -4.80 -45.06 -14.41
C THR E 501 -4.34 -46.30 -13.64
N ILE E 502 -3.16 -46.20 -13.06
CA ILE E 502 -2.62 -47.31 -12.27
C ILE E 502 -3.20 -47.23 -10.87
N THR E 503 -3.66 -48.37 -10.37
CA THR E 503 -4.23 -48.46 -9.03
C THR E 503 -3.83 -49.78 -8.41
N LEU E 504 -4.04 -49.88 -7.10
CA LEU E 504 -3.71 -51.12 -6.40
C LEU E 504 -4.69 -52.23 -6.73
N VAL E 505 -5.98 -51.90 -6.78
CA VAL E 505 -7.00 -52.90 -7.08
C VAL E 505 -6.76 -53.48 -8.47
N ARG E 506 -6.38 -52.63 -9.43
CA ARG E 506 -6.13 -53.09 -10.79
C ARG E 506 -4.81 -53.83 -10.89
N GLU E 507 -3.83 -53.48 -10.07
CA GLU E 507 -2.55 -54.19 -10.08
C GLU E 507 -2.71 -55.63 -9.62
N GLU E 508 -3.81 -55.96 -8.94
CA GLU E 508 -4.02 -57.29 -8.40
C GLU E 508 -4.59 -58.28 -9.42
N VAL E 509 -4.84 -57.84 -10.65
CA VAL E 509 -5.52 -58.68 -11.63
C VAL E 509 -4.80 -58.68 -12.97
N ILE E 510 -3.86 -57.75 -13.15
CA ILE E 510 -3.12 -57.60 -14.40
C ILE E 510 -1.68 -57.21 -14.08
N ASP E 511 -0.89 -57.02 -15.14
CA ASP E 511 0.52 -56.64 -15.03
C ASP E 511 0.67 -55.28 -15.72
N PHE E 512 0.47 -54.21 -14.97
CA PHE E 512 0.64 -52.87 -15.50
C PHE E 512 2.09 -52.66 -15.92
N SER E 513 2.27 -52.16 -17.15
CA SER E 513 3.60 -51.78 -17.59
C SER E 513 4.06 -50.53 -16.84
N LYS E 514 5.26 -50.08 -17.15
CA LYS E 514 5.78 -48.90 -16.50
C LYS E 514 5.10 -47.65 -17.06
N PRO E 515 5.10 -46.56 -16.30
CA PRO E 515 4.31 -45.38 -16.70
C PRO E 515 4.89 -44.72 -17.94
N PHE E 516 4.12 -44.76 -19.03
CA PHE E 516 4.48 -44.03 -20.24
C PHE E 516 4.13 -42.56 -20.15
N MET E 517 3.45 -42.13 -19.10
CA MET E 517 3.09 -40.72 -18.94
C MET E 517 2.76 -40.49 -17.47
N SER E 518 3.57 -39.68 -16.80
CA SER E 518 3.29 -39.27 -15.43
C SER E 518 2.39 -38.04 -15.45
N LEU E 519 1.60 -37.88 -14.40
CA LEU E 519 0.60 -36.82 -14.34
C LEU E 519 0.07 -36.71 -12.92
N GLY E 520 -0.94 -35.86 -12.75
CA GLY E 520 -1.54 -35.66 -11.45
C GLY E 520 -2.70 -34.70 -11.55
N ILE E 521 -3.26 -34.40 -10.38
CA ILE E 521 -4.38 -33.46 -10.29
C ILE E 521 -3.83 -32.04 -10.45
N SER E 522 -4.62 -31.20 -11.11
CA SER E 522 -4.21 -29.82 -11.39
C SER E 522 -5.38 -28.90 -11.16
N ILE E 523 -5.16 -27.61 -11.48
CA ILE E 523 -6.18 -26.57 -11.34
C ILE E 523 -6.40 -25.94 -12.70
N MET E 524 -7.60 -25.38 -12.88
CA MET E 524 -7.94 -24.66 -14.08
C MET E 524 -8.69 -23.39 -13.71
N ILE E 525 -8.38 -22.30 -14.40
CA ILE E 525 -8.99 -21.00 -14.15
C ILE E 525 -9.17 -20.27 -15.47
N LYS E 526 -9.88 -19.14 -15.41
CA LYS E 526 -10.12 -18.34 -16.59
C LYS E 526 -8.85 -17.58 -16.98
N LYS E 527 -8.55 -17.59 -18.27
CA LYS E 527 -7.41 -16.83 -18.78
C LYS E 527 -7.68 -15.34 -18.57
N PRO E 528 -6.89 -14.65 -17.74
CA PRO E 528 -7.18 -13.23 -17.47
C PRO E 528 -6.68 -12.34 -18.59
N GLN E 529 -7.61 -11.66 -19.26
CA GLN E 529 -7.28 -10.66 -20.28
C GLN E 529 -8.12 -9.41 -20.12
N LYS E 530 -8.70 -9.20 -18.94
CA LYS E 530 -9.58 -8.06 -18.69
C LYS E 530 -8.73 -6.80 -18.59
N SER E 531 -8.40 -6.24 -19.74
CA SER E 531 -7.59 -5.03 -19.85
C SER E 531 -8.23 -4.05 -20.83
N LYS E 532 -9.53 -3.86 -20.68
CA LYS E 532 -10.27 -2.90 -21.49
C LYS E 532 -10.70 -1.73 -20.63
N PRO E 533 -9.82 -0.76 -20.38
CA PRO E 533 -10.17 0.34 -19.47
C PRO E 533 -11.04 1.38 -20.16
N GLY E 534 -11.95 1.95 -19.39
CA GLY E 534 -12.80 3.01 -19.89
C GLY E 534 -11.98 4.21 -20.31
N VAL E 535 -12.64 5.09 -21.08
CA VAL E 535 -11.97 6.29 -21.56
C VAL E 535 -11.75 7.27 -20.42
N PHE E 536 -12.76 7.44 -19.57
CA PHE E 536 -12.71 8.35 -18.44
C PHE E 536 -12.52 7.60 -17.12
N SER E 537 -11.71 6.54 -17.15
CA SER E 537 -11.46 5.77 -15.94
C SER E 537 -10.79 6.62 -14.86
N PHE E 538 -10.02 7.63 -15.27
CA PHE E 538 -9.31 8.47 -14.31
C PHE E 538 -10.25 9.26 -13.42
N LEU E 539 -11.54 9.30 -13.72
CA LEU E 539 -12.53 9.94 -12.87
C LEU E 539 -13.13 8.98 -11.85
N ASP E 540 -12.77 7.71 -11.90
CA ASP E 540 -13.32 6.75 -10.95
C ASP E 540 -12.91 7.02 -9.50
N PRO E 541 -11.72 7.55 -9.20
CA PRO E 541 -11.35 7.75 -7.79
C PRO E 541 -12.38 8.54 -7.00
N LEU E 542 -13.14 9.41 -7.64
CA LEU E 542 -14.17 10.16 -6.95
C LEU E 542 -15.25 10.58 -7.94
N ALA E 543 -16.47 10.72 -7.43
CA ALA E 543 -17.64 10.82 -8.28
C ALA E 543 -17.66 12.13 -9.06
N TYR E 544 -18.47 12.14 -10.13
CA TYR E 544 -18.71 13.37 -10.86
C TYR E 544 -19.26 14.45 -9.95
N GLU E 545 -19.97 14.04 -8.89
CA GLU E 545 -20.52 14.98 -7.92
C GLU E 545 -19.46 15.92 -7.38
N ILE E 546 -18.19 15.53 -7.44
CA ILE E 546 -17.10 16.35 -6.91
C ILE E 546 -16.42 17.06 -8.07
N TRP E 547 -16.36 16.41 -9.23
CA TRP E 547 -15.72 17.03 -10.38
C TRP E 547 -16.48 18.28 -10.81
N MET E 548 -17.81 18.22 -10.81
CA MET E 548 -18.59 19.39 -11.18
C MET E 548 -18.40 20.50 -10.17
N CYS E 549 -18.40 20.16 -8.88
CA CYS E 549 -18.10 21.15 -7.86
C CYS E 549 -16.75 21.81 -8.09
N ILE E 550 -15.75 21.01 -8.46
CA ILE E 550 -14.41 21.55 -8.69
C ILE E 550 -14.43 22.53 -9.85
N VAL E 551 -15.05 22.14 -10.96
CA VAL E 551 -15.11 23.01 -12.13
C VAL E 551 -15.79 24.33 -11.77
N PHE E 552 -16.96 24.24 -11.15
CA PHE E 552 -17.70 25.46 -10.84
C PHE E 552 -16.98 26.30 -9.80
N ALA E 553 -16.22 25.67 -8.91
CA ALA E 553 -15.40 26.44 -7.97
C ALA E 553 -14.30 27.19 -8.70
N TYR E 554 -13.66 26.55 -9.66
CA TYR E 554 -12.66 27.23 -10.47
C TYR E 554 -13.26 28.46 -11.15
N ILE E 555 -14.41 28.29 -11.80
CA ILE E 555 -14.97 29.41 -12.54
C ILE E 555 -15.45 30.50 -11.60
N GLY E 556 -15.98 30.13 -10.43
CA GLY E 556 -16.41 31.13 -9.47
C GLY E 556 -15.26 31.92 -8.92
N VAL E 557 -14.15 31.25 -8.60
CA VAL E 557 -12.98 31.96 -8.11
C VAL E 557 -12.44 32.88 -9.18
N SER E 558 -12.43 32.43 -10.43
CA SER E 558 -12.02 33.31 -11.52
C SER E 558 -12.90 34.54 -11.60
N VAL E 559 -14.22 34.33 -11.54
CA VAL E 559 -15.16 35.44 -11.60
C VAL E 559 -14.91 36.44 -10.48
N VAL E 560 -14.64 35.93 -9.28
CA VAL E 560 -14.53 36.80 -8.12
C VAL E 560 -13.21 37.57 -8.16
N LEU E 561 -12.13 36.90 -8.56
CA LEU E 561 -10.87 37.61 -8.78
C LEU E 561 -11.06 38.70 -9.82
N PHE E 562 -11.81 38.41 -10.88
CA PHE E 562 -12.08 39.40 -11.91
C PHE E 562 -12.82 40.60 -11.35
N LEU E 563 -13.92 40.35 -10.63
CA LEU E 563 -14.68 41.43 -10.01
C LEU E 563 -13.78 42.29 -9.12
N VAL E 564 -13.01 41.63 -8.25
CA VAL E 564 -12.15 42.35 -7.32
C VAL E 564 -11.19 43.25 -8.07
N SER E 565 -10.37 42.66 -8.94
CA SER E 565 -9.40 43.45 -9.69
C SER E 565 -10.06 44.43 -10.65
N ARG E 566 -11.37 44.33 -10.85
CA ARG E 566 -12.07 45.26 -11.74
C ARG E 566 -12.55 46.51 -11.00
N PHE E 567 -13.40 46.33 -10.00
CA PHE E 567 -14.00 47.48 -9.31
C PHE E 567 -13.16 47.95 -8.13
N SER E 568 -11.92 47.47 -8.00
CA SER E 568 -11.03 47.95 -6.96
C SER E 568 -9.58 47.87 -7.43
N PRO E 569 -9.21 48.60 -8.49
CA PRO E 569 -7.84 48.57 -9.01
C PRO E 569 -6.83 49.23 -8.07
N SER E 616 -4.13 43.07 -3.72
CA SER E 616 -4.84 43.69 -2.61
C SER E 616 -5.00 42.69 -1.47
N LEU E 617 -6.08 42.85 -0.69
CA LEU E 617 -6.36 41.95 0.42
C LEU E 617 -7.29 40.82 0.00
N SER E 618 -8.45 41.16 -0.58
CA SER E 618 -9.35 40.13 -1.08
C SER E 618 -8.63 39.19 -2.02
N GLY E 619 -7.79 39.73 -2.91
CA GLY E 619 -7.01 38.88 -3.78
C GLY E 619 -6.12 37.93 -3.01
N ARG E 620 -5.43 38.44 -1.99
CA ARG E 620 -4.53 37.60 -1.21
C ARG E 620 -5.30 36.46 -0.54
N ILE E 621 -6.46 36.75 0.03
CA ILE E 621 -7.16 35.73 0.79
C ILE E 621 -7.83 34.72 -0.13
N VAL E 622 -8.34 35.16 -1.28
CA VAL E 622 -8.87 34.20 -2.23
C VAL E 622 -7.75 33.32 -2.78
N GLY E 623 -6.57 33.91 -3.00
CA GLY E 623 -5.43 33.10 -3.40
C GLY E 623 -5.08 32.07 -2.36
N GLY E 624 -5.09 32.45 -1.09
CA GLY E 624 -4.76 31.50 -0.04
C GLY E 624 -5.77 30.38 0.07
N VAL E 625 -7.06 30.73 0.01
CA VAL E 625 -8.09 29.71 0.15
C VAL E 625 -8.09 28.79 -1.06
N TRP E 626 -7.82 29.33 -2.25
CA TRP E 626 -7.73 28.49 -3.44
C TRP E 626 -6.50 27.59 -3.37
N TRP E 627 -5.40 28.10 -2.83
CA TRP E 627 -4.23 27.28 -2.58
C TRP E 627 -4.58 26.09 -1.71
N PHE E 628 -5.23 26.36 -0.58
CA PHE E 628 -5.66 25.29 0.32
C PHE E 628 -6.56 24.29 -0.41
N PHE E 629 -7.55 24.81 -1.14
CA PHE E 629 -8.53 23.96 -1.80
C PHE E 629 -7.87 23.03 -2.81
N THR E 630 -7.09 23.61 -3.74
CA THR E 630 -6.45 22.79 -4.75
C THR E 630 -5.46 21.82 -4.13
N LEU E 631 -4.75 22.25 -3.09
CA LEU E 631 -3.89 21.34 -2.35
C LEU E 631 -4.66 20.09 -1.95
N ILE E 632 -5.73 20.28 -1.17
CA ILE E 632 -6.49 19.16 -0.66
C ILE E 632 -7.04 18.32 -1.80
N ILE E 633 -7.48 18.97 -2.87
CA ILE E 633 -8.14 18.26 -3.95
C ILE E 633 -7.15 17.34 -4.66
N ILE E 634 -6.02 17.89 -5.10
CA ILE E 634 -5.05 17.06 -5.82
C ILE E 634 -4.53 15.97 -4.89
N SER E 635 -4.33 16.29 -3.61
CA SER E 635 -3.84 15.27 -2.69
C SER E 635 -4.85 14.13 -2.55
N SER E 636 -6.12 14.46 -2.44
CA SER E 636 -7.15 13.44 -2.29
C SER E 636 -7.23 12.56 -3.53
N TYR E 637 -7.26 13.18 -4.71
CA TYR E 637 -7.31 12.42 -5.95
C TYR E 637 -6.10 11.49 -6.05
N THR E 638 -4.91 12.03 -5.81
CA THR E 638 -3.70 11.23 -5.87
C THR E 638 -3.76 10.06 -4.91
N ALA E 639 -4.24 10.31 -3.68
CA ALA E 639 -4.24 9.27 -2.68
C ALA E 639 -5.21 8.15 -3.03
N ASN E 640 -6.43 8.50 -3.46
CA ASN E 640 -7.38 7.47 -3.83
C ASN E 640 -6.90 6.68 -5.04
N LEU E 641 -6.28 7.38 -6.01
CA LEU E 641 -5.73 6.67 -7.16
C LEU E 641 -4.62 5.72 -6.75
N ALA E 642 -3.76 6.15 -5.82
CA ALA E 642 -2.71 5.28 -5.34
C ALA E 642 -3.26 4.08 -4.63
N ALA E 643 -4.33 4.28 -3.85
CA ALA E 643 -4.99 3.15 -3.21
C ALA E 643 -5.48 2.16 -4.23
N PHE E 644 -6.20 2.64 -5.25
CA PHE E 644 -6.67 1.76 -6.31
C PHE E 644 -5.52 0.97 -6.93
N LEU E 645 -4.49 1.70 -7.36
CA LEU E 645 -3.36 1.06 -8.04
C LEU E 645 -2.72 0.00 -7.16
N THR E 646 -2.34 0.39 -5.93
CA THR E 646 -1.67 -0.55 -5.03
C THR E 646 -2.53 -1.78 -4.79
N VAL E 647 -3.79 -1.59 -4.40
CA VAL E 647 -4.67 -2.73 -4.14
C VAL E 647 -4.72 -3.65 -5.35
N GLU E 648 -4.88 -3.06 -6.54
CA GLU E 648 -4.90 -3.87 -7.75
C GLU E 648 -3.55 -4.52 -8.02
N ARG E 649 -2.49 -4.05 -7.38
CA ARG E 649 -1.14 -4.56 -7.63
C ARG E 649 -0.84 -5.79 -6.77
N MET E 650 -1.14 -5.71 -5.47
CA MET E 650 -0.80 -6.80 -4.55
C MET E 650 -1.95 -7.79 -4.45
N VAL E 651 -2.23 -8.44 -5.58
CA VAL E 651 -3.23 -9.51 -5.66
C VAL E 651 -2.56 -10.65 -6.43
N SER E 652 -1.98 -11.60 -5.70
CA SER E 652 -1.43 -12.78 -6.33
C SER E 652 -2.58 -13.70 -6.69
N PRO E 653 -2.85 -13.91 -7.99
CA PRO E 653 -4.05 -14.68 -8.36
C PRO E 653 -4.06 -16.07 -7.73
N ILE E 654 -3.05 -16.87 -8.07
CA ILE E 654 -2.90 -18.21 -7.52
C ILE E 654 -1.48 -18.66 -7.77
N GLU E 655 -0.97 -19.51 -6.88
CA GLU E 655 0.30 -20.18 -7.09
C GLU E 655 0.26 -21.65 -6.73
N SER E 656 -0.77 -22.12 -6.04
CA SER E 656 -0.89 -23.51 -5.62
C SER E 656 -2.29 -23.70 -5.07
N ALA E 657 -2.55 -24.90 -4.55
CA ALA E 657 -3.86 -25.18 -3.97
C ALA E 657 -4.07 -24.42 -2.67
N GLU E 658 -3.01 -24.28 -1.87
CA GLU E 658 -3.13 -23.56 -0.60
C GLU E 658 -3.66 -22.16 -0.82
N ASP E 659 -3.35 -21.54 -1.96
CA ASP E 659 -3.90 -20.23 -2.26
C ASP E 659 -5.42 -20.26 -2.21
N LEU E 660 -6.03 -21.41 -2.48
CA LEU E 660 -7.48 -21.56 -2.38
C LEU E 660 -7.93 -21.94 -0.98
N SER E 661 -7.14 -22.75 -0.29
CA SER E 661 -7.52 -23.18 1.06
C SER E 661 -7.63 -21.98 1.99
N LYS E 662 -6.75 -21.00 1.84
CA LYS E 662 -6.71 -19.82 2.70
C LYS E 662 -7.61 -18.70 2.19
N GLN E 663 -8.56 -19.01 1.32
CA GLN E 663 -9.47 -18.01 0.80
C GLN E 663 -10.79 -18.66 0.45
N THR E 664 -11.81 -17.84 0.25
CA THR E 664 -13.13 -18.33 -0.12
C THR E 664 -13.80 -17.49 -1.20
N GLU E 665 -13.18 -16.41 -1.66
CA GLU E 665 -13.79 -15.60 -2.72
C GLU E 665 -13.95 -16.42 -4.00
N ILE E 666 -12.90 -17.15 -4.38
CA ILE E 666 -12.94 -18.00 -5.56
C ILE E 666 -13.32 -19.42 -5.10
N ALA E 667 -14.50 -19.87 -5.51
CA ALA E 667 -14.89 -21.24 -5.23
C ALA E 667 -14.08 -22.21 -6.09
N TYR E 668 -13.98 -23.44 -5.61
CA TYR E 668 -13.32 -24.48 -6.37
C TYR E 668 -14.12 -25.78 -6.26
N GLY E 669 -14.26 -26.48 -7.37
CA GLY E 669 -15.06 -27.68 -7.42
C GLY E 669 -14.41 -28.76 -8.26
N THR E 670 -14.96 -29.97 -8.14
CA THR E 670 -14.48 -31.12 -8.89
C THR E 670 -15.63 -31.80 -9.61
N LEU E 671 -15.36 -32.96 -10.21
CA LEU E 671 -16.41 -33.72 -10.85
C LEU E 671 -17.33 -34.33 -9.80
N ASP E 672 -18.52 -34.73 -10.26
CA ASP E 672 -19.51 -35.30 -9.34
C ASP E 672 -18.92 -36.44 -8.53
N SER E 673 -18.20 -37.34 -9.19
CA SER E 673 -17.61 -38.49 -8.52
C SER E 673 -16.44 -39.00 -9.34
N GLY E 674 -15.33 -39.29 -8.67
CA GLY E 674 -14.17 -39.81 -9.35
C GLY E 674 -13.00 -39.95 -8.38
N SER E 675 -11.90 -40.48 -8.93
CA SER E 675 -10.70 -40.65 -8.11
C SER E 675 -10.22 -39.32 -7.55
N THR E 676 -10.53 -38.21 -8.22
CA THR E 676 -10.17 -36.90 -7.70
C THR E 676 -10.79 -36.67 -6.32
N LYS E 677 -12.13 -36.74 -6.26
CA LYS E 677 -12.82 -36.54 -4.99
C LYS E 677 -12.34 -37.55 -3.95
N GLU E 678 -12.18 -38.82 -4.34
CA GLU E 678 -11.74 -39.84 -3.41
C GLU E 678 -10.37 -39.47 -2.82
N PHE E 679 -9.48 -38.94 -3.65
CA PHE E 679 -8.19 -38.49 -3.13
C PHE E 679 -8.38 -37.33 -2.17
N PHE E 680 -9.26 -36.38 -2.52
CA PHE E 680 -9.57 -35.30 -1.59
C PHE E 680 -10.09 -35.82 -0.27
N ARG E 681 -10.81 -36.94 -0.31
CA ARG E 681 -11.19 -37.65 0.90
C ARG E 681 -10.07 -38.58 1.32
N ARG E 682 -10.24 -39.23 2.48
CA ARG E 682 -9.27 -40.17 3.00
C ARG E 682 -7.85 -39.64 2.86
N SER E 683 -7.69 -38.33 2.98
CA SER E 683 -6.40 -37.67 2.81
C SER E 683 -5.97 -37.09 4.15
N LYS E 684 -4.83 -37.56 4.66
CA LYS E 684 -4.29 -37.02 5.90
C LYS E 684 -4.03 -35.53 5.78
N ILE E 685 -3.70 -35.06 4.57
CA ILE E 685 -3.21 -33.69 4.41
C ILE E 685 -4.21 -32.71 5.00
N ALA E 686 -3.71 -31.80 5.83
CA ALA E 686 -4.58 -30.79 6.43
C ALA E 686 -5.12 -29.84 5.36
N VAL E 687 -4.30 -29.52 4.35
CA VAL E 687 -4.75 -28.63 3.29
C VAL E 687 -5.91 -29.25 2.54
N PHE E 688 -5.72 -30.47 2.03
CA PHE E 688 -6.78 -31.15 1.32
C PHE E 688 -7.95 -31.46 2.25
N ASP E 689 -7.68 -31.70 3.53
CA ASP E 689 -8.76 -31.90 4.49
C ASP E 689 -9.65 -30.66 4.56
N LYS E 690 -9.04 -29.49 4.68
CA LYS E 690 -9.81 -28.25 4.73
C LYS E 690 -10.54 -28.00 3.42
N MET E 691 -9.89 -28.32 2.29
CA MET E 691 -10.54 -28.12 1.01
C MET E 691 -11.75 -29.02 0.85
N TRP E 692 -11.65 -30.27 1.33
CA TRP E 692 -12.80 -31.17 1.30
C TRP E 692 -13.88 -30.69 2.25
N THR E 693 -13.49 -30.19 3.42
CA THR E 693 -14.47 -29.59 4.33
C THR E 693 -15.24 -28.48 3.64
N TYR E 694 -14.53 -27.62 2.92
CA TYR E 694 -15.19 -26.52 2.21
C TYR E 694 -16.13 -27.06 1.14
N MET E 695 -15.60 -27.88 0.24
CA MET E 695 -16.40 -28.37 -0.88
C MET E 695 -17.62 -29.15 -0.41
N ARG E 696 -17.51 -29.83 0.74
CA ARG E 696 -18.64 -30.58 1.27
C ARG E 696 -19.74 -29.65 1.76
N SER E 697 -19.37 -28.47 2.24
CA SER E 697 -20.34 -27.46 2.66
C SER E 697 -20.64 -26.46 1.55
N ALA E 698 -20.54 -26.87 0.29
CA ALA E 698 -20.73 -25.97 -0.82
C ALA E 698 -22.20 -25.60 -0.98
N GLU E 699 -22.46 -24.31 -1.18
CA GLU E 699 -23.81 -23.81 -1.40
C GLU E 699 -23.71 -22.54 -2.23
N PRO E 700 -23.97 -22.61 -3.55
CA PRO E 700 -24.39 -23.79 -4.30
C PRO E 700 -23.33 -24.88 -4.34
N SER E 701 -23.66 -26.00 -4.98
CA SER E 701 -22.77 -27.15 -5.01
C SER E 701 -21.60 -26.91 -5.96
N VAL E 702 -20.38 -27.00 -5.44
CA VAL E 702 -19.21 -26.87 -6.29
C VAL E 702 -19.07 -28.08 -7.21
N PHE E 703 -19.43 -29.26 -6.72
CA PHE E 703 -19.41 -30.44 -7.57
C PHE E 703 -20.40 -30.28 -8.71
N VAL E 704 -20.06 -30.84 -9.86
CA VAL E 704 -20.81 -30.63 -11.09
C VAL E 704 -20.91 -31.95 -11.85
N ARG E 705 -21.67 -31.90 -12.94
CA ARG E 705 -21.86 -33.02 -13.85
C ARG E 705 -20.66 -33.12 -14.79
N THR E 706 -20.85 -33.85 -15.90
CA THR E 706 -19.77 -34.09 -16.87
C THR E 706 -18.86 -32.88 -17.01
N THR E 707 -17.56 -33.15 -17.09
CA THR E 707 -16.51 -32.14 -17.06
C THR E 707 -16.85 -30.91 -17.88
N ALA E 708 -17.55 -31.09 -19.00
CA ALA E 708 -17.90 -29.95 -19.84
C ALA E 708 -18.61 -28.87 -19.04
N GLU E 709 -19.45 -29.26 -18.09
CA GLU E 709 -20.19 -28.28 -17.30
C GLU E 709 -19.24 -27.50 -16.38
N GLY E 710 -18.39 -28.21 -15.65
CA GLY E 710 -17.42 -27.53 -14.81
C GLY E 710 -16.48 -26.65 -15.60
N VAL E 711 -16.25 -26.98 -16.87
CA VAL E 711 -15.40 -26.17 -17.72
C VAL E 711 -16.13 -24.90 -18.15
N ALA E 712 -17.38 -25.06 -18.59
CA ALA E 712 -18.13 -23.91 -19.09
C ALA E 712 -18.44 -22.93 -17.98
N ARG E 713 -18.73 -23.43 -16.77
CA ARG E 713 -19.10 -22.53 -15.68
C ARG E 713 -17.94 -21.65 -15.23
N VAL E 714 -16.71 -22.07 -15.48
CA VAL E 714 -15.57 -21.20 -15.26
C VAL E 714 -15.23 -20.40 -16.51
N ARG E 715 -15.55 -20.94 -17.69
CA ARG E 715 -15.40 -20.16 -18.91
C ARG E 715 -16.25 -18.91 -18.88
N LYS E 716 -17.39 -18.97 -18.19
CA LYS E 716 -18.27 -17.81 -18.07
C LYS E 716 -17.88 -16.92 -16.91
N SER E 717 -17.63 -17.51 -15.74
CA SER E 717 -17.24 -16.73 -14.58
C SER E 717 -15.86 -16.14 -14.78
N LYS E 718 -15.72 -14.86 -14.41
CA LYS E 718 -14.45 -14.16 -14.61
C LYS E 718 -13.33 -14.83 -13.83
N GLY E 719 -13.46 -14.87 -12.50
CA GLY E 719 -12.48 -15.52 -11.66
C GLY E 719 -13.10 -16.12 -10.42
N LYS E 720 -14.42 -16.35 -10.47
CA LYS E 720 -15.13 -16.76 -9.28
C LYS E 720 -15.03 -18.27 -9.02
N TYR E 721 -14.82 -19.06 -10.06
CA TYR E 721 -14.83 -20.52 -9.93
C TYR E 721 -13.57 -21.11 -10.53
N ALA E 722 -13.16 -22.25 -9.97
CA ALA E 722 -12.05 -23.04 -10.46
C ALA E 722 -12.45 -24.51 -10.48
N TYR E 723 -11.88 -25.25 -11.43
CA TYR E 723 -12.18 -26.66 -11.61
C TYR E 723 -10.90 -27.46 -11.50
N LEU E 724 -10.95 -28.53 -10.70
CA LEU E 724 -9.81 -29.42 -10.50
C LEU E 724 -10.02 -30.69 -11.31
N LEU E 725 -9.04 -31.05 -12.12
CA LEU E 725 -9.17 -32.17 -13.03
C LEU E 725 -7.78 -32.77 -13.25
N GLU E 726 -7.65 -33.59 -14.29
CA GLU E 726 -6.38 -34.21 -14.63
C GLU E 726 -5.48 -33.19 -15.32
N SER E 727 -4.21 -33.17 -14.91
CA SER E 727 -3.26 -32.22 -15.47
C SER E 727 -3.20 -32.34 -16.99
N THR E 728 -3.23 -33.58 -17.51
CA THR E 728 -3.16 -33.77 -18.95
C THR E 728 -4.35 -33.14 -19.64
N MET E 729 -5.55 -33.36 -19.10
CA MET E 729 -6.74 -32.77 -19.70
C MET E 729 -6.72 -31.26 -19.61
N ASN E 730 -6.20 -30.71 -18.51
CA ASN E 730 -6.11 -29.27 -18.39
C ASN E 730 -5.17 -28.69 -19.44
N GLU E 731 -4.01 -29.33 -19.63
CA GLU E 731 -3.09 -28.89 -20.66
C GLU E 731 -3.74 -28.97 -22.05
N TYR E 732 -4.45 -30.07 -22.30
CA TYR E 732 -5.13 -30.23 -23.59
C TYR E 732 -6.12 -29.10 -23.82
N ILE E 733 -6.90 -28.75 -22.79
CA ILE E 733 -7.89 -27.69 -22.93
C ILE E 733 -7.21 -26.35 -23.15
N GLU E 734 -6.14 -26.08 -22.39
CA GLU E 734 -5.47 -24.80 -22.50
C GLU E 734 -5.01 -24.51 -23.92
N GLN E 735 -4.78 -25.56 -24.72
CA GLN E 735 -4.40 -25.42 -26.11
C GLN E 735 -5.58 -25.49 -27.05
N ARG E 736 -6.80 -25.50 -26.52
CA ARG E 736 -8.02 -25.53 -27.31
C ARG E 736 -8.77 -24.21 -27.18
N LYS E 737 -9.59 -23.90 -28.18
CA LYS E 737 -10.32 -22.66 -28.18
C LYS E 737 -11.32 -22.63 -27.02
N PRO E 738 -11.71 -21.43 -26.58
CA PRO E 738 -11.25 -20.13 -27.08
C PRO E 738 -9.97 -19.64 -26.40
N CYS E 739 -9.12 -20.57 -25.98
CA CYS E 739 -7.84 -20.24 -25.37
C CYS E 739 -8.02 -19.29 -24.20
N ASP E 740 -9.09 -19.49 -23.45
CA ASP E 740 -9.43 -18.65 -22.30
C ASP E 740 -9.26 -19.42 -20.99
N THR E 741 -8.22 -20.26 -20.91
CA THR E 741 -7.93 -21.01 -19.71
C THR E 741 -6.42 -21.09 -19.53
N MET E 742 -6.00 -21.64 -18.40
CA MET E 742 -4.59 -21.77 -18.10
C MET E 742 -4.42 -22.73 -16.93
N LYS E 743 -3.19 -23.22 -16.78
CA LYS E 743 -2.83 -24.12 -15.69
C LYS E 743 -1.52 -23.64 -15.11
N VAL E 744 -1.52 -23.33 -13.81
CA VAL E 744 -0.36 -22.79 -13.11
C VAL E 744 0.04 -23.67 -11.94
N GLY E 745 -0.92 -24.09 -11.13
CA GLY E 745 -0.62 -24.88 -9.96
C GLY E 745 0.00 -26.22 -10.31
N GLY E 746 1.19 -26.48 -9.79
CA GLY E 746 1.85 -27.75 -10.03
C GLY E 746 0.96 -28.92 -9.66
N ASN E 747 1.24 -30.08 -10.26
CA ASN E 747 0.40 -31.25 -10.01
C ASN E 747 0.39 -31.59 -8.53
N LEU E 748 -0.81 -31.77 -7.98
CA LEU E 748 -0.94 -32.06 -6.55
C LEU E 748 -0.51 -33.48 -6.22
N ASP E 749 -1.18 -34.47 -6.82
CA ASP E 749 -0.82 -35.87 -6.63
C ASP E 749 0.10 -36.32 -7.75
N SER E 750 0.70 -37.50 -7.56
CA SER E 750 1.64 -38.06 -8.52
C SER E 750 1.18 -39.46 -8.90
N LYS E 751 0.70 -39.60 -10.12
CA LYS E 751 0.29 -40.90 -10.65
C LYS E 751 0.81 -41.03 -12.08
N GLY E 752 0.47 -42.15 -12.71
CA GLY E 752 0.94 -42.41 -14.05
C GLY E 752 0.04 -43.36 -14.80
N TYR E 753 0.00 -43.19 -16.12
CA TYR E 753 -0.75 -44.09 -16.99
C TYR E 753 0.18 -45.15 -17.56
N GLY E 754 -0.34 -46.36 -17.70
CA GLY E 754 0.47 -47.47 -18.15
C GLY E 754 -0.32 -48.39 -19.07
N ILE E 755 0.43 -49.23 -19.77
CA ILE E 755 -0.14 -50.22 -20.68
C ILE E 755 -0.41 -51.50 -19.89
N ALA E 756 -1.63 -52.01 -19.99
CA ALA E 756 -2.03 -53.18 -19.24
C ALA E 756 -1.85 -54.44 -20.10
N THR E 757 -2.13 -55.59 -19.49
CA THR E 757 -2.02 -56.88 -20.15
C THR E 757 -2.56 -57.96 -19.22
N PRO E 758 -3.08 -59.07 -19.74
CA PRO E 758 -3.47 -60.16 -18.85
C PRO E 758 -2.27 -60.64 -18.05
N LYS E 759 -2.51 -60.93 -16.77
CA LYS E 759 -1.43 -61.30 -15.86
C LYS E 759 -0.57 -62.41 -16.46
N GLY E 760 -1.18 -63.56 -16.71
CA GLY E 760 -0.46 -64.68 -17.29
C GLY E 760 -0.23 -64.50 -18.78
N SER E 761 0.57 -63.50 -19.14
CA SER E 761 0.86 -63.18 -20.53
C SER E 761 2.35 -63.35 -20.80
N SER E 762 2.76 -62.95 -22.01
CA SER E 762 4.15 -63.06 -22.43
C SER E 762 4.68 -61.75 -22.99
N LEU E 763 3.92 -60.66 -22.89
CA LEU E 763 4.32 -59.38 -23.46
C LEU E 763 4.78 -58.37 -22.42
N GLY E 764 4.27 -58.45 -21.19
CA GLY E 764 4.67 -57.49 -20.18
C GLY E 764 6.17 -57.30 -20.11
N ASN E 765 6.91 -58.40 -20.07
CA ASN E 765 8.38 -58.33 -20.08
C ASN E 765 8.91 -57.88 -21.42
N ALA E 766 8.08 -57.92 -22.47
CA ALA E 766 8.44 -57.39 -23.78
C ALA E 766 7.81 -56.02 -24.04
N VAL E 767 6.99 -55.53 -23.11
CA VAL E 767 6.30 -54.25 -23.27
C VAL E 767 6.94 -53.17 -22.40
N ASN E 768 7.26 -53.52 -21.15
CA ASN E 768 7.95 -52.57 -20.28
C ASN E 768 9.25 -52.10 -20.92
N LEU E 769 9.94 -53.01 -21.60
CA LEU E 769 11.21 -52.64 -22.24
C LEU E 769 10.98 -51.59 -23.32
N ALA E 770 9.95 -51.78 -24.15
CA ALA E 770 9.66 -50.82 -25.20
C ALA E 770 9.25 -49.49 -24.60
N VAL E 771 8.42 -49.51 -23.55
CA VAL E 771 7.98 -48.28 -22.91
C VAL E 771 9.18 -47.50 -22.40
N LEU E 772 10.10 -48.19 -21.71
CA LEU E 772 11.27 -47.51 -21.17
C LEU E 772 12.17 -47.00 -22.30
N LYS E 773 12.35 -47.80 -23.35
CA LYS E 773 13.17 -47.38 -24.47
C LYS E 773 12.62 -46.09 -25.09
N LEU E 774 11.30 -46.02 -25.25
CA LEU E 774 10.71 -44.83 -25.84
C LEU E 774 10.81 -43.64 -24.89
N ASN E 775 10.58 -43.86 -23.60
CA ASN E 775 10.73 -42.78 -22.63
C ASN E 775 12.16 -42.25 -22.59
N GLU E 776 13.13 -43.12 -22.89
CA GLU E 776 14.53 -42.69 -22.89
C GLU E 776 14.89 -41.98 -24.19
N GLN E 777 14.33 -42.42 -25.32
CA GLN E 777 14.58 -41.77 -26.60
C GLN E 777 13.74 -40.51 -26.79
N GLY E 778 12.93 -40.13 -25.82
CA GLY E 778 12.12 -38.95 -25.94
C GLY E 778 10.97 -39.05 -26.92
N LEU E 779 10.75 -40.24 -27.50
CA LEU E 779 9.66 -40.38 -28.47
C LEU E 779 8.32 -40.05 -27.84
N LEU E 780 8.11 -40.44 -26.59
CA LEU E 780 6.85 -40.13 -25.92
C LEU E 780 6.67 -38.63 -25.75
N ASP E 781 7.74 -37.94 -25.38
CA ASP E 781 7.69 -36.48 -25.29
C ASP E 781 7.37 -35.87 -26.65
N LYS E 782 7.94 -36.43 -27.71
CA LYS E 782 7.65 -35.96 -29.06
C LYS E 782 6.18 -36.12 -29.39
N LEU E 783 5.60 -37.29 -29.07
CA LEU E 783 4.19 -37.52 -29.35
C LEU E 783 3.31 -36.58 -28.55
N LYS E 784 3.66 -36.35 -27.28
CA LYS E 784 2.89 -35.41 -26.47
C LYS E 784 2.93 -34.01 -27.06
N ASN E 785 4.12 -33.55 -27.44
CA ASN E 785 4.24 -32.25 -28.09
C ASN E 785 3.35 -32.20 -29.34
N LYS E 786 3.43 -33.24 -30.17
CA LYS E 786 2.65 -33.27 -31.40
C LYS E 786 1.16 -33.12 -31.10
N TRP E 787 0.65 -33.92 -30.18
CA TRP E 787 -0.80 -34.01 -29.96
C TRP E 787 -1.33 -32.96 -29.00
N TRP E 788 -0.47 -32.14 -28.38
CA TRP E 788 -0.93 -31.07 -27.51
C TRP E 788 -0.64 -29.69 -28.06
N TYR E 789 0.59 -29.43 -28.51
CA TYR E 789 1.00 -28.11 -28.94
C TYR E 789 0.99 -27.95 -30.46
N ASP E 790 1.68 -28.85 -31.17
CA ASP E 790 1.66 -28.78 -32.63
C ASP E 790 0.24 -28.81 -33.16
N LYS E 791 -0.60 -29.66 -32.58
CA LYS E 791 -2.02 -29.74 -32.92
C LYS E 791 -2.85 -28.74 -32.12
N GLY E 792 -2.21 -27.85 -31.37
CA GLY E 792 -2.93 -26.94 -30.50
C GLY E 792 -3.55 -25.80 -31.28
N GLU E 793 -4.81 -25.49 -30.97
CA GLU E 793 -5.48 -24.35 -31.58
C GLU E 793 -4.99 -23.03 -31.03
N CYS E 794 -4.21 -23.04 -29.96
CA CYS E 794 -3.66 -21.83 -29.35
C CYS E 794 -2.14 -21.91 -29.45
N GLY E 795 -1.54 -20.94 -30.13
CA GLY E 795 -0.11 -20.95 -30.36
C GLY E 795 0.71 -21.18 -29.11
N SER E 796 0.79 -20.16 -28.25
CA SER E 796 1.54 -20.28 -27.00
C SER E 796 0.80 -19.80 -25.77
N GLY E 797 -0.23 -18.96 -25.91
CA GLY E 797 -0.94 -18.44 -24.75
C GLY E 797 -1.80 -19.48 -24.06
N THR E 805 1.04 -4.72 -18.57
CA THR E 805 2.13 -4.87 -17.61
C THR E 805 1.88 -3.99 -16.38
N SER E 806 2.97 -3.59 -15.71
CA SER E 806 2.84 -2.79 -14.50
C SER E 806 2.57 -1.33 -14.81
N ALA E 807 3.28 -0.76 -15.80
CA ALA E 807 3.17 0.65 -16.10
C ALA E 807 1.77 1.01 -16.56
N LEU E 808 1.52 2.30 -16.78
CA LEU E 808 0.21 2.79 -17.15
C LEU E 808 0.16 3.03 -18.66
N SER E 809 -0.88 2.53 -19.30
CA SER E 809 -1.08 2.70 -20.73
C SER E 809 -1.91 3.96 -20.98
N LEU E 810 -1.74 4.52 -22.18
CA LEU E 810 -2.49 5.71 -22.53
C LEU E 810 -3.98 5.49 -22.43
N SER E 811 -4.42 4.24 -22.61
CA SER E 811 -5.85 3.93 -22.53
C SER E 811 -6.48 4.43 -21.25
N ASN E 812 -5.70 4.58 -20.18
CA ASN E 812 -6.22 5.04 -18.91
C ASN E 812 -6.33 6.55 -18.81
N VAL E 813 -5.75 7.29 -19.75
CA VAL E 813 -5.62 8.74 -19.63
C VAL E 813 -6.07 9.43 -20.90
N ALA E 814 -6.83 8.72 -21.74
CA ALA E 814 -7.23 9.28 -23.03
C ALA E 814 -8.11 10.50 -22.84
N GLY E 815 -9.14 10.39 -22.00
CA GLY E 815 -10.07 11.50 -21.83
C GLY E 815 -9.38 12.79 -21.45
N VAL E 816 -8.27 12.71 -20.73
CA VAL E 816 -7.52 13.91 -20.37
C VAL E 816 -7.11 14.66 -21.63
N PHE E 817 -6.43 13.98 -22.55
CA PHE E 817 -5.97 14.65 -23.75
C PHE E 817 -7.14 15.01 -24.66
N TYR E 818 -8.21 14.22 -24.65
CA TYR E 818 -9.40 14.58 -25.40
C TYR E 818 -9.91 15.96 -24.97
N ILE E 819 -10.19 16.11 -23.67
CA ILE E 819 -10.70 17.38 -23.18
C ILE E 819 -9.67 18.49 -23.35
N LEU E 820 -8.38 18.15 -23.24
CA LEU E 820 -7.33 19.13 -23.48
C LEU E 820 -7.47 19.73 -24.87
N VAL E 821 -7.43 18.88 -25.90
CA VAL E 821 -7.51 19.38 -27.26
C VAL E 821 -8.84 20.06 -27.51
N GLY E 822 -9.92 19.58 -26.90
CA GLY E 822 -11.19 20.27 -27.03
C GLY E 822 -11.11 21.70 -26.53
N GLY E 823 -10.52 21.88 -25.35
CA GLY E 823 -10.36 23.22 -24.82
C GLY E 823 -9.44 24.07 -25.67
N LEU E 824 -8.39 23.47 -26.22
CA LEU E 824 -7.48 24.22 -27.09
C LEU E 824 -8.22 24.74 -28.31
N GLY E 825 -9.00 23.87 -28.96
CA GLY E 825 -9.74 24.30 -30.13
C GLY E 825 -10.80 25.34 -29.79
N LEU E 826 -11.49 25.15 -28.67
CA LEU E 826 -12.46 26.14 -28.24
C LEU E 826 -11.80 27.49 -28.02
N ALA E 827 -10.61 27.49 -27.39
CA ALA E 827 -9.91 28.74 -27.14
C ALA E 827 -9.48 29.39 -28.44
N MET E 828 -9.00 28.60 -29.39
CA MET E 828 -8.62 29.18 -30.68
C MET E 828 -9.82 29.79 -31.39
N LEU E 829 -10.96 29.09 -31.33
CA LEU E 829 -12.18 29.62 -31.94
C LEU E 829 -12.59 30.94 -31.30
N VAL E 830 -12.59 30.98 -29.97
CA VAL E 830 -12.97 32.18 -29.26
C VAL E 830 -12.02 33.32 -29.60
N ALA E 831 -10.73 33.02 -29.64
CA ALA E 831 -9.75 34.05 -29.98
C ALA E 831 -9.97 34.58 -31.38
N LEU E 832 -10.29 33.70 -32.32
CA LEU E 832 -10.52 34.14 -33.71
C LEU E 832 -11.75 35.03 -33.79
N ILE E 833 -12.85 34.62 -33.17
CA ILE E 833 -14.07 35.43 -33.26
C ILE E 833 -13.87 36.75 -32.54
N GLU E 834 -13.10 36.77 -31.46
CA GLU E 834 -12.82 38.03 -30.78
C GLU E 834 -11.96 38.93 -31.64
N PHE E 835 -10.91 38.37 -32.25
CA PHE E 835 -10.09 39.11 -33.20
C PHE E 835 -10.95 39.76 -34.27
N CYS E 836 -11.88 39.00 -34.83
CA CYS E 836 -12.78 39.55 -35.84
C CYS E 836 -13.63 40.67 -35.27
N TYR E 837 -14.49 40.34 -34.30
CA TYR E 837 -15.39 41.34 -33.73
C TYR E 837 -14.65 42.59 -33.26
N LYS E 838 -13.35 42.48 -32.97
CA LYS E 838 -12.58 43.65 -32.57
C LYS E 838 -12.09 44.43 -33.79
N SER E 839 -11.29 43.78 -34.64
CA SER E 839 -10.66 44.48 -35.75
C SER E 839 -11.72 45.03 -36.70
N ARG E 840 -12.65 44.19 -37.14
CA ARG E 840 -13.72 44.66 -38.00
C ARG E 840 -14.39 45.89 -37.42
N ALA E 841 -14.98 45.74 -36.24
CA ALA E 841 -15.79 46.81 -35.66
C ALA E 841 -14.98 48.06 -35.35
N GLU E 842 -13.66 47.95 -35.17
CA GLU E 842 -12.85 49.11 -34.83
C GLU E 842 -12.31 49.81 -36.07
N ALA E 843 -11.54 49.09 -36.89
CA ALA E 843 -10.94 49.71 -38.06
C ALA E 843 -11.99 50.06 -39.11
N LYS E 844 -12.96 49.17 -39.34
CA LYS E 844 -13.97 49.45 -40.36
C LYS E 844 -15.11 50.28 -39.77
N ARG E 845 -15.74 49.78 -38.71
CA ARG E 845 -16.85 50.49 -38.08
C ARG E 845 -16.34 51.43 -36.98
N THR F 415 -26.29 -50.21 30.75
CA THR F 415 -25.98 -48.92 30.16
C THR F 415 -26.02 -47.81 31.21
N VAL F 416 -26.10 -46.56 30.75
CA VAL F 416 -26.13 -45.40 31.63
C VAL F 416 -27.17 -44.41 31.12
N VAL F 417 -27.74 -43.66 32.05
CA VAL F 417 -28.74 -42.64 31.74
C VAL F 417 -28.00 -41.31 31.60
N VAL F 418 -27.75 -40.90 30.36
CA VAL F 418 -27.06 -39.65 30.06
C VAL F 418 -28.13 -38.60 29.75
N THR F 419 -28.29 -37.64 30.65
CA THR F 419 -29.26 -36.57 30.50
C THR F 419 -28.54 -35.27 30.15
N THR F 420 -29.03 -34.57 29.14
CA THR F 420 -28.45 -33.31 28.70
C THR F 420 -29.56 -32.46 28.13
N ILE F 421 -29.19 -31.41 27.39
CA ILE F 421 -30.16 -30.47 26.82
C ILE F 421 -29.66 -30.02 25.45
N LEU F 422 -30.59 -29.55 24.64
CA LEU F 422 -30.30 -29.15 23.26
C LEU F 422 -29.77 -27.72 23.25
N GLU F 423 -28.45 -27.58 23.15
CA GLU F 423 -27.83 -26.27 23.02
C GLU F 423 -26.54 -26.43 22.23
N SER F 424 -26.41 -25.66 21.16
CA SER F 424 -25.28 -25.81 20.27
C SER F 424 -24.09 -24.99 20.77
N PRO F 425 -22.87 -25.38 20.38
CA PRO F 425 -22.55 -26.57 19.59
C PRO F 425 -22.30 -27.81 20.45
N TYR F 426 -23.02 -27.92 21.55
CA TYR F 426 -22.87 -29.07 22.45
C TYR F 426 -23.77 -30.23 22.02
N VAL F 427 -25.08 -29.97 21.93
CA VAL F 427 -26.06 -30.98 21.60
C VAL F 427 -26.81 -30.49 20.36
N MET F 428 -26.57 -31.14 19.23
CA MET F 428 -27.18 -30.78 17.96
C MET F 428 -27.76 -32.01 17.29
N MET F 429 -28.96 -31.86 16.72
CA MET F 429 -29.59 -32.96 16.00
C MET F 429 -29.00 -33.08 14.61
N LYS F 430 -28.63 -34.29 14.22
CA LYS F 430 -28.14 -34.53 12.88
C LYS F 430 -29.20 -34.11 11.86
N LYS F 431 -28.75 -33.78 10.65
CA LYS F 431 -29.66 -33.35 9.61
C LYS F 431 -30.81 -34.34 9.43
N ASN F 432 -30.49 -35.62 9.32
CA ASN F 432 -31.49 -36.67 9.16
C ASN F 432 -31.85 -37.29 10.51
N HIS F 433 -32.29 -36.44 11.43
CA HIS F 433 -32.64 -36.93 12.76
C HIS F 433 -33.96 -37.71 12.72
N GLU F 434 -34.94 -37.22 11.95
CA GLU F 434 -36.19 -37.96 11.81
C GLU F 434 -35.97 -39.27 11.09
N MET F 435 -35.00 -39.33 10.18
CA MET F 435 -34.65 -40.56 9.47
C MET F 435 -33.71 -41.43 10.26
N LEU F 436 -33.49 -41.14 11.54
CA LEU F 436 -32.60 -41.93 12.38
C LEU F 436 -33.21 -42.08 13.76
N GLU F 437 -32.84 -43.16 14.44
CA GLU F 437 -33.36 -43.47 15.78
C GLU F 437 -32.21 -44.06 16.60
N GLY F 438 -31.52 -43.21 17.35
CA GLY F 438 -30.44 -43.66 18.19
C GLY F 438 -29.53 -42.49 18.55
N ASN F 439 -28.40 -42.84 19.17
CA ASN F 439 -27.42 -41.84 19.55
C ASN F 439 -26.85 -41.11 18.35
N GLU F 440 -26.90 -41.72 17.16
CA GLU F 440 -26.41 -41.05 15.97
C GLU F 440 -27.19 -39.78 15.66
N ARG F 441 -28.39 -39.63 16.23
CA ARG F 441 -29.17 -38.41 16.03
C ARG F 441 -28.38 -37.19 16.49
N TYR F 442 -27.85 -37.24 17.72
CA TYR F 442 -27.23 -36.08 18.33
C TYR F 442 -25.78 -35.92 17.83
N GLU F 443 -25.23 -34.75 18.14
CA GLU F 443 -23.85 -34.42 17.77
C GLU F 443 -23.47 -33.15 18.51
N GLY F 444 -22.19 -32.80 18.44
CA GLY F 444 -21.67 -31.58 19.02
C GLY F 444 -20.49 -31.87 19.91
N TYR F 445 -20.26 -30.96 20.86
CA TYR F 445 -19.11 -31.05 21.75
C TYR F 445 -19.31 -32.09 22.83
N CYS F 446 -20.34 -31.91 23.65
CA CYS F 446 -20.56 -32.82 24.76
C CYS F 446 -20.82 -34.24 24.31
N VAL F 447 -21.27 -34.43 23.07
CA VAL F 447 -21.50 -35.79 22.55
C VAL F 447 -20.17 -36.53 22.45
N ASP F 448 -19.23 -35.99 21.69
CA ASP F 448 -17.91 -36.59 21.62
C ASP F 448 -17.25 -36.64 22.99
N LEU F 449 -17.55 -35.67 23.86
CA LEU F 449 -17.02 -35.71 25.21
C LEU F 449 -17.46 -36.98 25.93
N ALA F 450 -18.78 -37.22 25.97
CA ALA F 450 -19.29 -38.43 26.60
C ALA F 450 -18.76 -39.67 25.91
N ALA F 451 -18.56 -39.62 24.60
CA ALA F 451 -17.98 -40.76 23.90
C ALA F 451 -16.61 -41.10 24.45
N GLU F 452 -15.73 -40.09 24.52
CA GLU F 452 -14.38 -40.32 25.05
C GLU F 452 -14.43 -40.71 26.52
N ILE F 453 -15.41 -40.20 27.26
CA ILE F 453 -15.54 -40.54 28.67
C ILE F 453 -15.85 -42.02 28.83
N ALA F 454 -16.82 -42.51 28.06
CA ALA F 454 -17.14 -43.94 28.08
C ALA F 454 -15.95 -44.77 27.62
N LYS F 455 -15.23 -44.29 26.60
CA LYS F 455 -14.01 -44.97 26.18
C LYS F 455 -13.06 -45.14 27.35
N HIS F 456 -12.79 -44.05 28.07
CA HIS F 456 -11.91 -44.12 29.23
C HIS F 456 -12.42 -45.13 30.25
N CYS F 457 -13.67 -44.95 30.69
CA CYS F 457 -14.24 -45.85 31.69
C CYS F 457 -14.66 -47.17 31.06
N GLY F 458 -15.56 -47.12 30.09
CA GLY F 458 -16.03 -48.32 29.43
C GLY F 458 -17.42 -48.73 29.88
N PHE F 459 -18.43 -48.38 29.10
CA PHE F 459 -19.81 -48.73 29.42
C PHE F 459 -20.74 -48.31 28.30
N LYS F 460 -22.03 -48.61 28.45
CA LYS F 460 -23.05 -48.18 27.51
C LYS F 460 -23.82 -46.99 28.08
N TYR F 461 -24.30 -46.14 27.18
CA TYR F 461 -25.00 -44.93 27.60
C TYR F 461 -26.09 -44.61 26.59
N LYS F 462 -27.23 -44.15 27.09
CA LYS F 462 -28.35 -43.69 26.27
C LYS F 462 -28.37 -42.17 26.32
N LEU F 463 -28.09 -41.54 25.19
CA LEU F 463 -27.99 -40.08 25.12
C LEU F 463 -29.41 -39.51 25.12
N THR F 464 -30.01 -39.50 26.31
CA THR F 464 -31.37 -38.99 26.48
C THR F 464 -31.34 -37.47 26.58
N ILE F 465 -32.47 -36.88 26.96
CA ILE F 465 -32.61 -35.44 27.06
C ILE F 465 -33.42 -35.10 28.30
N VAL F 466 -33.28 -33.87 28.77
CA VAL F 466 -34.03 -33.40 29.93
C VAL F 466 -35.47 -33.11 29.53
N GLY F 467 -36.36 -33.17 30.52
CA GLY F 467 -37.77 -32.97 30.29
C GLY F 467 -38.17 -31.52 30.15
N ASP F 468 -38.00 -30.73 31.21
CA ASP F 468 -38.42 -29.34 31.22
C ASP F 468 -37.52 -28.44 30.39
N GLY F 469 -36.51 -28.98 29.73
CA GLY F 469 -35.58 -28.15 28.99
C GLY F 469 -34.88 -27.12 29.84
N LYS F 470 -34.47 -27.51 31.05
CA LYS F 470 -33.79 -26.63 31.98
C LYS F 470 -32.54 -27.31 32.51
N TYR F 471 -31.51 -26.50 32.78
CA TYR F 471 -30.26 -27.03 33.29
C TYR F 471 -30.44 -27.55 34.72
N GLY F 472 -30.82 -26.67 35.63
CA GLY F 472 -31.02 -27.05 37.01
C GLY F 472 -31.27 -25.88 37.93
N ALA F 473 -32.25 -26.03 38.80
CA ALA F 473 -32.56 -25.01 39.81
C ALA F 473 -33.51 -25.65 40.82
N ARG F 474 -33.92 -24.87 41.81
CA ARG F 474 -34.84 -25.34 42.84
C ARG F 474 -35.99 -24.36 42.98
N ASP F 475 -36.93 -24.72 43.86
CA ASP F 475 -38.11 -23.91 44.14
C ASP F 475 -37.98 -23.32 45.54
N ALA F 476 -38.21 -22.01 45.65
CA ALA F 476 -38.01 -21.34 46.92
C ALA F 476 -38.90 -21.90 48.02
N ASP F 477 -40.04 -22.49 47.65
CA ASP F 477 -40.99 -23.02 48.62
C ASP F 477 -40.90 -24.54 48.76
N THR F 478 -40.84 -25.26 47.64
CA THR F 478 -40.81 -26.71 47.65
C THR F 478 -39.40 -27.27 47.43
N LYS F 479 -38.41 -26.41 47.19
CA LYS F 479 -37.02 -26.80 46.98
C LYS F 479 -36.90 -27.99 46.03
N ILE F 480 -37.86 -28.15 45.13
CA ILE F 480 -37.84 -29.25 44.18
C ILE F 480 -36.84 -28.91 43.07
N TRP F 481 -35.92 -29.82 42.81
CA TRP F 481 -34.91 -29.60 41.78
C TRP F 481 -35.52 -29.85 40.41
N ASN F 482 -35.65 -28.79 39.63
CA ASN F 482 -36.12 -28.88 38.24
C ASN F 482 -34.92 -28.77 37.32
N GLY F 483 -34.82 -29.71 36.39
CA GLY F 483 -33.72 -29.79 35.45
C GLY F 483 -32.92 -31.07 35.66
N MET F 484 -31.74 -31.10 35.02
CA MET F 484 -30.86 -32.25 35.19
C MET F 484 -30.54 -32.50 36.65
N VAL F 485 -30.54 -31.44 37.47
CA VAL F 485 -30.32 -31.60 38.90
C VAL F 485 -31.41 -32.48 39.49
N GLY F 486 -32.67 -32.19 39.16
CA GLY F 486 -33.75 -33.03 39.63
C GLY F 486 -33.58 -34.48 39.26
N GLU F 487 -33.01 -34.74 38.07
CA GLU F 487 -32.81 -36.11 37.64
C GLU F 487 -31.71 -36.79 38.44
N LEU F 488 -30.51 -36.21 38.44
CA LEU F 488 -29.40 -36.81 39.16
C LEU F 488 -29.64 -36.87 40.66
N VAL F 489 -30.59 -36.09 41.17
CA VAL F 489 -30.92 -36.14 42.59
C VAL F 489 -32.05 -37.13 42.86
N TYR F 490 -33.06 -37.17 41.99
CA TYR F 490 -34.20 -38.05 42.15
C TYR F 490 -34.03 -39.36 41.38
N GLY F 491 -32.80 -39.74 41.05
CA GLY F 491 -32.52 -41.00 40.40
C GLY F 491 -32.99 -41.12 38.97
N LYS F 492 -33.69 -40.11 38.44
CA LYS F 492 -34.16 -40.19 37.05
C LYS F 492 -33.01 -40.30 36.06
N ALA F 493 -31.79 -39.98 36.48
CA ALA F 493 -30.63 -40.07 35.59
C ALA F 493 -29.42 -40.49 36.41
N ASP F 494 -28.38 -40.90 35.70
CA ASP F 494 -27.13 -41.35 36.33
C ASP F 494 -25.95 -40.44 36.05
N ILE F 495 -26.05 -39.56 35.05
CA ILE F 495 -24.94 -38.69 34.69
C ILE F 495 -25.50 -37.58 33.82
N ALA F 496 -24.88 -36.40 33.90
CA ALA F 496 -25.32 -35.21 33.18
C ALA F 496 -24.10 -34.58 32.52
N ILE F 497 -23.85 -34.93 31.27
CA ILE F 497 -22.76 -34.35 30.48
C ILE F 497 -23.37 -33.22 29.67
N ALA F 498 -23.36 -32.02 30.24
CA ALA F 498 -23.95 -30.86 29.60
C ALA F 498 -23.20 -29.63 30.08
N PRO F 499 -23.41 -28.47 29.44
CA PRO F 499 -22.77 -27.24 29.92
C PRO F 499 -23.36 -26.76 31.22
N LEU F 500 -23.34 -27.63 32.24
CA LEU F 500 -23.95 -27.32 33.52
C LEU F 500 -23.01 -26.43 34.32
N THR F 501 -23.44 -25.20 34.60
CA THR F 501 -22.65 -24.29 35.42
C THR F 501 -22.48 -24.87 36.81
N ILE F 502 -21.30 -24.65 37.39
CA ILE F 502 -20.98 -25.12 38.73
C ILE F 502 -21.32 -24.01 39.72
N THR F 503 -22.08 -24.36 40.75
CA THR F 503 -22.51 -23.41 41.76
C THR F 503 -22.32 -24.00 43.14
N LEU F 504 -22.38 -23.12 44.15
CA LEU F 504 -22.31 -23.57 45.52
C LEU F 504 -23.46 -24.52 45.85
N VAL F 505 -24.69 -24.10 45.54
CA VAL F 505 -25.86 -24.87 45.91
C VAL F 505 -25.88 -26.22 45.17
N ARG F 506 -25.59 -26.20 43.87
CA ARG F 506 -25.66 -27.43 43.09
C ARG F 506 -24.64 -28.44 43.55
N GLU F 507 -23.51 -27.99 44.09
CA GLU F 507 -22.48 -28.91 44.56
C GLU F 507 -22.78 -29.41 45.97
N GLU F 508 -23.52 -28.64 46.77
CA GLU F 508 -23.90 -29.08 48.09
C GLU F 508 -24.77 -30.32 48.07
N VAL F 509 -25.32 -30.68 46.91
CA VAL F 509 -26.21 -31.82 46.80
C VAL F 509 -25.61 -32.96 45.99
N ILE F 510 -24.82 -32.66 44.97
CA ILE F 510 -24.24 -33.67 44.09
C ILE F 510 -22.75 -33.39 43.93
N ASP F 511 -22.11 -34.19 43.07
CA ASP F 511 -20.68 -34.11 42.84
C ASP F 511 -20.42 -33.50 41.47
N PHE F 512 -19.68 -32.40 41.45
CA PHE F 512 -19.23 -31.77 40.22
C PHE F 512 -17.78 -32.16 39.94
N SER F 513 -17.52 -32.61 38.73
CA SER F 513 -16.16 -32.89 38.32
C SER F 513 -15.42 -31.59 38.07
N LYS F 514 -14.10 -31.71 37.91
CA LYS F 514 -13.31 -30.53 37.63
C LYS F 514 -13.78 -29.90 36.32
N PRO F 515 -13.75 -28.57 36.20
CA PRO F 515 -14.29 -27.94 34.99
C PRO F 515 -13.60 -28.44 33.73
N PHE F 516 -14.42 -28.87 32.76
CA PHE F 516 -13.90 -29.19 31.44
C PHE F 516 -13.91 -28.00 30.51
N MET F 517 -14.64 -26.93 30.85
CA MET F 517 -14.71 -25.74 30.01
C MET F 517 -14.72 -24.51 30.91
N SER F 518 -13.58 -23.83 31.00
CA SER F 518 -13.51 -22.58 31.74
C SER F 518 -13.98 -21.44 30.86
N LEU F 519 -14.75 -20.53 31.46
CA LEU F 519 -15.32 -19.43 30.69
C LEU F 519 -15.60 -18.26 31.63
N GLY F 520 -16.34 -17.29 31.12
CA GLY F 520 -16.71 -16.13 31.91
C GLY F 520 -17.54 -15.19 31.07
N ILE F 521 -18.23 -14.28 31.76
CA ILE F 521 -19.06 -13.31 31.07
C ILE F 521 -18.20 -12.47 30.14
N SER F 522 -18.76 -12.11 28.99
CA SER F 522 -18.02 -11.38 27.97
C SER F 522 -18.96 -10.33 27.37
N ILE F 523 -18.53 -9.77 26.24
CA ILE F 523 -19.27 -8.72 25.56
C ILE F 523 -19.40 -9.10 24.10
N MET F 524 -20.53 -8.71 23.50
CA MET F 524 -20.80 -8.95 22.09
C MET F 524 -21.32 -7.66 21.49
N ILE F 525 -20.70 -7.23 20.39
CA ILE F 525 -21.09 -6.02 19.68
C ILE F 525 -21.04 -6.30 18.19
N LYS F 526 -21.42 -5.31 17.39
CA LYS F 526 -21.27 -5.37 15.95
C LYS F 526 -19.89 -4.85 15.58
N LYS F 527 -19.17 -5.62 14.79
CA LYS F 527 -17.81 -5.24 14.41
C LYS F 527 -17.82 -3.84 13.80
N PRO F 528 -16.73 -3.10 13.89
CA PRO F 528 -16.75 -1.71 13.45
C PRO F 528 -17.07 -1.61 11.97
N GLN F 529 -18.06 -0.76 11.66
CA GLN F 529 -18.41 -0.42 10.29
C GLN F 529 -17.81 0.94 9.95
N LYS F 530 -17.70 1.20 8.65
CA LYS F 530 -17.14 2.47 8.19
C LYS F 530 -17.88 3.63 8.83
N SER F 531 -17.15 4.40 9.64
CA SER F 531 -17.76 5.47 10.40
C SER F 531 -18.35 6.52 9.44
N LYS F 532 -19.06 7.48 10.03
CA LYS F 532 -19.61 8.59 9.27
C LYS F 532 -18.49 9.24 8.47
N PRO F 533 -18.78 9.86 7.33
CA PRO F 533 -17.72 10.41 6.49
C PRO F 533 -16.80 11.39 7.22
N GLY F 534 -17.24 11.92 8.36
CA GLY F 534 -16.39 12.82 9.10
C GLY F 534 -16.22 14.16 8.41
N VAL F 535 -17.28 14.97 8.39
CA VAL F 535 -17.36 16.17 7.57
C VAL F 535 -16.00 16.86 7.47
N PHE F 536 -15.38 17.12 8.62
CA PHE F 536 -14.01 17.63 8.65
C PHE F 536 -13.01 16.50 8.85
N SER F 537 -13.06 15.48 7.99
CA SER F 537 -12.15 14.35 8.10
C SER F 537 -10.86 14.56 7.31
N PHE F 538 -10.90 15.35 6.24
CA PHE F 538 -9.71 15.58 5.44
C PHE F 538 -8.57 16.18 6.27
N LEU F 539 -8.86 16.65 7.48
CA LEU F 539 -7.83 17.10 8.41
C LEU F 539 -7.31 15.98 9.29
N ASP F 540 -8.01 14.85 9.36
CA ASP F 540 -7.58 13.75 10.21
C ASP F 540 -6.14 13.30 9.94
N PRO F 541 -5.67 13.24 8.70
CA PRO F 541 -4.27 12.81 8.49
C PRO F 541 -3.26 13.60 9.28
N LEU F 542 -3.57 14.84 9.63
CA LEU F 542 -2.65 15.72 10.33
C LEU F 542 -3.29 16.24 11.61
N ALA F 543 -2.45 16.77 12.48
CA ALA F 543 -2.90 17.34 13.74
C ALA F 543 -3.30 18.79 13.54
N TYR F 544 -4.36 19.21 14.25
CA TYR F 544 -4.84 20.58 14.12
C TYR F 544 -3.71 21.59 14.29
N GLU F 545 -2.75 21.27 15.16
CA GLU F 545 -1.62 22.17 15.35
C GLU F 545 -0.87 22.40 14.05
N ILE F 546 -0.67 21.33 13.27
CA ILE F 546 0.05 21.47 12.02
C ILE F 546 -0.75 22.32 11.04
N TRP F 547 -2.08 22.19 11.06
CA TRP F 547 -2.91 23.01 10.19
C TRP F 547 -2.78 24.49 10.55
N MET F 548 -2.91 24.80 11.85
CA MET F 548 -2.75 26.18 12.27
C MET F 548 -1.37 26.71 11.93
N CYS F 549 -0.34 25.85 12.02
CA CYS F 549 1.01 26.29 11.70
C CYS F 549 1.14 26.59 10.21
N ILE F 550 0.56 25.74 9.38
CA ILE F 550 0.53 26.01 7.94
C ILE F 550 -0.11 27.36 7.67
N VAL F 551 -1.27 27.61 8.30
CA VAL F 551 -1.99 28.86 8.06
C VAL F 551 -1.14 30.05 8.45
N PHE F 552 -0.61 30.02 9.67
CA PHE F 552 0.15 31.16 10.17
C PHE F 552 1.44 31.35 9.39
N ALA F 553 2.06 30.27 8.92
CA ALA F 553 3.24 30.39 8.08
C ALA F 553 2.90 31.04 6.75
N TYR F 554 1.77 30.66 6.16
CA TYR F 554 1.35 31.27 4.91
C TYR F 554 1.17 32.78 5.08
N ILE F 555 0.45 33.17 6.13
CA ILE F 555 0.18 34.60 6.31
C ILE F 555 1.46 35.35 6.66
N GLY F 556 2.34 34.74 7.46
CA GLY F 556 3.59 35.39 7.79
C GLY F 556 4.48 35.57 6.57
N VAL F 557 4.50 34.58 5.69
CA VAL F 557 5.28 34.70 4.46
C VAL F 557 4.70 35.79 3.58
N SER F 558 3.37 35.85 3.47
CA SER F 558 2.74 36.91 2.69
C SER F 558 3.11 38.28 3.27
N VAL F 559 3.12 38.39 4.60
CA VAL F 559 3.49 39.65 5.24
C VAL F 559 4.92 40.02 4.90
N VAL F 560 5.84 39.04 5.02
CA VAL F 560 7.23 39.32 4.71
C VAL F 560 7.38 39.78 3.27
N LEU F 561 6.68 39.12 2.34
CA LEU F 561 6.69 39.59 0.96
C LEU F 561 6.19 41.03 0.88
N PHE F 562 5.16 41.36 1.64
CA PHE F 562 4.68 42.74 1.70
C PHE F 562 5.75 43.68 2.23
N LEU F 563 6.67 43.17 3.04
CA LEU F 563 7.71 43.99 3.66
C LEU F 563 9.02 43.94 2.90
N VAL F 564 9.00 43.61 1.62
CA VAL F 564 10.18 43.69 0.77
C VAL F 564 9.82 44.46 -0.49
N SER F 565 8.67 45.12 -0.48
CA SER F 565 8.22 45.95 -1.57
C SER F 565 8.02 47.40 -1.17
N ARG F 566 7.45 47.65 0.01
CA ARG F 566 7.34 48.98 0.56
C ARG F 566 8.51 49.32 1.48
N PHE F 567 8.92 48.37 2.32
CA PHE F 567 10.11 48.52 3.13
C PHE F 567 11.40 48.41 2.32
N SER F 568 11.29 48.15 1.03
CA SER F 568 12.44 48.06 0.14
C SER F 568 11.96 47.93 -1.30
N PRO F 569 12.72 48.44 -2.29
CA PRO F 569 12.27 48.34 -3.68
C PRO F 569 12.18 46.91 -4.18
N SER F 616 15.79 40.75 -6.75
CA SER F 616 15.66 41.36 -5.43
C SER F 616 16.55 40.68 -4.42
N LEU F 617 16.79 39.38 -4.63
CA LEU F 617 17.65 38.57 -3.78
C LEU F 617 17.00 38.25 -2.44
N SER F 618 15.83 38.81 -2.18
CA SER F 618 15.02 38.45 -1.02
C SER F 618 13.82 37.60 -1.42
N GLY F 619 13.02 38.08 -2.38
CA GLY F 619 11.94 37.27 -2.90
C GLY F 619 12.41 35.98 -3.52
N ARG F 620 13.68 35.92 -3.93
CA ARG F 620 14.21 34.69 -4.51
C ARG F 620 14.32 33.59 -3.46
N ILE F 621 15.06 33.85 -2.39
CA ILE F 621 15.25 32.83 -1.36
C ILE F 621 13.94 32.56 -0.65
N VAL F 622 13.12 33.59 -0.44
CA VAL F 622 11.84 33.40 0.21
C VAL F 622 10.95 32.51 -0.65
N GLY F 623 10.87 32.82 -1.94
CA GLY F 623 10.09 31.98 -2.84
C GLY F 623 10.59 30.55 -2.86
N GLY F 624 11.91 30.37 -2.87
CA GLY F 624 12.46 29.02 -2.91
C GLY F 624 12.16 28.22 -1.66
N VAL F 625 12.33 28.84 -0.50
CA VAL F 625 12.08 28.13 0.75
C VAL F 625 10.59 27.84 0.89
N TRP F 626 9.74 28.77 0.46
CA TRP F 626 8.30 28.52 0.49
C TRP F 626 7.92 27.40 -0.45
N TRP F 627 8.60 27.31 -1.59
CA TRP F 627 8.37 26.22 -2.53
C TRP F 627 8.74 24.89 -1.89
N PHE F 628 9.92 24.82 -1.27
CA PHE F 628 10.33 23.63 -0.53
C PHE F 628 9.28 23.25 0.52
N PHE F 629 8.82 24.24 1.28
CA PHE F 629 7.89 23.98 2.36
C PHE F 629 6.57 23.42 1.84
N THR F 630 5.94 24.12 0.91
CA THR F 630 4.68 23.64 0.36
C THR F 630 4.85 22.29 -0.33
N LEU F 631 6.00 22.06 -0.97
CA LEU F 631 6.30 20.76 -1.56
C LEU F 631 6.19 19.67 -0.51
N ILE F 632 6.96 19.80 0.57
CA ILE F 632 6.96 18.77 1.59
C ILE F 632 5.58 18.61 2.21
N ILE F 633 4.84 19.71 2.36
CA ILE F 633 3.52 19.62 2.96
C ILE F 633 2.58 18.83 2.08
N ILE F 634 2.51 19.18 0.79
CA ILE F 634 1.70 18.43 -0.16
C ILE F 634 2.06 16.95 -0.08
N SER F 635 3.36 16.65 -0.10
CA SER F 635 3.78 15.26 -0.15
C SER F 635 3.35 14.53 1.12
N SER F 636 3.54 15.14 2.28
CA SER F 636 3.17 14.49 3.53
C SER F 636 1.68 14.22 3.59
N TYR F 637 0.87 15.21 3.23
CA TYR F 637 -0.58 15.03 3.26
C TYR F 637 -1.00 13.91 2.32
N THR F 638 -0.48 13.93 1.10
CA THR F 638 -0.84 12.89 0.12
C THR F 638 -0.47 11.51 0.64
N ALA F 639 0.76 11.37 1.16
CA ALA F 639 1.22 10.07 1.60
C ALA F 639 0.37 9.55 2.76
N ASN F 640 0.12 10.40 3.76
CA ASN F 640 -0.66 9.97 4.90
C ASN F 640 -2.09 9.61 4.50
N LEU F 641 -2.69 10.39 3.60
CA LEU F 641 -4.05 10.09 3.18
C LEU F 641 -4.10 8.80 2.38
N ALA F 642 -3.08 8.54 1.57
CA ALA F 642 -3.04 7.30 0.81
C ALA F 642 -2.91 6.11 1.76
N ALA F 643 -2.06 6.24 2.78
CA ALA F 643 -1.94 5.18 3.77
C ALA F 643 -3.28 4.96 4.48
N PHE F 644 -3.99 6.04 4.79
CA PHE F 644 -5.28 5.90 5.44
C PHE F 644 -6.29 5.17 4.56
N LEU F 645 -6.31 5.52 3.27
CA LEU F 645 -7.32 4.98 2.37
C LEU F 645 -6.99 3.59 1.85
N THR F 646 -5.72 3.17 1.94
CA THR F 646 -5.34 1.88 1.38
C THR F 646 -5.71 0.74 2.33
N VAL F 647 -5.17 0.75 3.53
CA VAL F 647 -5.33 -0.39 4.43
C VAL F 647 -6.69 -0.37 5.11
N GLU F 648 -7.17 0.80 5.52
CA GLU F 648 -8.47 0.95 6.16
C GLU F 648 -8.54 0.11 7.44
N ARG F 649 -7.70 0.47 8.40
CA ARG F 649 -7.75 -0.17 9.71
C ARG F 649 -8.97 0.31 10.48
N MET F 650 -9.63 -0.62 11.16
CA MET F 650 -10.84 -0.34 11.91
C MET F 650 -10.62 -0.66 13.38
N VAL F 651 -11.17 0.18 14.25
CA VAL F 651 -11.05 -0.01 15.69
C VAL F 651 -12.27 0.61 16.36
N SER F 652 -12.72 -0.02 17.44
CA SER F 652 -13.76 0.53 18.27
C SER F 652 -13.18 0.99 19.60
N PRO F 653 -13.78 2.01 20.24
CA PRO F 653 -13.23 2.51 21.50
C PRO F 653 -13.50 1.61 22.70
N ILE F 654 -14.07 0.43 22.48
CA ILE F 654 -14.46 -0.47 23.55
C ILE F 654 -13.51 -1.66 23.51
N GLU F 655 -12.48 -1.61 24.35
CA GLU F 655 -11.55 -2.72 24.51
C GLU F 655 -11.71 -3.40 25.86
N SER F 656 -12.75 -3.06 26.61
CA SER F 656 -12.99 -3.62 27.93
C SER F 656 -14.34 -3.11 28.41
N ALA F 657 -14.75 -3.58 29.59
CA ALA F 657 -15.99 -3.10 30.20
C ALA F 657 -15.79 -1.77 30.92
N GLU F 658 -14.57 -1.47 31.35
CA GLU F 658 -14.31 -0.17 31.97
C GLU F 658 -14.72 0.96 31.03
N ASP F 659 -14.46 0.82 29.73
CA ASP F 659 -14.86 1.84 28.78
C ASP F 659 -16.37 2.02 28.78
N LEU F 660 -17.11 0.92 28.72
CA LEU F 660 -18.57 1.00 28.78
C LEU F 660 -19.02 1.68 30.06
N SER F 661 -18.31 1.44 31.16
CA SER F 661 -18.65 2.09 32.41
C SER F 661 -18.44 3.60 32.31
N LYS F 662 -17.34 4.03 31.67
CA LYS F 662 -17.07 5.45 31.54
C LYS F 662 -18.11 6.14 30.69
N GLN F 663 -18.22 5.75 29.43
CA GLN F 663 -19.12 6.41 28.51
C GLN F 663 -20.57 5.95 28.72
N THR F 664 -21.48 6.62 28.05
CA THR F 664 -22.89 6.23 28.07
C THR F 664 -23.56 6.35 26.71
N GLU F 665 -22.82 6.71 25.66
CA GLU F 665 -23.43 6.85 24.33
C GLU F 665 -24.05 5.53 23.89
N ILE F 666 -23.22 4.51 23.73
CA ILE F 666 -23.72 3.18 23.38
C ILE F 666 -24.25 2.51 24.64
N ALA F 667 -25.37 1.82 24.50
CA ALA F 667 -26.03 1.18 25.63
C ALA F 667 -25.56 -0.25 25.77
N TYR F 668 -26.13 -0.96 26.75
CA TYR F 668 -25.82 -2.36 26.97
C TYR F 668 -26.87 -2.94 27.91
N GLY F 669 -27.25 -4.19 27.66
CA GLY F 669 -28.28 -4.85 28.44
C GLY F 669 -27.96 -6.31 28.64
N THR F 670 -28.82 -6.97 29.41
CA THR F 670 -28.66 -8.37 29.75
C THR F 670 -30.02 -9.05 29.75
N LEU F 671 -29.99 -10.38 29.71
CA LEU F 671 -31.22 -11.15 29.81
C LEU F 671 -31.94 -10.81 31.10
N ASP F 672 -33.23 -10.47 30.98
CA ASP F 672 -34.01 -10.00 32.12
C ASP F 672 -34.07 -11.00 33.26
N SER F 673 -33.67 -12.26 33.03
CA SER F 673 -33.68 -13.26 34.09
C SER F 673 -32.61 -14.28 33.78
N GLY F 674 -31.58 -14.33 34.62
CA GLY F 674 -30.49 -15.26 34.43
C GLY F 674 -29.38 -15.02 35.41
N SER F 675 -28.44 -15.95 35.43
CA SER F 675 -27.29 -15.85 36.34
C SER F 675 -26.54 -14.55 36.12
N THR F 676 -26.44 -14.10 34.87
CA THR F 676 -25.72 -12.87 34.57
C THR F 676 -26.37 -11.67 35.25
N LYS F 677 -27.70 -11.58 35.16
CA LYS F 677 -28.40 -10.45 35.73
C LYS F 677 -28.18 -10.38 37.24
N GLU F 678 -28.34 -11.52 37.93
CA GLU F 678 -28.13 -11.53 39.36
C GLU F 678 -26.69 -11.19 39.71
N PHE F 679 -25.74 -11.77 38.98
CA PHE F 679 -24.33 -11.45 39.21
C PHE F 679 -24.09 -9.95 39.12
N PHE F 680 -24.69 -9.30 38.13
CA PHE F 680 -24.50 -7.86 37.97
C PHE F 680 -25.16 -7.10 39.11
N ARG F 681 -26.40 -7.47 39.45
CA ARG F 681 -27.04 -6.92 40.64
C ARG F 681 -26.12 -7.08 41.85
N ARG F 682 -25.57 -8.27 42.02
CA ARG F 682 -24.57 -8.55 43.03
C ARG F 682 -23.20 -8.08 42.53
N SER F 683 -22.13 -8.53 43.18
CA SER F 683 -20.77 -8.17 42.77
C SER F 683 -20.54 -6.67 42.93
N LYS F 684 -20.59 -6.24 44.19
CA LYS F 684 -20.49 -4.82 44.54
C LYS F 684 -19.06 -4.35 44.30
N ILE F 685 -18.79 -4.01 43.04
CA ILE F 685 -17.50 -3.44 42.64
C ILE F 685 -17.77 -2.12 41.96
N ALA F 686 -16.78 -1.22 42.03
CA ALA F 686 -16.95 0.13 41.51
C ALA F 686 -17.48 0.12 40.08
N VAL F 687 -17.18 -0.91 39.31
CA VAL F 687 -17.55 -0.96 37.90
C VAL F 687 -18.89 -1.65 37.75
N PHE F 688 -18.96 -2.92 38.15
CA PHE F 688 -20.19 -3.68 37.96
C PHE F 688 -21.34 -3.07 38.74
N ASP F 689 -21.07 -2.50 39.91
CA ASP F 689 -22.12 -1.79 40.64
C ASP F 689 -22.61 -0.59 39.83
N LYS F 690 -21.68 0.13 39.21
CA LYS F 690 -22.05 1.28 38.38
C LYS F 690 -22.87 0.84 37.17
N MET F 691 -22.49 -0.28 36.56
CA MET F 691 -23.23 -0.76 35.39
C MET F 691 -24.62 -1.24 35.79
N TRP F 692 -24.75 -1.84 36.97
CA TRP F 692 -26.07 -2.22 37.46
C TRP F 692 -26.91 -0.98 37.75
N THR F 693 -26.30 0.04 38.34
CA THR F 693 -26.98 1.31 38.55
C THR F 693 -27.52 1.84 37.22
N TYR F 694 -26.66 1.87 36.20
CA TYR F 694 -27.08 2.34 34.88
C TYR F 694 -28.26 1.52 34.37
N MET F 695 -28.06 0.21 34.19
CA MET F 695 -29.10 -0.63 33.59
C MET F 695 -30.38 -0.63 34.43
N ARG F 696 -30.29 -0.29 35.72
CA ARG F 696 -31.49 -0.18 36.53
C ARG F 696 -32.14 1.19 36.36
N SER F 697 -31.33 2.24 36.26
CA SER F 697 -31.81 3.59 36.02
C SER F 697 -31.42 3.96 34.59
N ALA F 698 -32.25 3.56 33.64
CA ALA F 698 -32.00 3.83 32.23
C ALA F 698 -33.24 3.41 31.44
N GLU F 699 -33.58 4.20 30.42
CA GLU F 699 -34.75 3.96 29.60
C GLU F 699 -34.38 4.13 28.14
N PRO F 700 -34.93 3.30 27.24
CA PRO F 700 -35.90 2.24 27.51
C PRO F 700 -35.25 1.02 28.16
N SER F 701 -36.02 -0.06 28.31
CA SER F 701 -35.49 -1.27 28.95
C SER F 701 -34.33 -1.84 28.14
N VAL F 702 -33.11 -1.73 28.68
CA VAL F 702 -31.95 -2.32 28.03
C VAL F 702 -32.01 -3.84 28.08
N PHE F 703 -32.70 -4.39 29.07
CA PHE F 703 -32.77 -5.84 29.22
C PHE F 703 -33.55 -6.46 28.06
N VAL F 704 -33.52 -7.78 28.00
CA VAL F 704 -34.22 -8.55 26.98
C VAL F 704 -34.82 -9.78 27.63
N ARG F 705 -35.52 -10.59 26.83
CA ARG F 705 -36.15 -11.81 27.31
C ARG F 705 -35.44 -13.08 26.85
N THR F 706 -34.66 -13.01 25.78
CA THR F 706 -33.94 -14.18 25.27
C THR F 706 -32.57 -13.73 24.77
N THR F 707 -31.85 -14.65 24.14
CA THR F 707 -30.52 -14.35 23.61
C THR F 707 -30.60 -13.79 22.20
N ALA F 708 -31.20 -14.54 21.27
CA ALA F 708 -31.34 -14.07 19.91
C ALA F 708 -31.99 -12.69 19.85
N GLU F 709 -32.86 -12.39 20.82
CA GLU F 709 -33.43 -11.05 20.89
C GLU F 709 -32.32 -10.00 21.04
N GLY F 710 -31.44 -10.20 22.01
CA GLY F 710 -30.34 -9.25 22.20
C GLY F 710 -29.40 -9.23 21.01
N VAL F 711 -29.19 -10.37 20.37
CA VAL F 711 -28.31 -10.42 19.20
C VAL F 711 -28.89 -9.56 18.09
N ALA F 712 -30.16 -9.77 17.76
CA ALA F 712 -30.80 -8.98 16.72
C ALA F 712 -30.88 -7.51 17.11
N ARG F 713 -31.03 -7.22 18.40
CA ARG F 713 -31.01 -5.84 18.85
C ARG F 713 -29.68 -5.19 18.53
N VAL F 714 -28.58 -5.84 18.93
CA VAL F 714 -27.26 -5.32 18.62
C VAL F 714 -27.09 -5.14 17.12
N ARG F 715 -27.61 -6.10 16.34
CA ARG F 715 -27.48 -6.02 14.89
C ARG F 715 -28.19 -4.79 14.34
N LYS F 716 -29.43 -4.57 14.78
CA LYS F 716 -30.18 -3.37 14.39
C LYS F 716 -29.80 -2.15 15.20
N SER F 717 -29.07 -2.32 16.29
CA SER F 717 -28.54 -1.23 17.10
C SER F 717 -27.05 -1.03 16.84
N LYS F 718 -26.68 -1.12 15.55
CA LYS F 718 -25.30 -1.35 15.14
C LYS F 718 -24.26 -0.70 16.04
N GLY F 719 -24.43 0.59 16.35
CA GLY F 719 -23.38 1.31 17.02
C GLY F 719 -23.75 1.87 18.38
N LYS F 720 -24.81 1.34 19.00
CA LYS F 720 -25.21 1.86 20.30
C LYS F 720 -25.69 0.78 21.27
N TYR F 721 -25.28 -0.47 21.08
CA TYR F 721 -25.70 -1.53 21.99
C TYR F 721 -24.63 -2.59 22.08
N ALA F 722 -24.72 -3.39 23.15
CA ALA F 722 -23.76 -4.46 23.41
C ALA F 722 -24.39 -5.43 24.40
N TYR F 723 -24.29 -6.72 24.11
CA TYR F 723 -24.95 -7.75 24.92
C TYR F 723 -23.90 -8.55 25.68
N LEU F 724 -24.16 -8.78 26.95
CA LEU F 724 -23.27 -9.55 27.81
C LEU F 724 -23.83 -10.97 27.97
N LEU F 725 -22.95 -11.95 27.86
CA LEU F 725 -23.36 -13.35 27.87
C LEU F 725 -22.14 -14.23 28.11
N GLU F 726 -22.38 -15.54 28.17
CA GLU F 726 -21.29 -16.48 28.30
C GLU F 726 -20.33 -16.35 27.11
N SER F 727 -19.04 -16.31 27.41
CA SER F 727 -18.04 -16.13 26.36
C SER F 727 -18.13 -17.23 25.32
N THR F 728 -18.58 -18.43 25.71
CA THR F 728 -18.66 -19.54 24.77
C THR F 728 -19.69 -19.24 23.67
N MET F 729 -20.91 -18.87 24.08
CA MET F 729 -21.93 -18.53 23.10
C MET F 729 -21.49 -17.36 22.22
N ASN F 730 -20.72 -16.43 22.79
CA ASN F 730 -20.26 -15.30 22.00
C ASN F 730 -19.27 -15.75 20.93
N GLU F 731 -18.25 -16.51 21.32
CA GLU F 731 -17.31 -17.04 20.34
C GLU F 731 -18.02 -17.89 19.30
N TYR F 732 -19.11 -18.55 19.69
CA TYR F 732 -19.86 -19.37 18.75
C TYR F 732 -20.58 -18.50 17.72
N ILE F 733 -21.32 -17.50 18.20
CA ILE F 733 -22.05 -16.62 17.29
C ILE F 733 -21.08 -15.91 16.35
N GLU F 734 -19.96 -15.41 16.89
CA GLU F 734 -19.01 -14.67 16.06
C GLU F 734 -18.54 -15.48 14.86
N GLN F 735 -18.59 -16.82 14.93
CA GLN F 735 -18.22 -17.66 13.82
C GLN F 735 -19.40 -18.06 12.96
N ARG F 736 -20.62 -17.86 13.43
CA ARG F 736 -21.82 -18.13 12.65
C ARG F 736 -22.17 -16.91 11.79
N LYS F 737 -23.28 -17.01 11.07
CA LYS F 737 -23.73 -15.92 10.24
C LYS F 737 -24.44 -14.86 11.10
N PRO F 738 -24.57 -13.63 10.58
CA PRO F 738 -24.04 -13.16 9.30
C PRO F 738 -22.60 -12.65 9.38
N CYS F 739 -21.84 -13.16 10.35
CA CYS F 739 -20.46 -12.74 10.55
C CYS F 739 -20.39 -11.23 10.78
N ASP F 740 -21.36 -10.70 11.52
CA ASP F 740 -21.47 -9.27 11.78
C ASP F 740 -21.47 -8.98 13.27
N THR F 741 -20.69 -9.74 14.04
CA THR F 741 -20.56 -9.53 15.47
C THR F 741 -19.11 -9.75 15.87
N MET F 742 -18.82 -9.49 17.14
CA MET F 742 -17.46 -9.67 17.65
C MET F 742 -17.50 -9.58 19.17
N LYS F 743 -16.53 -10.27 19.78
CA LYS F 743 -16.31 -10.25 21.22
C LYS F 743 -15.05 -9.44 21.52
N VAL F 744 -15.10 -8.64 22.57
CA VAL F 744 -14.00 -7.76 22.94
C VAL F 744 -13.66 -7.97 24.41
N GLY F 745 -12.54 -7.39 24.82
CA GLY F 745 -12.14 -7.48 26.19
C GLY F 745 -11.87 -8.91 26.62
N GLY F 746 -11.97 -9.13 27.93
CA GLY F 746 -11.74 -10.43 28.50
C GLY F 746 -12.88 -10.81 29.42
N ASN F 747 -12.82 -12.06 29.89
CA ASN F 747 -13.85 -12.57 30.78
C ASN F 747 -13.90 -11.75 32.05
N LEU F 748 -15.05 -11.14 32.32
CA LEU F 748 -15.22 -10.37 33.55
C LEU F 748 -15.09 -11.26 34.77
N ASP F 749 -15.95 -12.27 34.87
CA ASP F 749 -15.88 -13.26 35.93
C ASP F 749 -15.17 -14.51 35.40
N SER F 750 -15.16 -15.57 36.21
CA SER F 750 -14.52 -16.82 35.82
C SER F 750 -15.35 -17.96 36.40
N LYS F 751 -15.95 -18.76 35.52
CA LYS F 751 -16.73 -19.92 35.90
C LYS F 751 -16.25 -21.12 35.13
N GLY F 752 -16.82 -22.28 35.43
CA GLY F 752 -16.41 -23.51 34.77
C GLY F 752 -17.52 -24.51 34.63
N TYR F 753 -17.72 -25.01 33.41
CA TYR F 753 -18.60 -26.13 33.15
C TYR F 753 -17.84 -27.42 33.40
N GLY F 754 -18.35 -28.22 34.33
CA GLY F 754 -17.77 -29.51 34.65
C GLY F 754 -18.85 -30.58 34.71
N ILE F 755 -18.41 -31.83 34.68
CA ILE F 755 -19.36 -32.94 34.73
C ILE F 755 -20.07 -32.94 36.08
N ALA F 756 -21.22 -33.60 36.10
CA ALA F 756 -22.00 -33.77 37.32
C ALA F 756 -22.27 -35.25 37.54
N THR F 757 -22.61 -35.59 38.79
CA THR F 757 -22.87 -36.96 39.17
C THR F 757 -23.50 -36.96 40.55
N PRO F 758 -24.45 -37.87 40.85
CA PRO F 758 -25.09 -37.87 42.17
C PRO F 758 -24.08 -37.88 43.31
N LYS F 759 -24.52 -37.50 44.50
CA LYS F 759 -23.62 -37.40 45.64
C LYS F 759 -22.81 -38.68 45.82
N GLY F 760 -23.49 -39.79 46.02
CA GLY F 760 -22.82 -41.08 46.17
C GLY F 760 -22.88 -41.90 44.90
N SER F 761 -21.76 -42.00 44.20
CA SER F 761 -21.69 -42.72 42.94
C SER F 761 -20.36 -43.47 42.88
N SER F 762 -20.05 -43.98 41.69
CA SER F 762 -18.82 -44.72 41.45
C SER F 762 -17.99 -44.16 40.31
N LEU F 763 -18.56 -43.28 39.47
CA LEU F 763 -17.84 -42.68 38.37
C LEU F 763 -17.19 -41.36 38.73
N GLY F 764 -17.51 -40.80 39.89
CA GLY F 764 -16.96 -39.53 40.31
C GLY F 764 -15.47 -39.43 40.10
N ASN F 765 -14.71 -40.35 40.71
CA ASN F 765 -13.26 -40.30 40.58
C ASN F 765 -12.81 -40.63 39.18
N ALA F 766 -13.41 -41.65 38.56
CA ALA F 766 -13.03 -42.01 37.20
C ALA F 766 -13.24 -40.84 36.24
N VAL F 767 -14.38 -40.15 36.36
CA VAL F 767 -14.67 -39.04 35.46
C VAL F 767 -13.76 -37.86 35.78
N ASN F 768 -13.57 -37.57 37.06
CA ASN F 768 -12.65 -36.50 37.46
C ASN F 768 -11.26 -36.73 36.89
N LEU F 769 -10.84 -37.99 36.80
CA LEU F 769 -9.52 -38.30 36.27
C LEU F 769 -9.49 -38.22 34.76
N ALA F 770 -10.54 -38.72 34.10
CA ALA F 770 -10.61 -38.65 32.65
C ALA F 770 -10.64 -37.21 32.17
N VAL F 771 -11.27 -36.33 32.94
CA VAL F 771 -11.32 -34.92 32.55
C VAL F 771 -9.91 -34.34 32.46
N LEU F 772 -9.10 -34.57 33.49
CA LEU F 772 -7.72 -34.09 33.46
C LEU F 772 -6.93 -34.80 32.37
N LYS F 773 -7.18 -36.09 32.17
CA LYS F 773 -6.50 -36.82 31.11
C LYS F 773 -6.72 -36.14 29.77
N LEU F 774 -7.97 -35.76 29.49
CA LEU F 774 -8.27 -35.11 28.23
C LEU F 774 -7.70 -33.70 28.17
N ASN F 775 -7.85 -32.93 29.26
CA ASN F 775 -7.32 -31.58 29.29
C ASN F 775 -5.81 -31.58 29.02
N GLU F 776 -5.11 -32.61 29.46
CA GLU F 776 -3.68 -32.72 29.22
C GLU F 776 -3.35 -33.34 27.87
N GLN F 777 -4.26 -34.15 27.32
CA GLN F 777 -4.05 -34.79 26.04
C GLN F 777 -4.29 -33.87 24.85
N GLY F 778 -4.60 -32.60 25.09
CA GLY F 778 -4.88 -31.70 23.99
C GLY F 778 -6.10 -32.11 23.19
N LEU F 779 -7.13 -32.59 23.87
CA LEU F 779 -8.34 -33.09 23.23
C LEU F 779 -9.53 -32.16 23.37
N LEU F 780 -9.72 -31.57 24.55
CA LEU F 780 -10.82 -30.61 24.72
C LEU F 780 -10.64 -29.43 23.78
N ASP F 781 -9.41 -28.92 23.66
CA ASP F 781 -9.15 -27.84 22.72
C ASP F 781 -9.40 -28.29 21.29
N LYS F 782 -9.09 -29.55 20.98
CA LYS F 782 -9.36 -30.08 19.65
C LYS F 782 -10.86 -30.04 19.35
N LEU F 783 -11.67 -30.60 20.24
CA LEU F 783 -13.12 -30.60 20.04
C LEU F 783 -13.67 -29.19 19.96
N LYS F 784 -13.11 -28.28 20.76
CA LYS F 784 -13.56 -26.89 20.72
C LYS F 784 -13.26 -26.26 19.37
N ASN F 785 -12.02 -26.35 18.92
CA ASN F 785 -11.66 -25.82 17.61
C ASN F 785 -12.56 -26.43 16.53
N LYS F 786 -12.90 -27.70 16.67
CA LYS F 786 -13.77 -28.36 15.71
C LYS F 786 -15.15 -27.69 15.68
N TRP F 787 -15.80 -27.63 16.84
CA TRP F 787 -17.20 -27.24 16.91
C TRP F 787 -17.40 -25.72 16.99
N TRP F 788 -16.32 -24.93 17.02
CA TRP F 788 -16.42 -23.49 17.10
C TRP F 788 -15.75 -22.78 15.93
N TYR F 789 -14.56 -23.21 15.53
CA TYR F 789 -13.75 -22.50 14.56
C TYR F 789 -13.63 -23.25 13.24
N ASP F 790 -13.26 -24.53 13.26
CA ASP F 790 -13.24 -25.31 12.03
C ASP F 790 -14.63 -25.33 11.40
N LYS F 791 -15.65 -25.68 12.20
CA LYS F 791 -17.03 -25.58 11.73
C LYS F 791 -17.44 -24.14 11.47
N GLY F 792 -16.74 -23.18 12.05
CA GLY F 792 -17.08 -21.79 11.88
C GLY F 792 -17.21 -21.35 10.44
N GLU F 793 -18.21 -20.51 10.16
CA GLU F 793 -18.40 -19.97 8.82
C GLU F 793 -17.54 -18.74 8.56
N CYS F 794 -17.17 -18.01 9.60
CA CYS F 794 -16.48 -16.73 9.44
C CYS F 794 -14.98 -16.92 9.32
N GLY F 795 -14.57 -17.83 8.42
CA GLY F 795 -13.16 -18.14 8.27
C GLY F 795 -12.37 -17.07 7.55
N SER F 796 -13.05 -16.15 6.87
CA SER F 796 -12.37 -15.08 6.14
C SER F 796 -11.92 -13.97 7.08
N GLY F 797 -12.87 -13.37 7.79
CA GLY F 797 -12.57 -12.29 8.72
C GLY F 797 -13.40 -12.35 9.98
N THR F 805 -9.67 1.16 -2.53
CA THR F 805 -10.59 0.14 -3.04
C THR F 805 -11.89 0.78 -3.51
N SER F 806 -12.59 1.42 -2.58
CA SER F 806 -13.84 2.09 -2.89
C SER F 806 -13.58 3.53 -3.32
N ALA F 807 -14.59 4.13 -3.95
CA ALA F 807 -14.47 5.50 -4.41
C ALA F 807 -14.50 6.46 -3.22
N LEU F 808 -14.50 7.75 -3.53
CA LEU F 808 -14.45 8.80 -2.53
C LEU F 808 -15.67 9.71 -2.70
N SER F 809 -16.54 9.70 -1.71
CA SER F 809 -17.77 10.47 -1.76
C SER F 809 -17.50 11.92 -1.40
N LEU F 810 -18.48 12.78 -1.68
CA LEU F 810 -18.33 14.20 -1.38
C LEU F 810 -18.30 14.48 0.11
N SER F 811 -19.06 13.70 0.89
CA SER F 811 -19.12 13.92 2.33
C SER F 811 -17.74 13.95 2.97
N ASN F 812 -16.75 13.34 2.35
CA ASN F 812 -15.40 13.34 2.90
C ASN F 812 -14.70 14.68 2.75
N VAL F 813 -15.18 15.55 1.87
CA VAL F 813 -14.46 16.78 1.53
C VAL F 813 -15.38 18.00 1.56
N ALA F 814 -16.59 17.83 2.11
CA ALA F 814 -17.53 18.94 2.13
C ALA F 814 -16.96 20.14 2.86
N GLY F 815 -16.21 19.89 3.94
CA GLY F 815 -15.62 20.99 4.68
C GLY F 815 -14.75 21.87 3.82
N VAL F 816 -14.10 21.29 2.82
CA VAL F 816 -13.25 22.07 1.93
C VAL F 816 -14.07 23.12 1.19
N PHE F 817 -15.20 22.69 0.63
CA PHE F 817 -16.05 23.63 -0.10
C PHE F 817 -16.70 24.63 0.84
N TYR F 818 -17.04 24.21 2.06
CA TYR F 818 -17.54 25.15 3.04
C TYR F 818 -16.50 26.25 3.31
N ILE F 819 -15.26 25.85 3.55
CA ILE F 819 -14.18 26.81 3.78
C ILE F 819 -14.03 27.72 2.57
N LEU F 820 -14.10 27.15 1.37
CA LEU F 820 -13.95 27.94 0.16
C LEU F 820 -15.03 29.02 0.10
N VAL F 821 -16.28 28.63 0.27
CA VAL F 821 -17.37 29.60 0.18
C VAL F 821 -17.24 30.64 1.28
N GLY F 822 -16.78 30.23 2.46
CA GLY F 822 -16.58 31.17 3.55
C GLY F 822 -15.58 32.24 3.19
N GLY F 823 -14.36 31.80 2.85
CA GLY F 823 -13.36 32.76 2.42
C GLY F 823 -13.79 33.59 1.25
N LEU F 824 -14.63 33.02 0.38
CA LEU F 824 -15.06 33.74 -0.81
C LEU F 824 -15.98 34.89 -0.43
N GLY F 825 -17.04 34.60 0.33
CA GLY F 825 -17.92 35.65 0.81
C GLY F 825 -17.17 36.68 1.63
N LEU F 826 -16.16 36.24 2.39
CA LEU F 826 -15.38 37.17 3.18
C LEU F 826 -14.63 38.15 2.30
N ALA F 827 -13.87 37.64 1.33
CA ALA F 827 -13.17 38.51 0.41
C ALA F 827 -14.14 39.42 -0.32
N MET F 828 -15.33 38.92 -0.62
CA MET F 828 -16.30 39.70 -1.36
C MET F 828 -16.78 40.89 -0.51
N LEU F 829 -17.14 40.64 0.74
CA LEU F 829 -17.53 41.71 1.63
C LEU F 829 -16.40 42.71 1.82
N VAL F 830 -15.17 42.22 1.96
CA VAL F 830 -14.02 43.10 2.09
C VAL F 830 -13.93 44.03 0.88
N ALA F 831 -14.06 43.45 -0.32
CA ALA F 831 -13.99 44.26 -1.53
C ALA F 831 -15.11 45.28 -1.58
N LEU F 832 -16.31 44.88 -1.17
CA LEU F 832 -17.44 45.80 -1.20
C LEU F 832 -17.19 47.01 -0.30
N ILE F 833 -16.71 46.76 0.92
CA ILE F 833 -16.50 47.88 1.84
C ILE F 833 -15.33 48.72 1.37
N GLU F 834 -14.28 48.09 0.85
CA GLU F 834 -13.15 48.85 0.31
C GLU F 834 -13.60 49.74 -0.82
N PHE F 835 -14.53 49.26 -1.65
CA PHE F 835 -15.04 50.06 -2.76
C PHE F 835 -15.87 51.22 -2.23
N CYS F 836 -16.81 50.94 -1.33
CA CYS F 836 -17.65 52.01 -0.79
C CYS F 836 -16.84 53.04 -0.02
N TYR F 837 -15.62 52.69 0.42
CA TYR F 837 -14.76 53.69 1.06
C TYR F 837 -13.94 54.45 0.02
N LYS F 838 -13.31 53.73 -0.90
CA LYS F 838 -12.43 54.36 -1.88
C LYS F 838 -13.21 55.31 -2.79
N SER F 839 -14.29 54.82 -3.40
CA SER F 839 -15.09 55.68 -4.27
C SER F 839 -15.69 56.84 -3.50
N ARG F 840 -16.15 56.59 -2.27
CA ARG F 840 -16.73 57.65 -1.45
C ARG F 840 -15.72 58.75 -1.20
N ALA F 841 -14.49 58.38 -0.80
CA ALA F 841 -13.47 59.38 -0.55
C ALA F 841 -13.08 60.11 -1.82
N GLU F 842 -12.92 59.38 -2.93
CA GLU F 842 -12.49 60.02 -4.17
C GLU F 842 -13.53 60.97 -4.72
N ALA F 843 -14.81 60.66 -4.55
CA ALA F 843 -15.87 61.54 -5.03
C ALA F 843 -16.07 62.72 -4.08
N LYS F 844 -16.38 62.43 -2.82
CA LYS F 844 -16.54 63.50 -1.84
C LYS F 844 -15.27 64.32 -1.67
N ARG F 845 -14.11 63.76 -2.00
CA ARG F 845 -12.84 64.46 -1.85
C ARG F 845 -11.87 64.06 -2.95
N ALA G 2 -5.95 2.21 -30.43
CA ALA G 2 -7.11 3.10 -30.52
C ALA G 2 -6.67 4.55 -30.45
N PHE G 3 -5.57 4.81 -29.73
CA PHE G 3 -4.98 6.13 -29.64
C PHE G 3 -3.61 6.17 -30.30
N THR G 4 -2.69 5.31 -29.85
CA THR G 4 -1.43 5.08 -30.54
C THR G 4 -0.55 6.33 -30.62
N PHE G 5 -0.95 7.39 -29.92
CA PHE G 5 -0.12 8.58 -29.75
C PHE G 5 0.01 9.42 -31.02
N ALA G 6 -0.47 8.91 -32.15
CA ALA G 6 -0.44 9.69 -33.38
C ALA G 6 -1.72 10.46 -33.59
N ALA G 7 -2.84 9.92 -33.10
CA ALA G 7 -4.08 10.67 -33.11
C ALA G 7 -3.94 11.99 -32.37
N PHE G 8 -3.09 12.02 -31.33
CA PHE G 8 -2.87 13.26 -30.60
C PHE G 8 -2.20 14.31 -31.48
N CYS G 9 -1.11 13.92 -32.15
CA CYS G 9 -0.44 14.84 -33.05
C CYS G 9 -1.38 15.30 -34.16
N TYR G 10 -2.24 14.39 -34.65
CA TYR G 10 -3.17 14.77 -35.70
C TYR G 10 -4.19 15.77 -35.19
N MET G 11 -4.73 15.54 -33.99
CA MET G 11 -5.66 16.50 -33.40
C MET G 11 -5.01 17.85 -33.22
N LEU G 12 -3.75 17.87 -32.77
CA LEU G 12 -3.05 19.12 -32.54
C LEU G 12 -2.83 19.87 -33.84
N SER G 13 -2.33 19.17 -34.87
CA SER G 13 -2.17 19.81 -36.17
C SER G 13 -3.51 20.26 -36.72
N LEU G 14 -4.58 19.56 -36.39
CA LEU G 14 -5.90 19.95 -36.86
C LEU G 14 -6.33 21.27 -36.24
N VAL G 15 -6.20 21.38 -34.92
CA VAL G 15 -6.59 22.63 -34.25
C VAL G 15 -5.70 23.78 -34.68
N LEU G 16 -4.45 23.49 -35.05
CA LEU G 16 -3.57 24.57 -35.49
C LEU G 16 -3.87 25.01 -36.92
N CYS G 17 -4.12 24.06 -37.82
CA CYS G 17 -4.49 24.41 -39.17
C CYS G 17 -5.85 25.09 -39.21
N ALA G 18 -6.73 24.81 -38.24
CA ALA G 18 -7.99 25.51 -38.16
C ALA G 18 -7.79 27.00 -37.97
N ALA G 19 -6.72 27.40 -37.27
CA ALA G 19 -6.39 28.81 -37.17
C ALA G 19 -5.61 29.29 -38.38
N LEU G 20 -4.78 28.43 -38.95
CA LEU G 20 -4.01 28.82 -40.13
C LEU G 20 -4.93 29.21 -41.28
N ILE G 21 -6.04 28.49 -41.45
CA ILE G 21 -6.92 28.78 -42.57
C ILE G 21 -7.54 30.17 -42.41
N PHE G 22 -7.96 30.52 -41.20
CA PHE G 22 -8.49 31.86 -40.98
C PHE G 22 -7.40 32.91 -41.13
N PHE G 23 -6.18 32.57 -40.70
CA PHE G 23 -5.03 33.44 -40.91
C PHE G 23 -4.87 33.79 -42.39
N ALA G 24 -4.89 32.76 -43.23
CA ALA G 24 -4.69 32.99 -44.66
C ALA G 24 -5.89 33.69 -45.29
N ILE G 25 -7.10 33.40 -44.81
CA ILE G 25 -8.28 34.12 -45.31
C ILE G 25 -8.17 35.60 -45.00
N TRP G 26 -7.73 35.92 -43.78
CA TRP G 26 -7.53 37.32 -43.42
C TRP G 26 -6.44 37.95 -44.27
N HIS G 27 -5.37 37.19 -44.54
CA HIS G 27 -4.35 37.67 -45.48
C HIS G 27 -4.98 38.06 -46.81
N ILE G 28 -5.78 37.15 -47.38
CA ILE G 28 -6.34 37.39 -48.70
C ILE G 28 -7.26 38.60 -48.69
N ILE G 29 -8.09 38.72 -47.64
CA ILE G 29 -9.03 39.84 -47.59
C ILE G 29 -8.28 41.15 -47.37
N ALA G 30 -7.20 41.12 -46.59
CA ALA G 30 -6.39 42.32 -46.43
C ALA G 30 -5.76 42.74 -47.74
N PHE G 31 -5.29 41.77 -48.54
CA PHE G 31 -4.75 42.11 -49.85
C PHE G 31 -5.83 42.69 -50.75
N ASP G 32 -7.03 42.11 -50.71
CA ASP G 32 -8.14 42.65 -51.50
C ASP G 32 -8.43 44.09 -51.12
N GLU G 33 -8.44 44.39 -49.82
CA GLU G 33 -8.73 45.75 -49.37
C GLU G 33 -7.60 46.70 -49.74
N LEU G 34 -6.35 46.22 -49.68
CA LEU G 34 -5.20 47.04 -50.02
C LEU G 34 -5.10 47.27 -51.53
N ARG G 35 -5.76 46.44 -52.33
CA ARG G 35 -5.73 46.60 -53.78
C ARG G 35 -6.20 47.99 -54.22
N THR G 36 -6.81 48.75 -53.30
CA THR G 36 -7.28 50.10 -53.63
C THR G 36 -6.20 50.92 -54.33
N ASP G 37 -4.93 50.62 -54.07
CA ASP G 37 -3.83 51.35 -54.68
C ASP G 37 -4.01 51.47 -56.19
N ALA G 50 -5.70 61.07 -47.92
CA ALA G 50 -4.27 60.82 -47.89
C ALA G 50 -3.86 60.08 -46.62
N ARG G 51 -3.98 60.78 -45.48
CA ARG G 51 -3.64 60.16 -44.21
C ARG G 51 -4.51 58.95 -43.94
N GLU G 52 -5.78 58.98 -44.37
CA GLU G 52 -6.66 57.84 -44.15
C GLU G 52 -6.11 56.59 -44.82
N ARG G 53 -5.74 56.70 -46.09
CA ARG G 53 -5.18 55.55 -46.80
C ARG G 53 -3.82 55.15 -46.24
N LEU G 54 -2.99 56.15 -45.91
CA LEU G 54 -1.70 55.85 -45.29
C LEU G 54 -1.86 55.01 -44.04
N ARG G 55 -2.82 55.36 -43.19
CA ARG G 55 -3.06 54.59 -41.97
C ARG G 55 -3.64 53.22 -42.29
N ASN G 56 -4.68 53.19 -43.13
CA ASN G 56 -5.27 51.90 -43.51
C ASN G 56 -4.26 50.95 -44.11
N ILE G 57 -3.15 51.47 -44.64
CA ILE G 57 -2.11 50.62 -45.20
C ILE G 57 -1.07 50.24 -44.14
N GLU G 58 -0.62 51.22 -43.35
CA GLU G 58 0.47 50.96 -42.42
C GLU G 58 0.00 50.11 -41.24
N ARG G 59 -1.19 50.39 -40.70
CA ARG G 59 -1.68 49.62 -39.56
C ARG G 59 -1.89 48.15 -39.93
N ILE G 60 -2.10 47.86 -41.20
CA ILE G 60 -2.28 46.47 -41.65
C ILE G 60 -0.95 45.84 -42.01
N CYS G 61 -0.05 46.60 -42.64
CA CYS G 61 1.31 46.10 -42.84
C CYS G 61 1.97 45.75 -41.52
N PHE G 62 1.58 46.45 -40.45
CA PHE G 62 2.06 46.09 -39.12
C PHE G 62 1.72 44.64 -38.79
N LEU G 63 0.43 44.29 -38.84
CA LEU G 63 0.02 42.92 -38.56
C LEU G 63 0.67 41.94 -39.53
N LEU G 64 0.79 42.33 -40.80
CA LEU G 64 1.40 41.44 -41.79
C LEU G 64 2.83 41.10 -41.39
N ARG G 65 3.69 42.12 -41.30
CA ARG G 65 5.07 41.91 -40.90
C ARG G 65 5.18 41.24 -39.54
N LYS G 66 4.16 41.37 -38.69
CA LYS G 66 4.21 40.74 -37.38
C LYS G 66 3.99 39.23 -37.48
N LEU G 67 2.83 38.82 -38.01
CA LEU G 67 2.43 37.42 -38.00
C LEU G 67 3.21 36.66 -39.08
N VAL G 68 4.49 36.47 -38.81
CA VAL G 68 5.40 35.73 -39.67
C VAL G 68 6.03 34.55 -38.93
N LEU G 69 6.54 34.81 -37.73
CA LEU G 69 7.12 33.73 -36.93
C LEU G 69 6.14 32.61 -36.62
N PRO G 70 4.84 32.87 -36.41
CA PRO G 70 3.93 31.76 -36.07
C PRO G 70 3.92 30.66 -37.10
N GLU G 71 3.91 31.00 -38.39
CA GLU G 71 3.92 29.98 -39.43
C GLU G 71 5.15 29.09 -39.31
N TYR G 72 6.33 29.70 -39.25
CA TYR G 72 7.56 28.93 -39.10
C TYR G 72 7.49 28.01 -37.88
N SER G 73 7.05 28.57 -36.75
CA SER G 73 7.03 27.81 -35.50
C SER G 73 6.12 26.60 -35.62
N ILE G 74 4.87 26.83 -36.05
CA ILE G 74 3.91 25.73 -36.09
C ILE G 74 4.29 24.70 -37.14
N HIS G 75 4.91 25.14 -38.23
CA HIS G 75 5.31 24.18 -39.26
C HIS G 75 6.46 23.31 -38.78
N SER G 76 7.47 23.93 -38.17
CA SER G 76 8.54 23.13 -37.56
C SER G 76 7.99 22.21 -36.48
N LEU G 77 6.95 22.64 -35.78
CA LEU G 77 6.33 21.79 -34.78
C LEU G 77 5.68 20.57 -35.43
N PHE G 78 4.90 20.79 -36.48
CA PHE G 78 4.33 19.67 -37.24
C PHE G 78 5.42 18.70 -37.66
N CYS G 79 6.51 19.24 -38.23
CA CYS G 79 7.60 18.39 -38.69
C CYS G 79 8.17 17.56 -37.55
N ILE G 80 8.50 18.22 -36.44
CA ILE G 80 9.11 17.50 -35.32
C ILE G 80 8.17 16.43 -34.79
N MET G 81 6.89 16.75 -34.66
CA MET G 81 5.94 15.79 -34.13
C MET G 81 5.82 14.58 -35.04
N PHE G 82 5.50 14.81 -36.31
CA PHE G 82 5.35 13.70 -37.24
C PHE G 82 6.66 12.94 -37.44
N LEU G 83 7.79 13.54 -37.07
CA LEU G 83 9.05 12.81 -37.09
C LEU G 83 9.16 11.91 -35.87
N CYS G 84 8.79 12.41 -34.69
CA CYS G 84 8.89 11.64 -33.47
C CYS G 84 7.79 10.59 -33.35
N ALA G 85 6.71 10.74 -34.10
CA ALA G 85 5.62 9.76 -34.09
C ALA G 85 5.80 8.68 -35.14
N GLN G 86 6.96 8.62 -35.78
CA GLN G 86 7.24 7.64 -36.82
C GLN G 86 6.27 7.75 -37.99
N GLU G 87 5.60 8.89 -38.13
CA GLU G 87 4.67 9.12 -39.23
C GLU G 87 5.44 9.80 -40.36
N TRP G 88 6.00 8.98 -41.25
CA TRP G 88 6.82 9.50 -42.33
C TRP G 88 5.97 9.88 -43.56
N LEU G 89 4.91 9.12 -43.83
CA LEU G 89 4.12 9.37 -45.02
C LEU G 89 3.58 10.79 -45.06
N THR G 90 3.44 11.43 -43.91
CA THR G 90 2.89 12.78 -43.82
C THR G 90 3.96 13.85 -43.66
N LEU G 91 5.18 13.48 -43.28
CA LEU G 91 6.25 14.46 -43.13
C LEU G 91 6.71 14.99 -44.48
N GLY G 92 6.79 14.11 -45.49
CA GLY G 92 7.14 14.53 -46.82
C GLY G 92 6.17 15.53 -47.41
N LEU G 93 4.93 15.53 -46.92
CA LEU G 93 3.96 16.54 -47.33
C LEU G 93 4.18 17.87 -46.64
N ASN G 94 5.23 18.00 -45.83
CA ASN G 94 5.47 19.21 -45.07
C ASN G 94 6.87 19.76 -45.32
N VAL G 95 7.84 18.88 -45.55
CA VAL G 95 9.22 19.32 -45.74
C VAL G 95 9.34 20.30 -46.91
N PRO G 96 8.55 20.18 -47.98
CA PRO G 96 8.66 21.18 -49.05
C PRO G 96 8.29 22.57 -48.57
N LEU G 97 7.29 22.68 -47.69
CA LEU G 97 6.97 23.97 -47.11
C LEU G 97 8.09 24.48 -46.23
N LEU G 98 8.83 23.57 -45.58
CA LEU G 98 9.99 24.00 -44.80
C LEU G 98 11.05 24.59 -45.73
N PHE G 99 11.28 23.96 -46.87
CA PHE G 99 12.23 24.51 -47.83
C PHE G 99 11.76 25.87 -48.35
N TYR G 100 10.45 25.97 -48.61
CA TYR G 100 9.88 27.25 -49.06
C TYR G 100 10.11 28.34 -48.02
N HIS G 101 9.92 28.00 -46.74
CA HIS G 101 10.07 29.00 -45.69
C HIS G 101 11.53 29.37 -45.49
N PHE G 102 12.44 28.42 -45.66
CA PHE G 102 13.86 28.73 -45.64
C PHE G 102 14.22 29.69 -46.77
N TRP G 103 13.70 29.42 -47.97
CA TRP G 103 13.96 30.32 -49.09
C TRP G 103 13.37 31.70 -48.85
N ARG G 104 12.21 31.75 -48.20
CA ARG G 104 11.59 33.03 -47.87
C ARG G 104 12.46 33.81 -46.89
N TYR G 105 12.90 33.15 -45.83
CA TYR G 105 13.81 33.80 -44.88
C TYR G 105 15.06 34.30 -45.57
N PHE G 106 15.58 33.52 -46.53
CA PHE G 106 16.73 33.97 -47.31
C PHE G 106 16.40 35.26 -48.06
N HIS G 107 15.41 35.19 -48.95
CA HIS G 107 15.00 36.34 -49.76
C HIS G 107 13.49 36.30 -49.91
N CYS G 108 12.82 37.35 -49.43
CA CYS G 108 11.38 37.46 -49.53
C CYS G 108 11.03 38.88 -49.99
N PRO G 109 10.18 39.03 -51.01
CA PRO G 109 9.80 40.38 -51.47
C PRO G 109 8.72 40.97 -50.59
N ALA G 110 9.10 41.98 -49.80
CA ALA G 110 8.16 42.66 -48.92
C ALA G 110 8.81 43.87 -48.27
N ASP G 126 3.73 44.10 -58.92
CA ASP G 126 5.05 44.11 -58.32
C ASP G 126 5.14 43.08 -57.19
N THR G 127 4.51 43.40 -56.06
CA THR G 127 4.51 42.52 -54.90
C THR G 127 3.13 41.96 -54.56
N LEU G 128 2.05 42.60 -55.00
CA LEU G 128 0.72 42.10 -54.68
C LEU G 128 0.44 40.78 -55.38
N SER G 129 0.88 40.64 -56.63
CA SER G 129 0.64 39.41 -57.37
C SER G 129 1.33 38.24 -56.69
N TYR G 130 2.63 38.35 -56.44
CA TYR G 130 3.37 37.28 -55.79
C TYR G 130 2.78 36.96 -54.42
N CYS G 131 2.44 38.00 -53.66
CA CYS G 131 1.93 37.78 -52.30
C CYS G 131 0.60 37.06 -52.34
N GLN G 132 -0.32 37.50 -53.20
CA GLN G 132 -1.62 36.83 -53.27
C GLN G 132 -1.48 35.42 -53.81
N LYS G 133 -0.54 35.19 -54.74
CA LYS G 133 -0.31 33.85 -55.25
C LYS G 133 0.14 32.91 -54.15
N GLU G 134 1.17 33.32 -53.40
CA GLU G 134 1.67 32.46 -52.32
C GLU G 134 0.61 32.28 -51.24
N ALA G 135 -0.16 33.33 -50.96
CA ALA G 135 -1.22 33.23 -49.97
C ALA G 135 -2.25 32.18 -50.39
N TRP G 136 -2.71 32.27 -51.63
CA TRP G 136 -3.72 31.31 -52.11
C TRP G 136 -3.17 29.89 -52.12
N CYS G 137 -1.92 29.71 -52.57
CA CYS G 137 -1.35 28.37 -52.62
C CYS G 137 -1.21 27.80 -51.21
N LYS G 138 -0.73 28.60 -50.26
CA LYS G 138 -0.57 28.10 -48.90
C LYS G 138 -1.93 27.84 -48.26
N LEU G 139 -2.94 28.65 -48.58
CA LEU G 139 -4.27 28.41 -48.04
C LEU G 139 -4.82 27.08 -48.54
N ALA G 140 -4.67 26.81 -49.83
CA ALA G 140 -5.12 25.53 -50.36
C ALA G 140 -4.35 24.39 -49.74
N PHE G 141 -3.03 24.56 -49.58
CA PHE G 141 -2.22 23.51 -48.97
C PHE G 141 -2.70 23.21 -47.55
N TYR G 142 -2.97 24.25 -46.77
CA TYR G 142 -3.41 24.04 -45.39
C TYR G 142 -4.81 23.43 -45.34
N LEU G 143 -5.71 23.87 -46.23
CA LEU G 143 -7.04 23.29 -46.26
C LEU G 143 -6.99 21.82 -46.63
N LEU G 144 -6.05 21.43 -47.49
CA LEU G 144 -5.92 20.03 -47.85
C LEU G 144 -5.28 19.21 -46.73
N SER G 145 -4.25 19.77 -46.10
CA SER G 145 -3.64 19.11 -44.95
C SER G 145 -4.65 18.92 -43.83
N PHE G 146 -5.63 19.82 -43.73
CA PHE G 146 -6.71 19.64 -42.77
C PHE G 146 -7.39 18.28 -42.98
N PHE G 147 -7.92 18.07 -44.19
CA PHE G 147 -8.61 16.81 -44.48
C PHE G 147 -7.66 15.63 -44.35
N TYR G 148 -6.40 15.81 -44.73
CA TYR G 148 -5.43 14.73 -44.64
C TYR G 148 -5.26 14.28 -43.19
N TYR G 149 -4.98 15.24 -42.31
CA TYR G 149 -4.83 14.91 -40.89
C TYR G 149 -6.12 14.33 -40.33
N LEU G 150 -7.27 14.85 -40.76
CA LEU G 150 -8.54 14.34 -40.25
C LEU G 150 -8.73 12.88 -40.61
N TYR G 151 -8.52 12.55 -41.88
CA TYR G 151 -8.68 11.17 -42.31
C TYR G 151 -7.64 10.27 -41.66
N CYS G 152 -6.42 10.77 -41.46
CA CYS G 152 -5.40 9.95 -40.81
C CYS G 152 -5.78 9.64 -39.37
N MET G 153 -6.28 10.65 -38.64
CA MET G 153 -6.74 10.40 -37.28
C MET G 153 -7.89 9.41 -37.27
N ILE G 154 -8.85 9.57 -38.19
CA ILE G 154 -10.00 8.67 -38.23
C ILE G 154 -9.54 7.24 -38.49
N TYR G 155 -8.56 7.07 -39.37
CA TYR G 155 -8.08 5.74 -39.69
C TYR G 155 -7.29 5.14 -38.54
N THR G 156 -6.55 5.98 -37.81
CA THR G 156 -5.73 5.49 -36.70
C THR G 156 -6.58 5.17 -35.47
N LEU G 157 -7.70 5.85 -35.29
CA LEU G 157 -8.50 5.66 -34.09
C LEU G 157 -9.19 4.30 -34.09
N VAL G 158 -9.63 3.84 -35.25
CA VAL G 158 -10.38 2.59 -35.36
C VAL G 158 -9.54 1.49 -36.02
N SER G 159 -8.21 1.59 -35.93
CA SER G 159 -7.32 0.58 -36.48
C SER G 159 -7.20 -0.65 -35.59
N SER G 160 -8.00 -0.76 -34.55
CA SER G 160 -7.97 -1.91 -33.66
C SER G 160 -8.40 -3.18 -34.40
N ALA H 2 -25.91 14.98 2.76
CA ALA H 2 -26.95 15.92 2.34
C ALA H 2 -26.33 17.12 1.64
N PHE H 3 -25.68 16.87 0.51
CA PHE H 3 -25.01 17.92 -0.26
C PHE H 3 -25.66 18.14 -1.61
N THR H 4 -25.77 17.10 -2.45
CA THR H 4 -26.56 17.09 -3.67
C THR H 4 -25.93 17.91 -4.80
N PHE H 5 -24.84 18.63 -4.55
CA PHE H 5 -24.18 19.48 -5.54
C PHE H 5 -25.01 20.72 -5.85
N ALA H 6 -26.23 20.79 -5.34
CA ALA H 6 -27.06 21.97 -5.50
C ALA H 6 -26.88 22.94 -4.35
N ALA H 7 -26.45 22.46 -3.18
CA ALA H 7 -26.19 23.36 -2.08
C ALA H 7 -25.00 24.27 -2.37
N PHE H 8 -23.94 23.70 -2.93
CA PHE H 8 -22.79 24.51 -3.34
C PHE H 8 -23.22 25.59 -4.33
N CYS H 9 -23.97 25.19 -5.35
CA CYS H 9 -24.42 26.14 -6.35
C CYS H 9 -25.28 27.23 -5.72
N TYR H 10 -26.19 26.85 -4.81
CA TYR H 10 -27.07 27.84 -4.21
C TYR H 10 -26.31 28.82 -3.32
N MET H 11 -25.36 28.31 -2.53
CA MET H 11 -24.60 29.21 -1.66
C MET H 11 -23.73 30.15 -2.47
N LEU H 12 -23.09 29.63 -3.52
CA LEU H 12 -22.34 30.49 -4.42
C LEU H 12 -23.25 31.55 -5.04
N SER H 13 -24.46 31.14 -5.42
CA SER H 13 -25.39 32.06 -6.06
C SER H 13 -25.77 33.19 -5.12
N LEU H 14 -26.09 32.87 -3.87
CA LEU H 14 -26.44 33.94 -2.94
C LEU H 14 -25.23 34.81 -2.60
N VAL H 15 -24.04 34.20 -2.53
CA VAL H 15 -22.83 34.99 -2.37
C VAL H 15 -22.77 36.08 -3.45
N LEU H 16 -22.89 35.67 -4.71
CA LEU H 16 -22.82 36.63 -5.80
C LEU H 16 -23.99 37.61 -5.75
N CYS H 17 -25.18 37.13 -5.38
CA CYS H 17 -26.33 38.01 -5.26
C CYS H 17 -26.08 39.11 -4.24
N ALA H 18 -25.21 38.87 -3.28
CA ALA H 18 -24.84 39.92 -2.34
C ALA H 18 -24.38 41.17 -3.08
N ALA H 19 -23.30 41.04 -3.85
CA ALA H 19 -22.80 42.20 -4.60
C ALA H 19 -23.77 42.60 -5.70
N LEU H 20 -24.60 41.69 -6.18
CA LEU H 20 -25.63 42.10 -7.13
C LEU H 20 -26.56 43.13 -6.50
N ILE H 21 -27.05 42.84 -5.30
CA ILE H 21 -27.87 43.80 -4.55
C ILE H 21 -27.08 45.07 -4.30
N PHE H 22 -25.82 44.93 -3.93
CA PHE H 22 -24.99 46.10 -3.65
C PHE H 22 -24.90 47.01 -4.86
N PHE H 23 -24.59 46.44 -6.02
CA PHE H 23 -24.46 47.24 -7.24
C PHE H 23 -25.81 47.81 -7.67
N ALA H 24 -26.90 47.09 -7.43
CA ALA H 24 -28.21 47.64 -7.74
C ALA H 24 -28.48 48.88 -6.91
N ILE H 25 -28.21 48.81 -5.60
CA ILE H 25 -28.42 49.97 -4.74
C ILE H 25 -27.50 51.10 -5.16
N TRP H 26 -26.26 50.78 -5.53
CA TRP H 26 -25.33 51.82 -5.95
C TRP H 26 -25.79 52.51 -7.22
N HIS H 27 -26.33 51.74 -8.18
CA HIS H 27 -26.89 52.34 -9.38
C HIS H 27 -28.09 53.20 -9.06
N ILE H 28 -28.92 52.76 -8.11
CA ILE H 28 -30.06 53.57 -7.69
C ILE H 28 -29.58 54.91 -7.14
N ILE H 29 -28.54 54.87 -6.30
CA ILE H 29 -28.01 56.09 -5.72
C ILE H 29 -27.41 56.98 -6.80
N ALA H 30 -26.74 56.38 -7.78
CA ALA H 30 -26.16 57.15 -8.88
C ALA H 30 -27.25 57.85 -9.66
N PHE H 31 -28.34 57.13 -9.98
CA PHE H 31 -29.44 57.74 -10.71
C PHE H 31 -30.09 58.84 -9.89
N ASP H 32 -30.17 58.65 -8.57
CA ASP H 32 -30.76 59.68 -7.72
C ASP H 32 -29.92 60.95 -7.74
N GLU H 33 -28.60 60.81 -7.61
CA GLU H 33 -27.74 61.99 -7.64
C GLU H 33 -27.73 62.64 -9.01
N LEU H 34 -27.84 61.85 -10.08
CA LEU H 34 -27.95 62.42 -11.42
C LEU H 34 -29.25 63.20 -11.56
N ARG H 35 -30.35 62.67 -11.01
CA ARG H 35 -31.61 63.40 -11.01
C ARG H 35 -31.48 64.72 -10.27
N THR H 36 -30.81 64.69 -9.11
CA THR H 36 -30.57 65.93 -8.37
C THR H 36 -29.79 66.93 -9.22
N ASP H 37 -28.73 66.46 -9.86
CA ASP H 37 -27.94 67.35 -10.73
C ASP H 37 -28.79 67.92 -11.84
N PHE H 38 -29.71 67.13 -12.38
CA PHE H 38 -30.60 67.58 -13.44
C PHE H 38 -31.78 68.36 -12.88
N VAL H 48 -15.15 76.08 -11.79
CA VAL H 48 -16.26 75.89 -12.73
C VAL H 48 -17.20 74.80 -12.22
N HIS H 49 -18.37 75.21 -11.73
CA HIS H 49 -19.35 74.23 -11.25
C HIS H 49 -19.80 73.33 -12.39
N ALA H 50 -19.94 73.89 -13.60
CA ALA H 50 -20.33 73.07 -14.74
C ALA H 50 -19.26 72.03 -15.05
N ARG H 51 -17.99 72.45 -15.04
CA ARG H 51 -16.91 71.49 -15.29
C ARG H 51 -16.86 70.42 -14.21
N GLU H 52 -17.12 70.81 -12.95
CA GLU H 52 -17.12 69.83 -11.87
C GLU H 52 -18.24 68.82 -12.05
N ARG H 53 -19.45 69.29 -12.38
CA ARG H 53 -20.56 68.37 -12.62
C ARG H 53 -20.27 67.46 -13.81
N LEU H 54 -19.64 68.01 -14.85
CA LEU H 54 -19.28 67.20 -16.02
C LEU H 54 -18.30 66.11 -15.63
N ARG H 55 -17.27 66.46 -14.85
CA ARG H 55 -16.31 65.45 -14.41
C ARG H 55 -16.97 64.39 -13.55
N ASN H 56 -17.88 64.80 -12.65
CA ASN H 56 -18.55 63.84 -11.79
C ASN H 56 -19.41 62.87 -12.59
N ILE H 57 -20.17 63.40 -13.54
CA ILE H 57 -21.04 62.54 -14.34
C ILE H 57 -20.21 61.65 -15.25
N GLU H 58 -19.07 62.14 -15.75
CA GLU H 58 -18.18 61.29 -16.53
C GLU H 58 -17.66 60.14 -15.67
N ARG H 59 -17.23 60.44 -14.45
CA ARG H 59 -16.75 59.39 -13.55
C ARG H 59 -17.83 58.35 -13.30
N ILE H 60 -19.05 58.82 -12.98
CA ILE H 60 -20.11 57.87 -12.64
C ILE H 60 -20.49 57.03 -13.85
N CYS H 61 -20.55 57.64 -15.05
CA CYS H 61 -20.88 56.86 -16.24
C CYS H 61 -19.78 55.86 -16.57
N PHE H 62 -18.52 56.23 -16.32
CA PHE H 62 -17.42 55.30 -16.50
C PHE H 62 -17.59 54.09 -15.59
N LEU H 63 -17.89 54.35 -14.31
CA LEU H 63 -18.12 53.25 -13.38
C LEU H 63 -19.28 52.37 -13.84
N LEU H 64 -20.39 53.00 -14.24
CA LEU H 64 -21.53 52.24 -14.75
C LEU H 64 -21.10 51.31 -15.88
N ARG H 65 -20.53 51.90 -16.94
CA ARG H 65 -20.12 51.11 -18.10
C ARG H 65 -19.14 50.00 -17.70
N LYS H 66 -18.37 50.22 -16.63
CA LYS H 66 -17.50 49.17 -16.11
C LYS H 66 -18.27 48.10 -15.35
N LEU H 67 -19.47 48.42 -14.86
CA LEU H 67 -20.27 47.49 -14.06
C LEU H 67 -21.41 46.88 -14.87
N VAL H 68 -21.18 46.60 -16.14
CA VAL H 68 -22.18 46.01 -17.02
C VAL H 68 -21.89 44.52 -17.27
N LEU H 69 -20.69 44.20 -17.71
CA LEU H 69 -20.35 42.81 -18.00
C LEU H 69 -20.53 41.89 -16.79
N PRO H 70 -20.21 42.29 -15.56
CA PRO H 70 -20.34 41.36 -14.44
C PRO H 70 -21.76 40.85 -14.25
N GLU H 71 -22.77 41.71 -14.44
CA GLU H 71 -24.15 41.25 -14.33
C GLU H 71 -24.41 40.09 -15.27
N TYR H 72 -24.16 40.31 -16.57
CA TYR H 72 -24.30 39.25 -17.56
C TYR H 72 -23.55 38.01 -17.14
N SER H 73 -22.28 38.17 -16.77
CA SER H 73 -21.43 37.03 -16.46
C SER H 73 -22.04 36.19 -15.34
N ILE H 74 -22.33 36.81 -14.20
CA ILE H 74 -22.74 36.04 -13.03
C ILE H 74 -24.16 35.51 -13.21
N HIS H 75 -25.02 36.21 -13.94
CA HIS H 75 -26.36 35.66 -14.16
C HIS H 75 -26.30 34.46 -15.10
N SER H 76 -25.50 34.55 -16.16
CA SER H 76 -25.32 33.39 -17.02
C SER H 76 -24.71 32.23 -16.25
N LEU H 77 -23.82 32.54 -15.31
CA LEU H 77 -23.27 31.49 -14.45
C LEU H 77 -24.35 30.85 -13.60
N PHE H 78 -25.22 31.67 -13.01
CA PHE H 78 -26.36 31.15 -12.28
C PHE H 78 -27.14 30.16 -13.14
N CYS H 79 -27.51 30.60 -14.34
CA CYS H 79 -28.33 29.76 -15.21
C CYS H 79 -27.62 28.46 -15.55
N ILE H 80 -26.35 28.54 -15.93
CA ILE H 80 -25.64 27.37 -16.40
C ILE H 80 -25.41 26.39 -15.26
N MET H 81 -25.16 26.90 -14.05
CA MET H 81 -24.96 26.00 -12.91
C MET H 81 -26.27 25.37 -12.47
N PHE H 82 -27.36 26.13 -12.53
CA PHE H 82 -28.68 25.53 -12.25
C PHE H 82 -28.97 24.42 -13.25
N LEU H 83 -28.60 24.63 -14.52
CA LEU H 83 -28.78 23.58 -15.52
C LEU H 83 -27.94 22.36 -15.19
N CYS H 84 -26.64 22.56 -14.98
CA CYS H 84 -25.73 21.45 -14.74
C CYS H 84 -26.01 20.71 -13.45
N ALA H 85 -26.92 21.20 -12.60
CA ALA H 85 -27.28 20.53 -11.37
C ALA H 85 -28.62 19.81 -11.47
N GLN H 86 -29.14 19.64 -12.66
CA GLN H 86 -30.42 18.97 -12.89
C GLN H 86 -31.55 19.63 -12.10
N GLU H 87 -31.40 20.89 -11.76
CA GLU H 87 -32.47 21.68 -11.15
C GLU H 87 -33.30 22.33 -12.25
N TRP H 88 -34.62 22.30 -12.09
CA TRP H 88 -35.50 22.77 -13.16
C TRP H 88 -36.68 23.58 -12.64
N LEU H 89 -36.58 24.14 -11.44
CA LEU H 89 -37.60 25.03 -10.92
C LEU H 89 -37.12 26.45 -10.71
N THR H 90 -35.83 26.65 -10.43
CA THR H 90 -35.25 27.98 -10.29
C THR H 90 -34.75 28.52 -11.62
N LEU H 91 -34.08 27.67 -12.40
CA LEU H 91 -33.60 28.07 -13.72
C LEU H 91 -34.67 28.81 -14.50
N GLY H 92 -35.84 28.18 -14.66
CA GLY H 92 -36.93 28.80 -15.39
C GLY H 92 -37.31 30.18 -14.88
N LEU H 93 -36.88 30.53 -13.67
CA LEU H 93 -37.13 31.85 -13.13
C LEU H 93 -36.03 32.83 -13.46
N ASN H 94 -34.80 32.35 -13.63
CA ASN H 94 -33.71 33.21 -14.07
C ASN H 94 -33.68 33.41 -15.58
N VAL H 95 -34.35 32.54 -16.34
CA VAL H 95 -34.32 32.65 -17.80
C VAL H 95 -34.88 33.97 -18.28
N PRO H 96 -36.06 34.42 -17.85
CA PRO H 96 -36.59 35.70 -18.35
C PRO H 96 -35.62 36.84 -18.22
N LEU H 97 -34.81 36.87 -17.15
CA LEU H 97 -33.81 37.92 -17.02
C LEU H 97 -32.76 37.81 -18.11
N LEU H 98 -32.39 36.59 -18.50
CA LEU H 98 -31.46 36.42 -19.60
C LEU H 98 -32.08 36.88 -20.92
N PHE H 99 -33.36 36.60 -21.10
CA PHE H 99 -34.08 37.10 -22.28
C PHE H 99 -34.00 38.62 -22.32
N TYR H 100 -34.30 39.28 -21.20
CA TYR H 100 -34.22 40.74 -21.15
C TYR H 100 -32.81 41.22 -21.43
N HIS H 101 -31.80 40.52 -20.90
CA HIS H 101 -30.42 40.91 -21.14
C HIS H 101 -30.09 40.89 -22.63
N PHE H 102 -30.35 39.76 -23.28
CA PHE H 102 -30.08 39.68 -24.71
C PHE H 102 -30.96 40.63 -25.52
N TRP H 103 -32.11 41.03 -24.96
CA TRP H 103 -32.95 42.03 -25.61
C TRP H 103 -32.34 43.42 -25.51
N ARG H 104 -31.60 43.67 -24.43
CA ARG H 104 -31.05 44.99 -24.19
C ARG H 104 -30.11 45.45 -25.30
N TYR H 105 -29.39 44.51 -25.93
CA TYR H 105 -28.44 44.89 -26.97
C TYR H 105 -29.11 45.69 -28.08
N PHE H 106 -30.05 45.06 -28.79
CA PHE H 106 -30.76 45.74 -29.86
C PHE H 106 -32.04 46.42 -29.37
N HIS H 107 -32.14 46.68 -28.06
CA HIS H 107 -33.15 47.58 -27.53
C HIS H 107 -32.57 48.91 -27.07
N CYS H 108 -31.46 48.89 -26.33
CA CYS H 108 -30.80 50.12 -25.90
C CYS H 108 -29.32 50.08 -26.25
N ASN H 124 -27.53 62.41 -19.79
CA ASN H 124 -28.86 62.07 -20.30
C ASN H 124 -29.94 62.89 -19.59
N ALA H 125 -31.11 62.96 -20.20
CA ALA H 125 -32.22 63.74 -19.65
C ALA H 125 -33.56 63.02 -19.65
N ASP H 126 -33.74 61.97 -20.45
CA ASP H 126 -35.03 61.31 -20.55
C ASP H 126 -34.93 59.80 -20.31
N THR H 127 -33.75 59.23 -20.59
CA THR H 127 -33.59 57.78 -20.45
C THR H 127 -33.64 57.36 -18.98
N LEU H 128 -33.23 58.23 -18.07
CA LEU H 128 -33.24 57.87 -16.65
C LEU H 128 -34.63 57.55 -16.15
N SER H 129 -35.65 58.17 -16.74
CA SER H 129 -37.02 57.95 -16.30
C SER H 129 -37.37 56.48 -16.28
N TYR H 130 -36.85 55.71 -17.24
CA TYR H 130 -37.10 54.28 -17.30
C TYR H 130 -36.03 53.48 -16.56
N CYS H 131 -34.77 53.91 -16.66
CA CYS H 131 -33.69 53.21 -15.97
C CYS H 131 -33.95 53.14 -14.47
N GLN H 132 -34.61 54.15 -13.91
CA GLN H 132 -34.92 54.14 -12.48
C GLN H 132 -35.77 52.93 -12.11
N LYS H 133 -36.96 52.83 -12.70
CA LYS H 133 -37.83 51.71 -12.44
C LYS H 133 -37.17 50.39 -12.82
N GLU H 134 -36.35 50.40 -13.87
CA GLU H 134 -35.65 49.18 -14.28
C GLU H 134 -34.77 48.67 -13.14
N ALA H 135 -33.91 49.55 -12.62
CA ALA H 135 -33.03 49.15 -11.52
C ALA H 135 -33.82 48.77 -10.29
N TRP H 136 -34.93 49.47 -10.03
CA TRP H 136 -35.73 49.14 -8.85
C TRP H 136 -36.29 47.73 -8.95
N CYS H 137 -36.97 47.43 -10.06
CA CYS H 137 -37.54 46.11 -10.25
C CYS H 137 -36.46 45.04 -10.26
N LYS H 138 -35.30 45.35 -10.83
CA LYS H 138 -34.22 44.37 -10.88
C LYS H 138 -33.68 44.09 -9.49
N LEU H 139 -33.56 45.12 -8.66
CA LEU H 139 -33.15 44.91 -7.27
C LEU H 139 -34.16 44.07 -6.52
N ALA H 140 -35.45 44.34 -6.72
CA ALA H 140 -36.47 43.53 -6.09
C ALA H 140 -36.35 42.07 -6.51
N PHE H 141 -36.16 41.84 -7.82
CA PHE H 141 -36.00 40.50 -8.32
C PHE H 141 -34.80 39.80 -7.70
N TYR H 142 -33.67 40.51 -7.60
CA TYR H 142 -32.47 39.90 -7.06
C TYR H 142 -32.62 39.59 -5.58
N LEU H 143 -33.31 40.45 -4.84
CA LEU H 143 -33.54 40.20 -3.42
C LEU H 143 -34.46 38.99 -3.22
N LEU H 144 -35.55 38.95 -3.97
CA LEU H 144 -36.44 37.79 -3.94
C LEU H 144 -35.67 36.52 -4.29
N SER H 145 -34.80 36.59 -5.29
CA SER H 145 -34.03 35.43 -5.70
C SER H 145 -33.05 35.01 -4.61
N PHE H 146 -32.45 35.98 -3.92
CA PHE H 146 -31.58 35.66 -2.80
C PHE H 146 -32.34 34.88 -1.74
N PHE H 147 -33.51 35.39 -1.33
CA PHE H 147 -34.30 34.69 -0.33
C PHE H 147 -34.67 33.29 -0.81
N TYR H 148 -35.10 33.17 -2.06
CA TYR H 148 -35.52 31.87 -2.58
C TYR H 148 -34.34 30.90 -2.63
N TYR H 149 -33.16 31.39 -3.00
CA TYR H 149 -32.00 30.52 -3.07
C TYR H 149 -31.59 30.04 -1.69
N LEU H 150 -31.65 30.93 -0.69
CA LEU H 150 -31.34 30.52 0.66
C LEU H 150 -32.34 29.48 1.15
N TYR H 151 -33.63 29.68 0.86
CA TYR H 151 -34.65 28.71 1.26
C TYR H 151 -34.41 27.36 0.59
N CYS H 152 -34.07 27.38 -0.70
CA CYS H 152 -33.78 26.14 -1.41
C CYS H 152 -32.60 25.41 -0.79
N MET H 153 -31.50 26.14 -0.56
CA MET H 153 -30.34 25.52 0.06
C MET H 153 -30.69 24.96 1.42
N ILE H 154 -31.55 25.64 2.17
CA ILE H 154 -31.92 25.18 3.50
C ILE H 154 -32.68 23.87 3.41
N TYR H 155 -33.84 23.89 2.74
CA TYR H 155 -34.66 22.68 2.70
C TYR H 155 -34.15 21.65 1.71
N THR H 156 -32.96 21.86 1.14
CA THR H 156 -32.28 20.83 0.37
C THR H 156 -31.03 20.29 1.05
N LEU H 157 -30.47 21.02 2.01
CA LEU H 157 -29.26 20.59 2.69
C LEU H 157 -29.54 19.61 3.82
N VAL H 158 -30.81 19.33 4.12
CA VAL H 158 -31.20 18.41 5.17
C VAL H 158 -32.30 17.53 4.61
N SER H 159 -31.97 16.27 4.32
CA SER H 159 -32.93 15.34 3.75
C SER H 159 -32.40 13.91 3.79
C18 OLC I . 15.86 26.22 -1.41
C10 OLC I . 20.02 33.41 -6.87
C9 OLC I . 20.25 34.71 -7.30
C17 OLC I . 16.72 27.17 -2.25
C11 OLC I . 19.69 32.88 -5.48
C8 OLC I . 21.13 35.23 -8.43
C24 OLC I . 23.09 45.08 -4.98
C16 OLC I . 17.25 28.38 -1.43
C12 OLC I . 18.70 31.66 -5.31
C7 OLC I . 21.87 36.62 -8.27
C15 OLC I . 17.08 29.76 -2.13
C13 OLC I . 18.23 31.42 -3.83
C6 OLC I . 20.94 37.87 -8.48
C14 OLC I . 17.87 29.93 -3.48
C5 OLC I . 21.58 39.24 -8.10
C4 OLC I . 20.70 40.16 -7.18
C3 OLC I . 20.15 41.45 -7.87
C2 OLC I . 19.07 42.23 -7.05
C21 OLC I . 20.91 45.65 -6.72
C1 OLC I . 19.60 43.57 -6.44
C22 OLC I . 22.45 45.96 -6.21
O19 OLC I . 19.08 44.06 -5.47
O25 OLC I . 23.71 45.93 -4.06
O23 OLC I . 23.30 46.73 -7.03
O20 OLC I . 20.69 44.25 -7.01
H18 OLC I . 15.63 25.43 -1.87
H18A OLC I . 16.34 25.91 -0.66
H18B OLC I . 15.07 26.57 -1.07
H10 OLC I . 20.46 32.77 -7.40
H9 OLC I . 19.50 35.28 -7.14
H17 OLC I . 17.44 26.71 -2.64
H17A OLC I . 16.21 27.51 -2.96
H11 OLC I . 20.50 32.64 -5.06
H11A OLC I . 19.33 33.59 -4.99
H8 OLC I . 20.60 35.29 -9.20
H8A OLC I . 21.80 34.59 -8.60
H24 OLC I . 23.72 44.46 -5.33
H24A OLC I . 22.42 44.57 -4.57
H16 OLC I . 16.82 28.40 -0.61
H16A OLC I . 18.15 28.24 -1.23
H12 OLC I . 17.93 31.78 -5.83
H12A OLC I . 19.09 30.88 -5.63
H7 OLC I . 22.27 36.69 -7.44
H7A OLC I . 22.57 36.69 -8.89
H15 OLC I . 16.18 29.91 -2.29
H15A OLC I . 17.34 30.43 -1.54
H13 OLC I . 17.50 31.96 -3.63
H13A OLC I . 18.91 31.70 -3.25
H6 OLC I . 20.14 37.75 -7.99
H6A OLC I . 20.66 37.91 -9.38
H14 OLC I . 18.66 29.42 -3.43
H14A OLC I . 17.38 29.56 -4.18
H5 OLC I . 21.79 39.71 -8.89
H5A OLC I . 22.41 39.09 -7.68
H4 OLC I . 19.98 39.65 -6.85
H4A OLC I . 21.19 40.39 -6.41
H3 OLC I . 19.79 41.22 -8.71
H3A OLC I . 20.87 42.01 -8.07
H2 OLC I . 18.32 42.37 -7.59
H2A OLC I . 18.77 41.67 -6.36
H21 OLC I . 20.31 45.95 -6.07
H21A OLC I . 20.76 46.15 -7.50
H22 OLC I . 22.67 45.21 -6.73
HO25 OLC I . 23.20 46.56 -3.86
HO23 OLC I . 24.00 46.30 -7.24
OAA ZK1 J . 2.56 -27.34 40.32
OAB ZK1 J . 4.72 -27.79 38.50
OAC ZK1 J . 6.32 -25.96 34.60
OAD ZK1 J . 4.04 -25.78 35.53
OAE ZK1 J . 5.35 -27.84 35.85
FAF ZK1 J . 2.61 -19.88 40.67
FAG ZK1 J . 2.85 -19.29 38.54
FAH ZK1 J . 4.58 -19.15 39.94
CAI ZK1 J . 5.33 -22.82 38.03
CAJ ZK1 J . 3.19 -22.38 39.82
CAK ZK1 J . 6.45 -19.28 35.76
CAL ZK1 J . 7.68 -19.08 37.76
CAM ZK1 J . 5.81 -20.55 36.35
CAN ZK1 J . 6.94 -20.25 38.38
CAO ZK1 J . 6.12 -25.66 37.33
NAP ZK1 J . 2.87 -24.93 40.08
OAQ ZK1 J . 6.84 -18.45 36.82
CAR ZK1 J . 4.94 -21.51 38.35
CAS ZK1 J . 3.87 -21.29 39.26
CAT ZK1 J . 3.24 -26.26 39.75
CAU ZK1 J . 4.34 -26.48 38.82
CAV ZK1 J . 3.59 -23.79 39.47
CAW ZK1 J . 4.62 -24.00 38.61
NAX ZK1 J . 5.63 -20.37 37.78
NAY ZK1 J . 5.02 -25.39 38.26
CAZ ZK1 J . 3.47 -19.87 39.62
PBA ZK1 J . 5.43 -26.34 35.75
HAI ZK1 J . 6.04 -22.95 37.42
HAJ ZK1 J . 2.49 -22.24 40.41
HAK ZK1 J . 5.81 -18.83 35.21
HAKA ZK1 J . 7.22 -19.53 35.24
HAL ZK1 J . 7.93 -18.44 38.44
HALA ZK1 J . 8.47 -19.40 37.30
HAM ZK1 J . 4.95 -20.70 35.93
HAMA ZK1 J . 6.40 -21.30 36.17
HAN ZK1 J . 6.84 -20.10 39.34
HANA ZK1 J . 7.45 -21.07 38.24
HAO ZK1 J . 6.70 -26.31 37.73
HAOA ZK1 J . 6.62 -24.86 37.14
HNAP ZK1 J . 2.22 -24.79 40.62
C18 OLC K . 9.05 19.41 -21.52
C10 OLC K . 7.68 26.98 -27.10
C9 OLC K . 7.03 27.49 -28.22
C17 OLC K . 9.12 20.67 -22.40
C11 OLC K . 8.59 25.77 -26.97
C8 OLC K . 6.78 28.92 -28.64
C24 OLC K . 11.93 37.38 -32.21
C16 OLC K . 10.43 20.74 -23.24
C12 OLC K . 9.02 25.26 -25.53
C7 OLC K . 7.67 29.60 -29.76
C15 OLC K . 10.78 22.16 -23.79
C13 OLC K . 9.76 23.88 -25.53
C6 OLC K . 7.35 31.12 -30.02
C14 OLC K . 9.56 23.02 -24.24
C5 OLC K . 8.58 31.99 -30.46
C4 OLC K . 9.47 32.49 -29.29
C3 OLC K . 9.28 34.00 -28.95
C2 OLC K . 10.40 34.96 -29.50
C21 OLC K . 10.04 38.54 -30.78
C1 OLC K . 9.98 36.46 -29.48
C22 OLC K . 11.39 38.79 -31.63
O19 OLC K . 9.91 37.07 -28.44
O25 OLC K . 13.03 37.61 -33.05
O23 OLC K . 11.11 39.63 -32.70
O20 OLC K . 9.68 37.15 -30.66
H18 OLC K . 8.23 19.32 -21.08
H18A OLC K . 9.10 18.62 -22.05
H18B OLC K . 9.73 19.31 -20.89
H10 OLC K . 7.21 27.16 -26.30
H9 OLC K . 7.08 26.90 -28.97
H17 OLC K . 8.38 20.71 -22.97
H17A OLC K . 9.09 21.43 -21.86
H11 OLC K . 8.20 25.05 -27.40
H11A OLC K . 9.38 25.97 -27.42
H8 OLC K . 6.87 29.45 -27.87
H8A OLC K . 5.89 29.01 -28.91
H24 OLC K . 11.23 36.94 -32.66
H24A OLC K . 12.18 36.82 -31.49
H16 OLC K . 11.15 20.43 -22.71
H16A OLC K . 10.37 20.13 -23.94
H12 OLC K . 9.58 25.89 -25.11
H12A OLC K . 8.27 25.19 -24.98
H7 OLC K . 8.58 29.52 -29.55
H7A OLC K . 7.57 29.14 -30.57
H15 OLC K . 11.27 22.63 -23.15
H15A OLC K . 11.36 22.07 -24.51
H13 OLC K . 10.68 24.01 -25.65
H13A OLC K . 9.48 23.38 -26.26
H6 OLC K . 6.96 31.50 -29.25
H6A OLC K . 6.68 31.19 -30.68
H14 OLC K . 8.83 22.45 -24.37
H14A OLC K . 9.30 23.57 -23.52
H5 OLC K . 8.27 32.72 -30.96
H5A OLC K . 9.09 31.50 -31.08
H4 OLC K . 9.30 31.97 -28.53
H4A OLC K . 10.37 32.33 -29.51
H3 OLC K . 9.25 34.10 -28.01
H3A OLC K . 8.45 34.28 -29.25
H2 OLC K . 11.19 34.82 -29.01
H2A OLC K . 10.60 34.68 -30.37
H21 OLC K . 10.14 38.93 -29.94
H21A OLC K . 9.34 38.99 -31.21
H22 OLC K . 12.05 39.13 -31.06
HO25 OLC K . 12.82 37.48 -33.84
HO23 OLC K . 10.38 39.44 -33.04
OAA ZK1 L . 20.25 -44.54 -10.69
OAB ZK1 L . 22.42 -43.41 -12.16
OAC ZK1 L . 23.08 -38.09 -12.20
OAD ZK1 L . 23.31 -39.63 -14.10
OAE ZK1 L . 21.20 -39.54 -12.83
FAF ZK1 L . 19.07 -39.03 -5.74
FAG ZK1 L . 18.66 -37.41 -7.20
FAH ZK1 L . 20.56 -37.38 -6.04
CAI ZK1 L . 22.02 -39.19 -9.48
CAJ ZK1 L . 19.87 -40.30 -8.02
CAK ZK1 L . 22.13 -34.84 -9.00
CAL ZK1 L . 23.70 -35.69 -7.49
CAM ZK1 L . 21.86 -36.29 -9.38
CAN ZK1 L . 23.16 -37.12 -7.59
CAO ZK1 L . 23.34 -40.77 -11.60
NAP ZK1 L . 20.06 -42.48 -9.39
OAQ ZK1 L . 22.65 -34.78 -7.70
CAR ZK1 L . 21.39 -38.44 -8.47
CAS ZK1 L . 20.31 -39.00 -7.74
CAT ZK1 L . 20.69 -43.24 -10.41
CAU ZK1 L . 21.80 -42.67 -11.16
CAV ZK1 L . 20.53 -41.10 -9.10
CAW ZK1 L . 21.56 -40.57 -9.79
NAX ZK1 L . 21.84 -37.09 -8.17
NAY ZK1 L . 22.24 -41.36 -10.86
CAZ ZK1 L . 19.63 -38.18 -6.65
PBA ZK1 L . 22.70 -39.44 -12.74
HAI ZK1 L . 22.73 -38.81 -9.95
HAJ ZK1 L . 19.16 -40.66 -7.53
HAK ZK1 L . 21.30 -34.34 -9.02
HAKA ZK1 L . 22.77 -34.45 -9.62
HAL ZK1 L . 24.09 -35.55 -6.62
HALA ZK1 L . 24.38 -35.57 -8.17
HAM ZK1 L . 21.01 -36.36 -9.84
HAMA ZK1 L . 22.59 -36.60 -9.96
HAN ZK1 L . 23.13 -37.51 -6.71
HANA ZK1 L . 23.76 -37.64 -8.15
HAO ZK1 L . 23.79 -41.44 -12.12
HAOA ZK1 L . 23.97 -40.38 -10.97
HNAP ZK1 L . 19.41 -42.82 -8.95
C1 CLR M . 15.02 24.07 17.73
C2 CLR M . 15.23 22.79 18.54
C3 CLR M . 16.23 21.87 17.84
C4 CLR M . 17.55 22.66 17.67
C5 CLR M . 17.42 24.04 17.04
C6 CLR M . 18.20 24.35 15.97
C7 CLR M . 18.20 25.67 15.27
C8 CLR M . 17.30 26.72 15.92
C9 CLR M . 15.97 26.02 16.44
C10 CLR M . 16.31 24.94 17.52
C11 CLR M . 14.91 27.07 16.81
C12 CLR M . 14.73 28.24 15.80
C13 CLR M . 16.05 28.95 15.54
C14 CLR M . 16.98 27.88 14.94
C15 CLR M . 18.12 28.73 14.38
C16 CLR M . 17.46 30.06 13.91
C17 CLR M . 16.02 30.11 14.48
C18 CLR M . 16.62 29.50 16.84
C19 CLR M . 16.61 25.71 18.81
C20 CLR M . 15.58 31.53 15.00
C21 CLR M . 14.22 31.49 15.68
C22 CLR M . 15.60 32.64 13.94
C23 CLR M . 15.90 34.07 14.49
C24 CLR M . 16.44 35.06 13.45
C25 CLR M . 16.84 36.45 14.00
C26 CLR M . 15.66 37.09 14.72
C27 CLR M . 17.32 37.41 12.90
O1 CLR M . 16.43 20.74 18.64
H11 CLR M . 14.63 23.84 16.88
H12 CLR M . 14.32 24.57 18.14
H21 CLR M . 15.54 22.98 19.43
H22 CLR M . 14.39 22.33 18.70
H3 CLR M . 15.89 21.59 16.98
H41 CLR M . 17.99 22.68 18.53
H42 CLR M . 18.17 22.10 17.16
H6 CLR M . 18.69 23.71 15.50
H71 CLR M . 19.10 26.02 15.17
H72 CLR M . 17.99 25.57 14.33
H8 CLR M . 17.80 27.04 16.67
H9 CLR M . 15.59 25.46 15.75
H111 CLR M . 15.05 27.45 17.68
H112 CLR M . 14.03 26.68 16.91
H121 CLR M . 14.04 28.83 16.09
H122 CLR M . 14.36 27.89 14.98
H14 CLR M . 16.54 27.45 14.19
H151 CLR M . 18.84 28.87 15.01
H152 CLR M . 18.60 28.30 13.65
H161 CLR M . 17.47 30.15 12.95
H162 CLR M . 17.98 30.83 14.18
H17 CLR M . 15.40 29.88 13.77
H181 CLR M . 16.81 28.84 17.52
H182 CLR M . 16.02 30.03 17.37
H183 CLR M . 17.45 29.98 16.71
H191 CLR M . 17.18 25.20 19.41
H192 CLR M . 15.83 25.95 19.31
H193 CLR M . 17.12 26.52 18.66
H20 CLR M . 16.21 31.82 15.67
H211 CLR M . 14.24 31.17 16.59
H212 CLR M . 13.63 30.86 15.25
H213 CLR M . 13.75 32.34 15.68
H221 CLR M . 14.74 32.67 13.49
H222 CLR M . 16.23 32.42 13.24
H231 CLR M . 16.53 34.00 15.23
H232 CLR M . 15.09 34.43 14.87
H241 CLR M . 17.19 34.66 12.97
H242 CLR M . 15.78 35.17 12.76
H25 CLR M . 17.56 36.35 14.64
H261 CLR M . 15.59 36.84 15.65
H262 CLR M . 14.82 36.83 14.33
H263 CLR M . 15.68 38.05 14.69
H271 CLR M . 17.57 38.28 13.23
H272 CLR M . 16.64 37.57 12.22
H273 CLR M . 18.08 37.08 12.40
H1 CLR M . 15.69 20.51 18.98
C1 CLR N . 25.02 11.22 -20.18
C2 CLR N . 24.76 9.90 -19.45
C3 CLR N . 26.06 9.18 -19.09
C4 CLR N . 27.00 10.18 -18.34
C5 CLR N . 27.17 11.53 -18.99
C6 CLR N . 28.41 12.06 -19.18
C7 CLR N . 28.67 13.38 -19.83
C8 CLR N . 27.44 14.28 -19.84
C9 CLR N . 26.21 13.45 -20.38
C10 CLR N . 25.92 12.25 -19.41
C11 CLR N . 25.03 14.37 -20.73
C12 CLR N . 25.41 15.63 -21.55
C13 CLR N . 26.42 16.49 -20.78
C14 CLR N . 27.67 15.59 -20.67
C15 CLR N . 28.72 16.60 -20.22
C16 CLR N . 28.31 17.96 -20.82
C17 CLR N . 26.91 17.80 -21.47
C18 CLR N . 25.88 16.83 -19.39
C19 CLR N . 25.13 12.86 -18.25
C20 CLR N . 25.98 19.08 -21.34
C21 CLR N . 24.52 18.75 -21.62
C22 CLR N . 26.39 20.29 -22.20
C23 CLR N . 27.56 21.14 -21.64
C24 CLR N . 28.52 21.69 -22.71
C25 CLR N . 28.57 23.25 -22.82
C26 CLR N . 27.25 23.79 -23.35
C27 CLR N . 29.71 23.74 -23.72
O1 CLR N . 25.76 8.09 -18.25
H11 CLR N . 25.39 11.02 -21.05
H12 CLR N . 24.16 11.59 -20.43
H21 CLR N . 24.25 10.05 -18.64
H22 CLR N . 24.17 9.32 -19.96
H3 CLR N . 26.49 8.85 -19.88
H41 CLR N . 26.68 10.24 -17.43
H42 CLR N . 27.87 9.75 -18.22
H6 CLR N . 29.18 11.57 -19.05
H71 CLR N . 29.43 13.83 -19.42
H72 CLR N . 29.03 13.27 -20.72
H8 CLR N . 27.31 14.49 -18.91
H9 CLR N . 26.45 12.96 -21.17
H111 CLR N . 24.53 14.64 -19.96
H112 CLR N . 24.36 13.91 -21.26
H121 CLR N . 24.61 16.12 -21.80
H122 CLR N . 25.76 15.36 -22.40
H14 CLR N . 27.94 15.28 -21.55
H151 CLR N . 28.82 16.63 -19.26
H152 CLR N . 29.62 16.36 -20.50
H161 CLR N . 28.95 18.30 -21.46
H162 CLR N . 28.32 18.66 -20.16
H17 CLR N . 27.02 17.65 -22.43
H181 CLR N . 25.91 16.12 -18.75
H182 CLR N . 24.94 17.01 -19.34
H183 CLR N . 26.38 17.56 -18.99
H191 CLR N . 25.24 12.35 -17.43
H192 CLR N . 24.18 12.91 -18.41
H193 CLR N . 25.45 13.74 -18.01
H20 CLR N . 26.04 19.38 -20.43
H211 CLR N . 24.10 18.18 -20.95
H212 CLR N . 24.41 18.25 -22.43
H213 CLR N . 23.96 19.54 -21.71
H221 CLR N . 25.62 20.87 -22.31
H222 CLR N . 26.59 19.99 -23.10
H231 CLR N . 28.06 20.63 -21.00
H232 CLR N . 27.20 21.89 -21.15
H241 CLR N . 29.42 21.35 -22.55
H242 CLR N . 28.29 21.33 -23.57
H25 CLR N . 28.71 23.63 -21.93
H261 CLR N . 26.54 23.83 -22.70
H262 CLR N . 26.89 23.24 -24.07
H263 CLR N . 27.32 24.69 -23.71
H271 CLR N . 29.76 24.71 -23.78
H272 CLR N . 29.63 23.43 -24.63
H273 CLR N . 30.58 23.44 -23.44
H1 CLR N . 26.35 7.49 -18.37
C18 OLC O . -11.55 23.49 -16.03
C10 OLC O . -14.24 33.06 -16.43
C9 OLC O . -14.24 34.36 -16.90
C17 OLC O . -12.20 24.89 -16.00
C11 OLC O . -14.07 31.74 -17.17
C8 OLC O . -14.97 35.59 -16.39
C24 OLC O . -15.55 41.35 -25.29
C16 OLC O . -12.58 25.39 -17.42
C12 OLC O . -13.28 30.54 -16.50
C7 OLC O . -15.49 36.69 -17.41
C15 OLC O . -12.16 26.87 -17.71
C13 OLC O . -12.95 29.36 -17.48
C6 OLC O . -14.36 37.63 -17.97
C14 OLC O . -12.84 27.94 -16.82
C5 OLC O . -14.80 38.55 -19.15
C4 OLC O . -13.84 38.56 -20.39
C3 OLC O . -13.06 39.89 -20.61
C2 OLC O . -11.91 39.81 -21.67
C21 OLC O . -13.21 42.53 -24.16
C1 OLC O . -12.26 40.57 -23.01
C22 OLC O . -14.71 42.69 -24.83
O19 OLC O . -11.72 40.25 -24.05
O25 OLC O . -16.06 41.54 -26.58
O23 OLC O . -15.39 43.93 -24.71
O20 OLC O . -13.19 41.59 -23.04
H18 OLC O . -11.42 23.14 -15.16
H18A OLC O . -12.10 22.86 -16.45
H18B OLC O . -10.72 23.44 -16.47
H10 OLC O . -14.75 32.96 -15.64
H9 OLC O . -13.44 34.58 -17.35
H17 OLC O . -12.96 24.88 -15.46
H17A OLC O . -11.61 25.51 -15.63
H11 OLC O . -14.92 31.42 -17.40
H11A OLC O . -13.62 31.93 -17.97
H8 OLC O . -14.40 36.02 -15.79
H8A OLC O . -15.72 35.30 -15.90
H24 OLC O . -16.24 41.19 -24.67
H24A OLC O . -14.98 40.61 -25.27
H16 OLC O . -12.18 24.83 -18.05
H16A OLC O . -13.50 25.30 -17.55
H12 OLC O . -12.48 30.85 -16.12
H12A OLC O . -13.79 30.19 -15.78
H7 OLC O . -15.92 36.28 -18.14
H7A OLC O . -16.14 37.22 -17.00
H15 OLC O . -11.23 26.93 -17.64
H15A OLC O . -12.34 27.06 -18.62
H13 OLC O . -12.15 29.55 -17.93
H13A OLC O . -13.60 29.33 -18.15
H6 OLC O . -13.62 37.12 -18.23
H6A OLC O . -14.05 38.17 -17.27
H14 OLC O . -13.69 27.65 -16.58
H14A OLC O . -12.37 28.01 -16.01
H5 OLC O . -14.89 39.42 -18.84
H5A OLC O . -15.67 38.30 -19.44
H4 OLC O . -13.22 37.86 -20.29
H4A OLC O . -14.33 38.34 -21.16
H3 OLC O . -12.70 40.17 -19.80
H3A OLC O . -13.67 40.56 -20.85
H2 OLC O . -11.13 40.14 -21.29
H2A OLC O . -11.75 38.91 -21.85
H21 OLC O . -12.60 42.27 -24.81
H21A OLC O . -12.95 43.37 -23.84
H22 OLC O . -15.02 42.46 -23.98
HO25 OLC O . -15.46 41.79 -27.10
HO23 OLC O . -16.13 43.83 -24.33
OAA ZK1 P . -8.91 -45.62 -14.93
OAB ZK1 P . -10.99 -44.51 -13.32
OAC ZK1 P . -11.88 -40.51 -11.42
OAD ZK1 P . -11.85 -42.97 -11.23
OAE ZK1 P . -9.85 -41.77 -12.03
FAF ZK1 P . -7.83 -40.09 -19.81
FAG ZK1 P . -7.85 -38.28 -18.52
FAH ZK1 P . -9.61 -38.76 -19.78
CAI ZK1 P . -10.80 -40.28 -16.04
CAJ ZK1 P . -8.74 -41.40 -17.63
CAK ZK1 P . -11.23 -36.00 -16.51
CAL ZK1 P . -12.54 -36.86 -18.24
CAM ZK1 P . -10.83 -37.42 -16.15
CAN ZK1 P . -12.02 -38.27 -17.99
CAO ZK1 P . -11.96 -41.92 -13.78
NAP ZK1 P . -8.82 -43.56 -16.24
OAQ ZK1 P . -11.55 -35.93 -17.86
CAR ZK1 P . -10.24 -39.54 -17.09
CAS ZK1 P . -9.21 -40.10 -17.89
CAT ZK1 P . -9.37 -44.33 -15.18
CAU ZK1 P . -10.43 -43.76 -14.37
CAV ZK1 P . -9.34 -42.19 -16.50
CAW ZK1 P . -10.32 -41.67 -15.74
NAX ZK1 P . -10.72 -38.19 -17.38
NAY ZK1 P . -10.91 -42.46 -14.62
CAZ ZK1 P . -8.61 -39.28 -19.03
PBA ZK1 P . -11.35 -41.78 -12.03
HAI ZK1 P . -11.48 -39.90 -15.52
HAJ ZK1 P . -8.07 -41.76 -18.14
HAK ZK1 P . -10.49 -35.40 -16.32
HAKA ZK1 P . -12.00 -35.74 -15.97
HAL ZK1 P . -12.73 -36.75 -19.19
HALA ZK1 P . -13.34 -36.71 -17.73
HAM ZK1 P . -9.97 -37.42 -15.69
HAMA ZK1 P . -11.50 -37.81 -15.58
HAN ZK1 P . -11.96 -38.75 -18.83
HANA ZK1 P . -12.64 -38.73 -17.39
HAO ZK1 P . -12.72 -42.53 -13.80
HAOA ZK1 P . -12.25 -41.05 -14.09
HNAP ZK1 P . -8.20 -43.89 -16.73
C18 OLC Q . -4.81 29.66 4.35
C10 OLC Q . -1.95 38.72 4.10
C9 OLC Q . -1.17 39.70 4.70
C17 OLC Q . -4.63 31.18 4.25
C11 OLC Q . -3.06 37.85 4.69
C8 OLC Q . -0.69 41.04 4.14
C24 OLC Q . -4.26 50.56 1.49
C16 OLC Q . -5.87 31.96 4.80
C12 OLC Q . -3.64 36.64 3.86
C7 OLC Q . -1.39 42.39 4.57
C15 OLC Q . -5.96 33.45 4.34
C13 OLC Q . -4.59 35.68 4.69
C6 OLC Q . -0.83 43.67 3.85
C14 OLC Q . -4.59 34.20 4.22
C5 OLC Q . -1.88 44.80 3.60
C4 OLC Q . -2.76 44.61 2.33
C3 OLC Q . -2.37 45.53 1.13
C2 OLC Q . -3.30 46.78 0.93
C21 OLC Q . -2.32 50.29 -0.27
C1 OLC Q . -2.66 47.87 0.00
C22 OLC Q . -3.56 51.21 0.20
O19 OLC Q . -2.56 47.69 -1.19
O25 OLC Q . -5.27 51.43 1.96
O23 OLC Q . -3.09 52.48 0.51
O20 OLC Q . -2.18 49.07 0.51
H18 OLC Q . -4.04 29.19 4.09
H18A OLC Q . -4.94 29.39 5.24
H18B OLC Q . -5.54 29.30 3.87
H10 OLC Q . -1.52 38.29 3.38
H9 OLC Q . -1.27 39.72 5.64
H17 OLC Q . -3.86 31.44 4.70
H17A OLC Q . -4.52 31.43 3.36
H11 OLC Q . -2.75 37.49 5.51
H11A OLC Q . -3.78 38.41 4.90
H8 OLC Q . -0.74 40.97 3.20
H8A OLC Q . 0.23 41.12 4.34
H24 OLC Q . -3.63 50.40 2.15
H24A OLC Q . -4.63 49.73 1.26
H16 OLC Q . -6.64 31.51 4.55
H16A OLC Q . -5.86 31.92 5.74
H12 OLC Q . -4.13 36.95 3.13
H12A OLC Q . -2.95 36.12 3.51
H7 OLC Q . -2.31 42.34 4.41
H7A OLC Q . -1.30 42.51 5.49
H15 OLC Q . -6.42 33.49 3.52
H15A OLC Q . -6.50 33.92 4.94
H13 OLC Q . -5.47 36.01 4.67
H13A OLC Q . -4.34 35.71 5.58
H6 OLC Q . -0.45 43.42 3.02
H6A OLC Q . -0.11 44.01 4.35
H14 OLC Q . -3.95 33.71 4.70
H14A OLC Q . -4.30 34.15 3.33
H5 OLC Q . -1.43 45.62 3.55
H5A OLC Q . -2.43 44.88 4.36
H4 OLC Q . -2.72 43.72 2.06
H4A OLC Q . -3.67 44.76 2.55
H3 OLC Q . -2.39 45.02 0.34
H3A OLC Q . -1.48 45.80 1.24
H2 OLC Q . -4.13 46.50 0.60
H2A OLC Q . -3.48 47.15 1.77
H21 OLC Q . -2.41 50.07 -1.17
H21A OLC Q . -1.53 50.79 -0.17
H22 OLC Q . -4.20 51.22 -0.49
HO25 OLC Q . -5.03 51.78 2.68
HO23 OLC Q . -2.37 52.43 0.92
OAA ZK1 R . -26.21 -24.59 34.85
OAB ZK1 R . -28.05 -22.45 35.22
OAC ZK1 R . -27.17 -18.49 32.05
OAD ZK1 R . -28.56 -18.02 34.04
OAE ZK1 R . -26.46 -19.30 34.27
FAF ZK1 R . -24.52 -23.63 27.61
FAG ZK1 R . -23.83 -21.52 27.71
FAH ZK1 R . -25.77 -22.00 26.74
CAI ZK1 R . -27.20 -20.94 30.50
CAJ ZK1 R . -25.37 -23.06 30.14
CAK ZK1 R . -26.82 -17.89 27.41
CAL ZK1 R . -28.44 -19.36 26.59
CAM ZK1 R . -26.48 -18.82 28.56
CAN ZK1 R . -28.21 -20.24 27.81
CAO ZK1 R . -28.59 -20.61 33.10
NAP ZK1 R . -25.80 -23.86 32.56
OAQ ZK1 R . -27.27 -18.64 26.32
CAR ZK1 R . -26.55 -21.10 29.27
CAS ZK1 R . -25.62 -22.16 29.09
CAT ZK1 R . -26.46 -23.70 33.80
CAU ZK1 R . -27.40 -22.60 34.00
CAV ZK1 R . -26.07 -22.90 31.46
CAW ZK1 R . -26.94 -21.89 31.64
NAX ZK1 R . -26.80 -20.18 28.18
NAY ZK1 R . -27.65 -21.71 32.93
CAZ ZK1 R . -24.92 -22.33 27.75
PBA ZK1 R . -27.65 -19.03 33.38
HAI ZK1 R . -27.81 -20.24 30.62
HAJ ZK1 R . -24.76 -23.76 30.01
HAK ZK1 R . -26.03 -17.40 27.15
HAKA ZK1 R . -27.52 -17.27 27.68
HAL ZK1 R . -28.66 -19.92 25.83
HALA ZK1 R . -29.16 -18.74 26.78
HAM ZK1 R . -25.53 -18.76 28.77
HAMA ZK1 R . -27.00 -18.56 29.34
HAN ZK1 R . -28.45 -21.16 27.61
HANA ZK1 R . -28.76 -19.92 28.55
HAO ZK1 R . -29.15 -20.78 33.87
HAOA ZK1 R . -29.14 -20.52 32.30
HNAP ZK1 R . -25.24 -24.50 32.45
C1 CLR S . -12.10 9.92 -29.56
C2 CLR S . -12.53 8.46 -29.42
C3 CLR S . -13.63 8.34 -28.37
C4 CLR S . -14.81 9.27 -28.80
C5 CLR S . -14.42 10.69 -29.14
C6 CLR S . -15.09 11.72 -28.54
C7 CLR S . -14.85 13.16 -28.80
C8 CLR S . -13.82 13.43 -29.89
C9 CLR S . -12.64 12.38 -29.80
C10 CLR S . -13.21 10.92 -30.01
C11 CLR S . -11.45 12.79 -30.69
C12 CLR S . -11.04 14.28 -30.60
C13 CLR S . -12.22 15.21 -30.90
C14 CLR S . -13.27 14.89 -29.82
C15 CLR S . -14.23 16.07 -29.97
C16 CLR S . -13.34 17.27 -30.38
C17 CLR S . -11.95 16.75 -30.78
C18 CLR S . -12.76 14.91 -32.30
C19 CLR S . -13.46 10.78 -31.51
C20 CLR S . -11.32 17.44 -32.04
C21 CLR S . -10.02 16.79 -32.47
C22 CLR S . -11.11 18.97 -31.90
C23 CLR S . -11.21 19.77 -33.21
C24 CLR S . -11.53 21.27 -33.03
C25 CLR S . -11.73 22.07 -34.34
C26 CLR S . -10.50 21.93 -35.23
C27 CLR S . -11.99 23.56 -34.10
O1 CLR S . -14.06 7.01 -28.31
H11 CLR S . -11.68 10.20 -28.74
H12 CLR S . -11.33 9.94 -30.16
H21 CLR S . -12.85 8.11 -30.26
H22 CLR S . -11.78 7.88 -29.22
H3 CLR S . -13.29 8.60 -27.51
H41 CLR S . -15.28 8.81 -29.52
H42 CLR S . -15.47 9.24 -28.09
H6 CLR S . -15.65 11.58 -27.80
H71 CLR S . -15.67 13.64 -28.98
H72 CLR S . -14.60 13.63 -27.98
H8 CLR S . -14.30 13.30 -30.71
H9 CLR S . -12.33 12.29 -28.89
H111 CLR S . -11.58 12.56 -31.62
H112 CLR S . -10.66 12.28 -30.47
H121 CLR S . -10.28 14.46 -31.16
H122 CLR S . -10.68 14.46 -29.72
H14 CLR S . -12.87 14.95 -28.95
H151 CLR S . -14.95 15.90 -30.60
H152 CLR S . -14.73 16.26 -29.16
H161 CLR S . -13.28 17.95 -29.68
H162 CLR S . -13.75 17.79 -31.10
H17 CLR S . -11.33 16.90 -30.05
H181 CLR S . -13.09 14.01 -32.44
H182 CLR S . -12.11 14.91 -33.01
H183 CLR S . -13.50 15.49 -32.53
H191 CLR S . -14.13 10.11 -31.71
H192 CLR S . -12.66 10.51 -32.01
H193 CLR S . -13.81 11.58 -31.93
H20 CLR S . -11.93 17.35 -32.78
H211 CLR S . -10.14 15.98 -32.99
H212 CLR S . -9.51 16.48 -31.71
H213 CLR S . -9.43 17.37 -32.96
H221 CLR S . -10.24 19.12 -31.51
H222 CLR S . -11.73 19.32 -31.24
H231 CLR S . -11.88 19.37 -33.79
H232 CLR S . -10.37 19.69 -33.69
H241 CLR S . -12.31 21.37 -32.46
H242 CLR S . -10.81 21.67 -32.52
H25 CLR S . -12.49 21.71 -34.83
H261 CLR S . -10.53 21.16 -35.83
H262 CLR S . -9.69 21.83 -34.73
H263 CLR S . -10.37 22.69 -35.82
H271 CLR S . -12.10 24.07 -34.91
H272 CLR S . -11.28 24.00 -33.62
H273 CLR S . -12.78 23.72 -33.56
H1 CLR S . -13.38 6.51 -28.42
C1 CLR T . -21.97 24.99 7.62
C2 CLR T . -21.94 23.48 7.87
C3 CLR T . -23.35 22.89 7.94
C4 CLR T . -24.16 23.34 6.69
C5 CLR T . -24.08 24.80 6.36
C6 CLR T . -25.22 25.51 6.09
C7 CLR T . -25.26 26.97 5.78
C8 CLR T . -23.90 27.50 5.32
C9 CLR T . -22.79 27.01 6.33
C10 CLR T . -22.72 25.44 6.33
C11 CLR T . -21.46 27.78 6.12
C12 CLR T . -21.61 29.30 5.96
C13 CLR T . -22.50 29.64 4.78
C14 CLR T . -23.89 29.05 5.15
C15 CLR T . -24.79 29.72 4.11
C16 CLR T . -24.14 31.08 3.79
C17 CLR T . -22.77 31.16 4.48
C18 CLR T . -21.99 28.97 3.51
C19 CLR T . -21.90 25.08 5.09
C20 CLR T . -21.65 31.92 3.66
C21 CLR T . -20.25 31.63 4.16
C22 CLR T . -21.84 33.46 3.55
C23 CLR T . -22.89 33.94 2.52
C24 CLR T . -23.72 35.17 2.95
C25 CLR T . -23.52 36.44 2.08
C26 CLR T . -22.10 37.00 2.26
C27 CLR T . -24.53 37.55 2.42
O1 CLR T . -23.26 21.48 7.98
H11 CLR T . -22.32 25.42 8.41
H12 CLR T . -21.05 25.31 7.64
H21 CLR T . -21.44 23.02 7.18
H22 CLR T . -21.42 23.26 8.67
H3 CLR T . -23.79 23.19 8.76
H41 CLR T . -23.87 22.77 5.96
H42 CLR T . -25.06 23.05 6.80
H6 CLR T . -26.06 25.17 6.25
H71 CLR T . -25.94 27.19 5.14
H72 CLR T . -25.59 27.49 6.53
H8 CLR T . -23.76 27.07 4.47
H9 CLR T . -23.07 27.15 7.25
H111 CLR T . -20.96 27.43 5.38
H112 CLR T . -20.86 27.63 6.86
H121 CLR T . -20.75 29.73 5.91
H122 CLR T . -21.97 29.67 6.79
H14 CLR T . -24.16 29.40 6.01
H151 CLR T . -24.92 29.16 3.33
H152 CLR T . -25.70 29.83 4.42
H161 CLR T . -24.71 31.83 4.03
H162 CLR T . -24.07 31.21 2.83
H17 CLR T . -22.87 31.64 5.32
H181 CLR T . -22.15 28.02 3.43
H182 CLR T . -21.03 28.93 3.42
H183 CLR T . -22.37 29.36 2.71
H191 CLR T . -22.13 24.21 4.75
H192 CLR T . -20.95 25.07 5.24
H193 CLR T . -22.07 25.68 4.34
H20 CLR T . -21.70 31.61 2.74
H211 CLR T . -19.96 30.72 4.03
H212 CLR T . -20.18 31.74 5.12
H213 CLR T . -19.57 32.20 3.78
H221 CLR T . -20.99 33.85 3.33
H222 CLR T . -22.05 33.81 4.43
H231 CLR T . -23.48 33.22 2.29
H232 CLR T . -22.43 34.16 1.70
H241 CLR T . -24.65 34.93 2.99
H242 CLR T . -23.50 35.38 3.88
H25 CLR T . -23.63 36.22 1.15
H261 CLR T . -21.42 36.51 1.77
H262 CLR T . -21.80 36.97 3.18
H263 CLR T . -22.02 37.92 1.98
H271 CLR T . -24.44 38.33 1.86
H272 CLR T . -24.46 37.87 3.33
H273 CLR T . -25.45 37.26 2.33
H1 CLR T . -23.91 21.18 8.42
#